data_4JC2
#
_entry.id   4JC2
#
_cell.length_a   76.067
_cell.length_b   127.707
_cell.length_c   158.803
_cell.angle_alpha   90.00
_cell.angle_beta   90.00
_cell.angle_gamma   90.00
#
_symmetry.space_group_name_H-M   'P 21 21 21'
#
loop_
_entity.id
_entity.type
_entity.pdbx_description
1 polymer asFP504
2 water water
#
_entity_poly.entity_id   1
_entity_poly.type   'polypeptide(L)'
_entity_poly.pdbx_seq_one_letter_code
;MSVIKQEMKIKLHMEGNVNGHAFVIEGDGKGKPYDGTQTLNLTVKEGAPLPFSYDILTAAF(CRQ)NRAFTRYPADIPDY
FKQTFPEGYSWERTMSYEDNAICNVRSEISMEGDCFTYKIRFDGKNFPPNGPVMQKKTLKWEPSTEKMYVRDGFLMGDVN
MALLLDGGGHHRCDFKTSYKAKKVVQLPDYHFVDHRNEILSHDRDYSKVKLYENAVARYSLLPSQA
;
_entity_poly.pdbx_strand_id   A,B,C,D,E,F
#
# COMPACT_ATOMS: atom_id res chain seq x y z
N SER A 2 -17.20 -29.94 -6.92
CA SER A 2 -16.17 -28.91 -6.62
C SER A 2 -15.74 -28.13 -7.88
N VAL A 3 -16.61 -27.22 -8.29
CA VAL A 3 -16.14 -26.07 -9.09
C VAL A 3 -15.84 -24.93 -8.08
N ILE A 4 -16.74 -24.67 -7.14
CA ILE A 4 -16.44 -23.81 -6.01
C ILE A 4 -15.62 -24.63 -5.00
N LYS A 5 -14.37 -24.22 -4.77
CA LYS A 5 -13.48 -24.93 -3.84
C LYS A 5 -13.70 -24.48 -2.39
N GLN A 6 -13.22 -25.33 -1.51
CA GLN A 6 -13.14 -25.08 -0.10
C GLN A 6 -12.67 -23.69 0.21
N GLU A 7 -11.63 -23.28 -0.50
CA GLU A 7 -11.07 -21.97 -0.36
C GLU A 7 -11.00 -21.28 -1.71
N MET A 8 -11.53 -20.06 -1.77
CA MET A 8 -11.54 -19.28 -3.01
C MET A 8 -10.93 -17.92 -2.74
N LYS A 9 -10.15 -17.41 -3.67
CA LYS A 9 -9.64 -16.06 -3.57
C LYS A 9 -10.60 -15.11 -4.25
N ILE A 10 -10.38 -13.82 -3.97
CA ILE A 10 -11.19 -12.72 -4.50
C ILE A 10 -10.32 -11.61 -5.00
N LYS A 11 -10.69 -11.02 -6.14
CA LYS A 11 -10.15 -9.77 -6.64
C LYS A 11 -11.30 -8.86 -7.01
N LEU A 12 -11.15 -7.55 -6.80
CA LEU A 12 -12.23 -6.66 -7.12
C LEU A 12 -11.78 -5.27 -7.47
N HIS A 13 -12.54 -4.65 -8.36
CA HIS A 13 -12.31 -3.27 -8.76
C HIS A 13 -13.63 -2.55 -8.59
N MET A 14 -13.64 -1.50 -7.79
CA MET A 14 -14.79 -0.60 -7.62
C MET A 14 -14.51 0.83 -8.12
N GLU A 15 -15.41 1.33 -8.95
CA GLU A 15 -15.45 2.70 -9.37
C GLU A 15 -16.65 3.31 -8.67
N GLY A 16 -16.46 4.49 -8.11
CA GLY A 16 -17.46 5.11 -7.26
C GLY A 16 -17.54 6.62 -7.31
N ASN A 17 -18.64 7.15 -6.81
CA ASN A 17 -18.87 8.59 -6.70
C ASN A 17 -19.94 8.75 -5.63
N VAL A 18 -19.59 9.42 -4.52
CA VAL A 18 -20.56 9.71 -3.44
C VAL A 18 -20.66 11.24 -3.27
N ASN A 19 -21.85 11.80 -3.45
CA ASN A 19 -22.08 13.25 -3.38
C ASN A 19 -21.07 14.08 -4.16
N GLY A 20 -20.72 13.67 -5.38
CA GLY A 20 -19.74 14.41 -6.18
C GLY A 20 -18.29 13.91 -6.08
N HIS A 21 -17.96 13.11 -5.08
CA HIS A 21 -16.61 12.67 -4.87
C HIS A 21 -16.36 11.30 -5.53
N ALA A 22 -15.47 11.32 -6.51
CA ALA A 22 -15.03 10.17 -7.27
C ALA A 22 -13.97 9.40 -6.48
N PHE A 23 -13.95 8.07 -6.58
CA PHE A 23 -12.89 7.26 -5.99
C PHE A 23 -12.81 5.93 -6.68
N VAL A 24 -11.73 5.21 -6.41
CA VAL A 24 -11.45 3.90 -7.03
C VAL A 24 -10.85 3.01 -5.93
N ILE A 25 -11.44 1.85 -5.68
CA ILE A 25 -10.94 0.93 -4.68
C ILE A 25 -10.65 -0.46 -5.30
N GLU A 26 -9.54 -1.07 -4.91
CA GLU A 26 -9.23 -2.42 -5.30
C GLU A 26 -9.11 -3.28 -4.07
N GLY A 27 -9.45 -4.55 -4.21
CA GLY A 27 -9.42 -5.50 -3.08
C GLY A 27 -8.82 -6.85 -3.44
N ASP A 28 -8.18 -7.46 -2.47
CA ASP A 28 -7.62 -8.80 -2.58
C ASP A 28 -8.05 -9.53 -1.35
N GLY A 29 -8.39 -10.81 -1.48
CA GLY A 29 -8.75 -11.60 -0.30
C GLY A 29 -9.08 -13.05 -0.61
N LYS A 30 -9.69 -13.74 0.37
CA LYS A 30 -9.87 -15.20 0.41
C LYS A 30 -11.06 -15.50 1.29
N GLY A 31 -11.74 -16.60 1.06
CA GLY A 31 -12.70 -17.07 2.02
C GLY A 31 -13.05 -18.50 1.81
N LYS A 32 -14.05 -18.96 2.56
CA LYS A 32 -14.53 -20.32 2.53
C LYS A 32 -16.00 -20.34 2.19
N PRO A 33 -16.30 -20.44 0.90
CA PRO A 33 -17.66 -20.37 0.45
C PRO A 33 -18.61 -21.24 1.21
N TYR A 34 -18.19 -22.46 1.56
CA TYR A 34 -19.14 -23.38 2.25
C TYR A 34 -19.24 -23.14 3.73
N ASP A 35 -18.27 -22.47 4.34
CA ASP A 35 -18.48 -21.96 5.72
C ASP A 35 -19.17 -20.61 5.79
N GLY A 36 -19.16 -19.87 4.70
CA GLY A 36 -19.81 -18.57 4.70
C GLY A 36 -19.00 -17.45 5.31
N THR A 37 -17.68 -17.61 5.30
CA THR A 37 -16.79 -16.62 5.83
C THR A 37 -15.82 -16.14 4.75
N GLN A 38 -15.29 -14.95 4.96
CA GLN A 38 -14.34 -14.39 3.99
C GLN A 38 -13.67 -13.20 4.62
N THR A 39 -12.54 -12.82 4.07
CA THR A 39 -11.75 -11.71 4.54
C THR A 39 -11.24 -10.97 3.31
N LEU A 40 -11.42 -9.67 3.26
CA LEU A 40 -10.87 -8.84 2.16
C LEU A 40 -9.93 -7.76 2.65
N ASN A 41 -8.94 -7.45 1.85
CA ASN A 41 -8.07 -6.28 2.04
C ASN A 41 -8.35 -5.24 0.98
N LEU A 42 -8.81 -4.07 1.41
CA LEU A 42 -9.26 -3.01 0.49
C LEU A 42 -8.36 -1.85 0.59
N THR A 43 -7.99 -1.35 -0.58
CA THR A 43 -7.07 -0.27 -0.77
C THR A 43 -7.64 0.81 -1.68
N VAL A 44 -7.71 2.04 -1.18
CA VAL A 44 -8.21 3.16 -1.99
C VAL A 44 -7.12 3.53 -2.97
N LYS A 45 -7.36 3.44 -4.27
CA LYS A 45 -6.31 3.83 -5.26
C LYS A 45 -6.47 5.27 -5.80
N GLU A 46 -7.66 5.82 -5.77
CA GLU A 46 -7.90 7.25 -6.10
C GLU A 46 -9.01 7.76 -5.22
N GLY A 47 -9.03 9.07 -4.98
CA GLY A 47 -10.01 9.73 -4.12
C GLY A 47 -9.72 9.72 -2.62
N ALA A 48 -8.52 9.31 -2.21
CA ALA A 48 -8.15 9.36 -0.80
C ALA A 48 -7.88 10.82 -0.41
N PRO A 49 -8.18 11.18 0.84
CA PRO A 49 -8.88 10.39 1.86
C PRO A 49 -10.39 10.51 1.69
N LEU A 50 -11.13 9.41 1.88
CA LEU A 50 -12.54 9.43 1.58
C LEU A 50 -13.30 10.34 2.60
N PRO A 51 -14.07 11.30 2.10
CA PRO A 51 -14.80 12.22 2.97
C PRO A 51 -16.19 11.69 3.42
N PHE A 52 -16.35 10.38 3.55
CA PHE A 52 -17.61 9.81 4.00
C PHE A 52 -17.36 8.50 4.72
N SER A 53 -18.39 8.01 5.39
CA SER A 53 -18.31 6.77 6.14
C SER A 53 -18.06 5.53 5.24
N TYR A 54 -17.01 4.77 5.53
CA TYR A 54 -16.58 3.61 4.73
C TYR A 54 -17.65 2.51 4.82
N ASP A 55 -18.38 2.52 5.92
CA ASP A 55 -19.50 1.58 6.13
C ASP A 55 -20.52 1.47 4.98
N ILE A 56 -20.80 2.58 4.28
CA ILE A 56 -21.74 2.54 3.17
C ILE A 56 -21.23 1.68 2.03
N LEU A 57 -19.94 1.38 2.05
CA LEU A 57 -19.30 0.70 0.95
C LEU A 57 -19.22 -0.80 1.19
N THR A 58 -19.28 -1.25 2.43
CA THR A 58 -18.73 -2.55 2.77
C THR A 58 -19.53 -3.75 2.21
N ALA A 59 -20.86 -3.64 2.22
CA ALA A 59 -21.75 -4.65 1.65
C ALA A 59 -21.66 -4.72 0.13
N ALA A 60 -21.15 -3.66 -0.50
CA ALA A 60 -20.86 -3.75 -1.91
C ALA A 60 -19.69 -4.71 -2.17
N PHE A 61 -18.77 -4.79 -1.22
CA PHE A 61 -17.58 -5.63 -1.42
C PHE A 61 -17.97 -7.06 -1.07
N1 CRQ A 62 -18.74 -7.27 0.18
CA1 CRQ A 62 -19.40 -8.15 0.76
CB1 CRQ A 62 -18.78 -8.85 1.96
CG1 CRQ A 62 -17.25 -8.72 1.97
C1 CRQ A 62 -20.84 -8.30 0.47
N2 CRQ A 62 -21.70 -8.17 1.52
N3 CRQ A 62 -21.47 -8.47 -0.72
C2 CRQ A 62 -22.76 -8.46 -0.45
O2 CRQ A 62 -23.71 -8.56 -1.32
CA2 CRQ A 62 -22.93 -8.31 0.99
CA3 CRQ A 62 -20.88 -8.49 -2.04
CB2 CRQ A 62 -24.20 -8.25 1.73
CG2 CRQ A 62 -24.50 -8.03 3.19
CD1 CRQ A 62 -25.86 -7.85 3.52
CD2 CRQ A 62 -23.56 -7.89 4.22
CE1 CRQ A 62 -26.30 -7.61 4.83
CE2 CRQ A 62 -24.00 -7.63 5.52
CZ CRQ A 62 -25.36 -7.50 5.82
OH CRQ A 62 -25.75 -7.32 7.10
OE1 CRQ A 62 -17.04 -8.43 4.32
C3 CRQ A 62 -21.05 -9.64 -2.99
O3 CRQ A 62 -20.72 -9.42 -4.14
CD3 CRQ A 62 -16.62 -8.97 3.31
NE1 CRQ A 62 -15.55 -9.76 3.31
N ASN A 63 -20.95 -10.92 -2.15
CA ASN A 63 -20.88 -12.11 -3.00
C ASN A 63 -21.45 -13.19 -2.16
N ARG A 64 -22.75 -13.44 -2.40
CA ARG A 64 -23.47 -14.48 -1.67
C ARG A 64 -22.97 -15.89 -2.01
N ALA A 65 -21.96 -16.05 -2.87
CA ALA A 65 -21.30 -17.37 -2.93
C ALA A 65 -20.69 -17.75 -1.56
N PHE A 66 -20.32 -16.73 -0.77
CA PHE A 66 -19.79 -16.96 0.57
C PHE A 66 -20.96 -16.91 1.55
N THR A 67 -21.73 -17.99 1.51
CA THR A 67 -22.85 -18.18 2.43
C THR A 67 -22.96 -19.65 2.69
N ARG A 68 -23.09 -20.03 3.97
CA ARG A 68 -23.29 -21.41 4.32
C ARG A 68 -24.75 -21.75 4.04
N TYR A 69 -24.96 -22.62 3.06
CA TYR A 69 -26.31 -23.06 2.70
C TYR A 69 -26.54 -24.45 3.25
N PRO A 70 -27.70 -24.64 3.90
CA PRO A 70 -28.09 -25.97 4.31
C PRO A 70 -28.61 -26.75 3.10
N ALA A 71 -28.57 -28.07 3.21
CA ALA A 71 -28.85 -28.96 2.10
C ALA A 71 -30.30 -28.86 1.64
N ASP A 72 -31.24 -28.62 2.55
CA ASP A 72 -32.66 -28.47 2.13
C ASP A 72 -32.98 -27.09 1.47
N ILE A 73 -31.98 -26.22 1.30
CA ILE A 73 -32.24 -24.96 0.55
C ILE A 73 -31.32 -24.87 -0.65
N PRO A 74 -31.90 -24.94 -1.85
CA PRO A 74 -31.00 -24.86 -3.00
C PRO A 74 -30.18 -23.57 -2.99
N ASP A 75 -28.90 -23.73 -3.35
CA ASP A 75 -27.91 -22.68 -3.25
C ASP A 75 -27.85 -21.99 -4.62
N TYR A 76 -28.62 -20.92 -4.78
CA TYR A 76 -28.70 -20.17 -6.03
C TYR A 76 -27.37 -19.71 -6.56
N PHE A 77 -26.47 -19.37 -5.64
CA PHE A 77 -25.27 -18.65 -5.96
C PHE A 77 -24.15 -19.60 -6.34
N LYS A 78 -23.94 -20.64 -5.56
CA LYS A 78 -22.92 -21.61 -5.92
C LYS A 78 -23.29 -22.37 -7.21
N GLN A 79 -24.57 -22.59 -7.50
CA GLN A 79 -24.98 -23.25 -8.71
C GLN A 79 -24.66 -22.49 -10.00
N THR A 80 -24.53 -21.16 -9.95
CA THR A 80 -24.35 -20.38 -11.18
C THR A 80 -22.94 -20.34 -11.68
N PHE A 81 -22.00 -20.91 -10.94
CA PHE A 81 -20.59 -20.92 -11.33
C PHE A 81 -20.30 -22.16 -12.11
N PRO A 82 -19.27 -22.16 -12.98
CA PRO A 82 -18.25 -21.09 -13.23
C PRO A 82 -18.75 -19.82 -13.92
N GLU A 83 -19.94 -19.82 -14.51
CA GLU A 83 -20.30 -18.69 -15.40
C GLU A 83 -20.52 -17.39 -14.65
N GLY A 84 -21.19 -17.47 -13.51
CA GLY A 84 -21.32 -16.36 -12.62
C GLY A 84 -22.68 -15.73 -12.63
N TYR A 85 -22.72 -14.54 -12.05
CA TYR A 85 -23.93 -13.77 -11.86
C TYR A 85 -23.56 -12.33 -11.57
N SER A 86 -24.56 -11.47 -11.56
CA SER A 86 -24.37 -10.08 -11.27
C SER A 86 -25.49 -9.71 -10.36
N TRP A 87 -25.32 -8.69 -9.54
CA TRP A 87 -26.40 -8.18 -8.72
C TRP A 87 -26.48 -6.66 -8.79
N GLU A 88 -27.67 -6.13 -8.51
CA GLU A 88 -27.90 -4.72 -8.41
C GLU A 88 -28.71 -4.42 -7.14
N ARG A 89 -28.39 -3.29 -6.51
CA ARG A 89 -28.96 -2.97 -5.20
C ARG A 89 -29.32 -1.51 -5.12
N THR A 90 -30.35 -1.19 -4.37
CA THR A 90 -30.65 0.17 -3.98
C THR A 90 -30.49 0.19 -2.49
N MET A 91 -29.79 1.18 -1.95
CA MET A 91 -29.67 1.40 -0.52
C MET A 91 -30.42 2.68 -0.22
N SER A 92 -31.60 2.56 0.45
CA SER A 92 -32.47 3.73 0.80
C SER A 92 -32.38 4.15 2.29
N TYR A 93 -31.73 5.27 2.53
CA TYR A 93 -31.44 5.69 3.91
C TYR A 93 -32.62 6.44 4.48
N GLU A 94 -32.74 6.45 5.79
CA GLU A 94 -33.93 7.08 6.37
C GLU A 94 -33.95 8.62 6.27
N ASP A 95 -32.83 9.25 5.90
CA ASP A 95 -32.82 10.69 5.58
C ASP A 95 -32.86 10.95 4.09
N ASN A 96 -33.24 9.93 3.29
CA ASN A 96 -33.51 10.03 1.84
C ASN A 96 -32.31 10.03 0.95
N ALA A 97 -31.13 9.80 1.51
CA ALA A 97 -30.02 9.45 0.67
C ALA A 97 -30.32 8.08 -0.04
N ILE A 98 -29.79 7.91 -1.24
CA ILE A 98 -29.79 6.60 -1.82
C ILE A 98 -28.43 6.29 -2.47
N CYS A 99 -28.10 4.99 -2.44
CA CYS A 99 -27.01 4.49 -3.27
C CYS A 99 -27.52 3.42 -4.21
N ASN A 100 -27.02 3.46 -5.43
CA ASN A 100 -27.26 2.44 -6.38
C ASN A 100 -25.91 1.77 -6.72
N VAL A 101 -25.94 0.44 -6.66
CA VAL A 101 -24.77 -0.38 -6.77
C VAL A 101 -25.02 -1.51 -7.75
N ARG A 102 -24.01 -1.86 -8.53
CA ARG A 102 -24.07 -2.98 -9.44
C ARG A 102 -22.77 -3.70 -9.33
N SER A 103 -22.83 -5.02 -9.33
CA SER A 103 -21.66 -5.83 -9.35
C SER A 103 -21.85 -7.00 -10.28
N GLU A 104 -20.79 -7.29 -10.99
CA GLU A 104 -20.71 -8.33 -11.98
C GLU A 104 -19.65 -9.34 -11.48
N ILE A 105 -20.05 -10.56 -11.18
CA ILE A 105 -19.12 -11.56 -10.58
C ILE A 105 -18.78 -12.73 -11.48
N SER A 106 -17.48 -12.95 -11.66
CA SER A 106 -16.97 -13.97 -12.52
C SER A 106 -15.99 -14.88 -11.78
N MET A 107 -15.66 -16.02 -12.35
CA MET A 107 -14.57 -16.76 -11.77
C MET A 107 -13.68 -17.44 -12.81
N GLU A 108 -12.46 -17.69 -12.38
CA GLU A 108 -11.41 -18.27 -13.18
C GLU A 108 -10.58 -19.09 -12.17
N GLY A 109 -10.47 -20.40 -12.37
CA GLY A 109 -9.77 -21.25 -11.40
C GLY A 109 -10.41 -21.06 -10.03
N ASP A 110 -9.57 -20.71 -9.05
CA ASP A 110 -9.99 -20.58 -7.67
C ASP A 110 -10.15 -19.11 -7.19
N CYS A 111 -10.36 -18.22 -8.13
CA CYS A 111 -10.44 -16.79 -7.85
C CYS A 111 -11.75 -16.21 -8.43
N PHE A 112 -12.52 -15.57 -7.56
CA PHE A 112 -13.64 -14.77 -8.00
C PHE A 112 -13.11 -13.41 -8.38
N THR A 113 -13.74 -12.79 -9.39
CA THR A 113 -13.43 -11.40 -9.75
C THR A 113 -14.72 -10.63 -9.82
N TYR A 114 -14.75 -9.43 -9.20
CA TYR A 114 -15.91 -8.57 -9.18
C TYR A 114 -15.60 -7.26 -9.90
N LYS A 115 -16.60 -6.74 -10.62
CA LYS A 115 -16.57 -5.42 -11.28
C LYS A 115 -17.71 -4.61 -10.73
N ILE A 116 -17.38 -3.59 -9.96
CA ILE A 116 -18.37 -2.92 -9.14
C ILE A 116 -18.48 -1.46 -9.50
N ARG A 117 -19.72 -0.98 -9.62
CA ARG A 117 -20.05 0.44 -9.76
C ARG A 117 -20.84 0.85 -8.51
N PHE A 118 -20.44 1.98 -7.93
CA PHE A 118 -21.07 2.52 -6.70
C PHE A 118 -21.43 4.00 -6.86
N ASP A 119 -22.70 4.29 -6.79
CA ASP A 119 -23.17 5.68 -6.86
C ASP A 119 -24.05 6.02 -5.65
N GLY A 120 -23.60 7.03 -4.92
CA GLY A 120 -24.32 7.57 -3.78
C GLY A 120 -24.63 9.03 -3.98
N LYS A 121 -25.81 9.43 -3.53
CA LYS A 121 -26.19 10.82 -3.69
C LYS A 121 -27.24 11.28 -2.69
N ASN A 122 -27.37 12.60 -2.61
CA ASN A 122 -28.25 13.30 -1.67
C ASN A 122 -28.04 12.89 -0.21
N PHE A 123 -26.82 12.59 0.19
CA PHE A 123 -26.50 12.45 1.60
C PHE A 123 -26.50 13.88 2.20
N PRO A 124 -27.24 14.12 3.29
CA PRO A 124 -27.13 15.49 3.84
C PRO A 124 -25.67 15.82 4.23
N PRO A 125 -25.19 17.03 3.88
CA PRO A 125 -23.76 17.31 4.23
C PRO A 125 -23.42 17.26 5.74
N ASN A 126 -24.42 17.37 6.62
CA ASN A 126 -24.20 17.28 8.06
C ASN A 126 -24.75 16.03 8.74
N GLY A 127 -25.17 15.08 7.91
CA GLY A 127 -25.53 13.75 8.41
C GLY A 127 -24.35 12.86 8.80
N PRO A 128 -24.67 11.73 9.46
CA PRO A 128 -23.71 10.84 10.01
C PRO A 128 -22.81 10.21 8.97
N VAL A 129 -23.27 10.13 7.72
CA VAL A 129 -22.47 9.51 6.67
C VAL A 129 -21.34 10.45 6.24
N MET A 130 -21.72 11.67 5.93
CA MET A 130 -20.76 12.66 5.44
C MET A 130 -19.92 13.22 6.56
N GLN A 131 -20.31 13.04 7.84
CA GLN A 131 -19.50 13.46 9.00
C GLN A 131 -18.77 12.28 9.65
N LYS A 132 -18.82 11.13 9.00
CA LYS A 132 -18.17 9.94 9.48
C LYS A 132 -18.51 9.66 10.94
N LYS A 133 -19.82 9.62 11.26
CA LYS A 133 -20.30 9.37 12.65
C LYS A 133 -20.78 7.95 12.92
N THR A 134 -20.57 7.06 11.93
CA THR A 134 -20.93 5.62 12.10
C THR A 134 -19.79 4.85 12.74
N LEU A 135 -20.15 3.74 13.37
CA LEU A 135 -19.20 2.86 14.03
C LEU A 135 -19.17 1.49 13.37
N LYS A 136 -20.37 0.96 13.05
CA LYS A 136 -20.52 -0.30 12.30
C LYS A 136 -21.92 -0.46 11.74
N TRP A 137 -22.09 -1.50 10.92
CA TRP A 137 -23.41 -2.05 10.60
C TRP A 137 -23.81 -3.00 11.70
N GLU A 138 -25.09 -3.03 12.06
CA GLU A 138 -25.53 -4.10 12.95
C GLU A 138 -25.58 -5.39 12.14
N PRO A 139 -25.58 -6.52 12.82
CA PRO A 139 -25.96 -7.72 12.08
C PRO A 139 -27.40 -7.62 11.56
N SER A 140 -27.77 -8.57 10.70
CA SER A 140 -29.02 -8.49 9.97
C SER A 140 -29.58 -9.86 9.54
N THR A 141 -30.85 -9.87 9.15
CA THR A 141 -31.52 -11.01 8.50
C THR A 141 -32.17 -10.55 7.15
N GLU A 142 -31.59 -11.01 6.05
CA GLU A 142 -32.03 -10.70 4.69
C GLU A 142 -33.09 -11.73 4.32
N LYS A 143 -34.16 -11.28 3.66
CA LYS A 143 -35.26 -12.14 3.22
C LYS A 143 -35.14 -12.43 1.70
N MET A 144 -35.06 -13.73 1.39
CA MET A 144 -34.72 -14.21 0.08
C MET A 144 -35.97 -14.80 -0.56
N TYR A 145 -36.20 -14.43 -1.82
CA TYR A 145 -37.42 -14.80 -2.48
C TYR A 145 -37.31 -14.66 -3.97
N VAL A 146 -37.85 -15.63 -4.68
CA VAL A 146 -37.79 -15.65 -6.14
C VAL A 146 -38.73 -14.62 -6.74
N ARG A 147 -38.25 -13.93 -7.76
CA ARG A 147 -39.11 -12.98 -8.54
C ARG A 147 -38.75 -13.04 -10.01
N ASP A 148 -39.77 -13.27 -10.83
CA ASP A 148 -39.66 -13.30 -12.30
C ASP A 148 -38.48 -14.13 -12.78
N GLY A 149 -38.32 -15.30 -12.20
CA GLY A 149 -37.23 -16.22 -12.59
C GLY A 149 -35.85 -15.97 -11.97
N PHE A 150 -35.72 -14.95 -11.14
CA PHE A 150 -34.43 -14.69 -10.52
C PHE A 150 -34.62 -14.48 -9.00
N LEU A 151 -33.55 -14.15 -8.29
CA LEU A 151 -33.61 -14.08 -6.84
C LEU A 151 -33.52 -12.66 -6.27
N MET A 152 -34.44 -12.34 -5.38
CA MET A 152 -34.38 -11.10 -4.66
C MET A 152 -34.03 -11.30 -3.21
N GLY A 153 -33.44 -10.26 -2.65
CA GLY A 153 -33.06 -10.21 -1.24
C GLY A 153 -33.33 -8.85 -0.66
N ASP A 154 -34.16 -8.77 0.37
CA ASP A 154 -34.42 -7.49 1.07
C ASP A 154 -34.02 -7.55 2.52
N VAL A 155 -33.26 -6.54 2.96
CA VAL A 155 -32.79 -6.49 4.34
C VAL A 155 -32.90 -5.11 5.01
N ASN A 156 -33.44 -5.08 6.21
CA ASN A 156 -33.44 -3.89 7.05
C ASN A 156 -32.13 -3.75 7.76
N MET A 157 -31.31 -2.81 7.30
CA MET A 157 -29.98 -2.58 7.86
C MET A 157 -29.97 -1.36 8.81
N ALA A 158 -28.94 -1.25 9.64
CA ALA A 158 -28.84 -0.17 10.61
C ALA A 158 -27.39 0.14 10.93
N LEU A 159 -27.05 1.41 10.87
CA LEU A 159 -25.72 1.86 11.23
C LEU A 159 -25.79 2.26 12.69
N LEU A 160 -24.91 1.68 13.53
CA LEU A 160 -24.72 2.10 14.91
C LEU A 160 -23.86 3.36 14.89
N LEU A 161 -24.39 4.43 15.50
CA LEU A 161 -23.76 5.77 15.52
C LEU A 161 -23.01 5.99 16.84
N ASP A 162 -21.97 6.82 16.90
CA ASP A 162 -21.46 7.11 18.28
C ASP A 162 -22.39 8.17 18.95
N GLY A 163 -22.66 7.94 20.22
CA GLY A 163 -23.93 8.40 20.79
C GLY A 163 -24.95 7.37 20.32
N GLY A 164 -24.87 6.19 20.93
CA GLY A 164 -25.49 4.96 20.42
C GLY A 164 -26.94 4.89 19.89
N GLY A 165 -27.39 5.92 19.15
CA GLY A 165 -28.56 5.73 18.28
C GLY A 165 -28.25 4.90 17.00
N HIS A 166 -29.24 4.73 16.13
CA HIS A 166 -29.03 4.03 14.84
C HIS A 166 -29.53 4.88 13.73
N HIS A 167 -28.95 4.66 12.56
CA HIS A 167 -29.38 5.28 11.30
C HIS A 167 -29.77 4.12 10.32
N ARG A 168 -31.06 4.06 9.95
CA ARG A 168 -31.64 2.92 9.25
C ARG A 168 -31.40 3.05 7.75
N CYS A 169 -31.20 1.92 7.09
CA CYS A 169 -31.09 1.84 5.62
C CYS A 169 -31.75 0.52 5.16
N ASP A 170 -32.64 0.61 4.18
CA ASP A 170 -33.23 -0.55 3.51
C ASP A 170 -32.50 -0.90 2.20
N PHE A 171 -32.01 -2.15 2.14
CA PHE A 171 -31.41 -2.69 0.92
C PHE A 171 -32.51 -3.50 0.19
N LYS A 172 -32.57 -3.36 -1.14
CA LYS A 172 -33.21 -4.32 -2.05
C LYS A 172 -32.26 -4.68 -3.15
N THR A 173 -32.07 -5.97 -3.34
CA THR A 173 -31.14 -6.48 -4.29
C THR A 173 -31.84 -7.49 -5.18
N SER A 174 -31.51 -7.39 -6.45
CA SER A 174 -31.82 -8.38 -7.45
C SER A 174 -30.54 -9.12 -7.83
N TYR A 175 -30.50 -10.43 -7.59
CA TYR A 175 -29.38 -11.27 -7.90
C TYR A 175 -29.79 -12.08 -9.15
N LYS A 176 -28.98 -11.98 -10.22
CA LYS A 176 -29.28 -12.68 -11.46
C LYS A 176 -28.19 -13.63 -11.95
N ALA A 177 -28.48 -14.90 -11.78
CA ALA A 177 -27.69 -15.98 -12.39
C ALA A 177 -27.54 -15.83 -13.90
N LYS A 178 -26.34 -16.07 -14.40
CA LYS A 178 -26.16 -16.14 -15.83
C LYS A 178 -26.73 -17.42 -16.41
N LYS A 179 -26.66 -18.49 -15.63
CA LYS A 179 -27.19 -19.77 -16.05
C LYS A 179 -28.41 -20.15 -15.24
N VAL A 180 -29.33 -20.89 -15.83
CA VAL A 180 -30.46 -21.36 -15.05
C VAL A 180 -30.03 -22.42 -14.04
N VAL A 181 -30.72 -22.36 -12.93
CA VAL A 181 -30.34 -22.99 -11.69
C VAL A 181 -31.59 -23.48 -10.96
N GLN A 182 -31.47 -24.43 -10.05
CA GLN A 182 -32.64 -24.79 -9.22
C GLN A 182 -32.96 -23.64 -8.27
N LEU A 183 -34.22 -23.19 -8.30
CA LEU A 183 -34.63 -22.02 -7.53
C LEU A 183 -35.07 -22.43 -6.13
N PRO A 184 -34.60 -21.71 -5.12
CA PRO A 184 -35.04 -21.96 -3.74
C PRO A 184 -36.38 -21.33 -3.36
N ASP A 185 -36.96 -21.89 -2.31
CA ASP A 185 -38.12 -21.36 -1.65
C ASP A 185 -37.70 -20.16 -0.79
N TYR A 186 -38.69 -19.44 -0.26
CA TYR A 186 -38.44 -18.32 0.65
C TYR A 186 -37.61 -18.75 1.85
N HIS A 187 -36.59 -17.94 2.11
CA HIS A 187 -35.61 -18.23 3.18
C HIS A 187 -34.85 -16.96 3.65
N PHE A 188 -33.93 -17.17 4.55
CA PHE A 188 -33.29 -16.06 5.22
C PHE A 188 -31.78 -16.24 5.11
N VAL A 189 -31.06 -15.13 4.99
CA VAL A 189 -29.65 -15.16 5.18
C VAL A 189 -29.33 -14.18 6.29
N ASP A 190 -28.91 -14.71 7.42
CA ASP A 190 -28.32 -13.96 8.48
C ASP A 190 -26.90 -13.48 8.14
N HIS A 191 -26.61 -12.22 8.45
CA HIS A 191 -25.28 -11.64 8.20
C HIS A 191 -24.69 -11.06 9.45
N ARG A 192 -23.37 -11.10 9.56
CA ARG A 192 -22.66 -10.10 10.36
C ARG A 192 -21.41 -9.59 9.63
N ASN A 193 -21.44 -8.33 9.23
CA ASN A 193 -20.35 -7.72 8.49
C ASN A 193 -19.50 -6.86 9.46
N GLU A 194 -18.16 -6.97 9.40
CA GLU A 194 -17.27 -6.25 10.33
C GLU A 194 -15.95 -5.79 9.73
N ILE A 195 -15.64 -4.51 9.89
CA ILE A 195 -14.30 -4.01 9.61
C ILE A 195 -13.37 -4.43 10.75
N LEU A 196 -12.44 -5.34 10.49
CA LEU A 196 -11.55 -5.84 11.55
C LEU A 196 -10.42 -4.87 11.91
N SER A 197 -9.92 -4.15 10.91
CA SER A 197 -8.85 -3.21 11.06
C SER A 197 -8.92 -2.20 9.91
N HIS A 198 -8.50 -0.97 10.18
CA HIS A 198 -8.31 0.07 9.14
C HIS A 198 -7.17 0.99 9.52
N ASP A 199 -6.61 1.70 8.57
CA ASP A 199 -5.72 2.81 8.91
C ASP A 199 -6.58 4.08 9.16
N ARG A 200 -5.91 5.16 9.58
CA ARG A 200 -6.58 6.38 10.03
C ARG A 200 -7.61 6.89 9.02
N ASP A 201 -7.16 6.99 7.78
CA ASP A 201 -7.92 7.37 6.58
C ASP A 201 -8.98 6.39 6.02
N TYR A 202 -8.92 5.13 6.42
CA TYR A 202 -9.65 4.05 5.74
C TYR A 202 -9.15 3.80 4.31
N SER A 203 -7.99 4.37 3.96
CA SER A 203 -7.30 4.00 2.72
C SER A 203 -6.90 2.50 2.70
N LYS A 204 -6.80 1.85 3.86
CA LYS A 204 -6.55 0.41 3.98
C LYS A 204 -7.52 -0.16 5.00
N VAL A 205 -8.25 -1.20 4.60
CA VAL A 205 -9.32 -1.80 5.39
C VAL A 205 -9.23 -3.29 5.26
N LYS A 206 -9.44 -3.97 6.36
CA LYS A 206 -9.57 -5.41 6.38
C LYS A 206 -10.98 -5.68 6.80
N LEU A 207 -11.73 -6.45 5.99
CA LEU A 207 -13.17 -6.58 6.10
C LEU A 207 -13.57 -8.02 6.15
N TYR A 208 -14.51 -8.36 7.03
CA TYR A 208 -14.92 -9.74 7.25
C TYR A 208 -16.43 -9.85 7.24
N GLU A 209 -16.93 -10.93 6.67
CA GLU A 209 -18.34 -11.26 6.70
C GLU A 209 -18.54 -12.72 7.00
N ASN A 210 -19.57 -12.98 7.78
CA ASN A 210 -20.12 -14.29 8.08
C ASN A 210 -21.57 -14.28 7.63
N ALA A 211 -21.98 -15.28 6.84
CA ALA A 211 -23.34 -15.34 6.30
C ALA A 211 -23.83 -16.74 6.28
N VAL A 212 -25.04 -16.93 6.76
CA VAL A 212 -25.59 -18.25 7.00
C VAL A 212 -27.07 -18.25 6.64
N ALA A 213 -27.42 -19.07 5.65
CA ALA A 213 -28.78 -19.13 5.15
C ALA A 213 -29.62 -20.11 5.98
N ARG A 214 -30.94 -19.89 6.07
CA ARG A 214 -31.78 -20.76 6.88
C ARG A 214 -33.23 -20.46 6.62
N TYR A 215 -34.07 -21.41 6.99
CA TYR A 215 -35.49 -21.22 7.19
C TYR A 215 -35.70 -20.58 8.54
N SER A 216 -36.95 -20.32 8.91
CA SER A 216 -37.23 -19.89 10.25
C SER A 216 -36.73 -20.88 11.34
N LEU A 217 -36.23 -20.35 12.45
CA LEU A 217 -36.01 -21.14 13.69
C LEU A 217 -37.28 -21.66 14.34
N LEU A 218 -38.43 -21.11 13.98
CA LEU A 218 -39.70 -21.40 14.63
C LEU A 218 -40.45 -22.43 13.85
N PRO A 219 -40.85 -23.52 14.49
CA PRO A 219 -41.61 -24.51 13.73
C PRO A 219 -43.04 -24.03 13.45
N SER A 220 -43.59 -24.61 12.40
CA SER A 220 -44.95 -24.38 11.97
C SER A 220 -45.91 -25.12 12.91
N GLN A 221 -47.08 -24.56 13.10
CA GLN A 221 -48.13 -25.24 13.86
C GLN A 221 -49.01 -26.11 12.96
N ALA A 222 -48.72 -27.41 12.95
CA ALA A 222 -49.56 -28.45 12.31
C ALA A 222 -50.54 -27.95 11.24
N SER B 2 -9.09 -3.28 42.97
CA SER B 2 -10.12 -2.54 43.77
C SER B 2 -11.23 -2.48 42.77
N VAL B 3 -10.77 -2.12 41.54
CA VAL B 3 -11.27 -2.60 40.23
C VAL B 3 -10.16 -3.29 39.38
N ILE B 4 -8.95 -2.74 39.37
CA ILE B 4 -7.80 -3.42 38.81
C ILE B 4 -7.27 -4.40 39.83
N LYS B 5 -7.01 -5.63 39.39
CA LYS B 5 -6.68 -6.76 40.24
C LYS B 5 -5.17 -6.96 40.40
N GLN B 6 -4.81 -7.58 41.52
CA GLN B 6 -3.44 -7.97 41.84
C GLN B 6 -2.72 -8.68 40.66
N GLU B 7 -3.48 -9.50 39.96
CA GLU B 7 -3.03 -10.16 38.78
C GLU B 7 -4.09 -10.03 37.73
N MET B 8 -3.74 -9.56 36.55
CA MET B 8 -4.65 -9.41 35.41
C MET B 8 -4.11 -10.20 34.22
N LYS B 9 -4.99 -10.89 33.53
CA LYS B 9 -4.62 -11.57 32.31
C LYS B 9 -4.69 -10.61 31.16
N ILE B 10 -4.10 -11.04 30.07
CA ILE B 10 -4.00 -10.26 28.88
C ILE B 10 -4.30 -11.13 27.69
N LYS B 11 -5.06 -10.55 26.77
CA LYS B 11 -5.34 -11.14 25.48
C LYS B 11 -5.13 -10.00 24.48
N LEU B 12 -4.48 -10.30 23.36
CA LEU B 12 -4.31 -9.30 22.29
C LEU B 12 -4.24 -9.87 20.85
N HIS B 13 -4.43 -8.97 19.90
CA HIS B 13 -4.48 -9.30 18.50
C HIS B 13 -3.92 -8.05 17.81
N MET B 14 -2.89 -8.27 16.99
CA MET B 14 -2.21 -7.21 16.22
C MET B 14 -2.32 -7.48 14.73
N GLU B 15 -2.71 -6.42 14.00
CA GLU B 15 -2.77 -6.40 12.57
C GLU B 15 -1.57 -5.57 12.16
N GLY B 16 -0.59 -6.26 11.57
CA GLY B 16 0.70 -5.67 11.22
C GLY B 16 0.92 -5.53 9.72
N ASN B 17 1.66 -4.51 9.32
CA ASN B 17 2.19 -4.40 7.99
C ASN B 17 3.45 -3.59 8.10
N VAL B 18 4.60 -4.22 7.84
CA VAL B 18 5.89 -3.50 7.82
C VAL B 18 6.55 -3.58 6.44
N ASN B 19 6.90 -2.44 5.83
CA ASN B 19 7.45 -2.44 4.46
C ASN B 19 6.64 -3.30 3.46
N GLY B 20 5.30 -3.29 3.55
CA GLY B 20 4.45 -4.09 2.66
C GLY B 20 4.28 -5.54 3.08
N HIS B 21 5.02 -6.00 4.10
CA HIS B 21 4.83 -7.37 4.54
C HIS B 21 3.71 -7.41 5.58
N ALA B 22 2.67 -8.21 5.32
CA ALA B 22 1.51 -8.24 6.18
C ALA B 22 1.67 -9.35 7.18
N PHE B 23 1.16 -9.17 8.42
CA PHE B 23 1.24 -10.20 9.40
C PHE B 23 0.24 -10.01 10.50
N VAL B 24 0.02 -11.06 11.26
CA VAL B 24 -0.97 -11.09 12.30
C VAL B 24 -0.33 -11.77 13.45
N ILE B 25 -0.43 -11.16 14.62
CA ILE B 25 0.12 -11.73 15.85
C ILE B 25 -0.93 -11.77 16.91
N GLU B 26 -0.96 -12.86 17.66
CA GLU B 26 -1.86 -12.99 18.77
C GLU B 26 -1.06 -13.22 20.00
N GLY B 27 -1.63 -12.79 21.12
CA GLY B 27 -0.91 -12.83 22.36
C GLY B 27 -1.73 -13.18 23.56
N ASP B 28 -1.06 -13.75 24.53
CA ASP B 28 -1.69 -14.28 25.68
C ASP B 28 -0.75 -14.17 26.87
N GLY B 29 -1.21 -13.64 28.01
CA GLY B 29 -0.35 -13.68 29.23
C GLY B 29 -0.96 -13.15 30.51
N LYS B 30 -0.14 -12.55 31.36
CA LYS B 30 -0.53 -12.19 32.75
C LYS B 30 0.44 -11.17 33.30
N GLY B 31 0.04 -10.34 34.23
CA GLY B 31 1.02 -9.58 34.95
C GLY B 31 0.46 -9.01 36.21
N LYS B 32 1.26 -8.18 36.88
CA LYS B 32 0.92 -7.61 38.17
C LYS B 32 0.92 -6.10 38.11
N PRO B 33 -0.25 -5.52 37.95
CA PRO B 33 -0.35 -4.11 37.61
C PRO B 33 0.22 -3.17 38.66
N TYR B 34 0.06 -3.55 39.92
CA TYR B 34 0.57 -2.73 41.01
C TYR B 34 2.10 -2.86 41.20
N ASP B 35 2.64 -4.00 40.80
CA ASP B 35 4.08 -4.16 40.75
C ASP B 35 4.68 -3.63 39.45
N GLY B 36 3.88 -3.38 38.43
CA GLY B 36 4.43 -2.98 37.12
C GLY B 36 5.27 -4.05 36.40
N THR B 37 4.86 -5.29 36.49
CA THR B 37 5.54 -6.39 35.82
C THR B 37 4.49 -7.20 35.00
N GLN B 38 4.93 -7.84 33.90
CA GLN B 38 4.06 -8.67 33.05
C GLN B 38 4.86 -9.60 32.17
N THR B 39 4.28 -10.75 31.85
CA THR B 39 4.86 -11.65 30.86
C THR B 39 3.82 -11.91 29.77
N LEU B 40 4.22 -11.84 28.51
CA LEU B 40 3.34 -12.09 27.40
C LEU B 40 3.92 -13.15 26.50
N ASN B 41 3.09 -14.10 26.09
CA ASN B 41 3.49 -15.06 25.06
C ASN B 41 2.85 -14.73 23.75
N LEU B 42 3.68 -14.61 22.72
CA LEU B 42 3.20 -14.08 21.42
C LEU B 42 3.41 -15.05 20.26
N THR B 43 2.39 -15.15 19.43
CA THR B 43 2.43 -16.06 18.31
C THR B 43 2.08 -15.36 17.02
N VAL B 44 2.93 -15.52 16.02
CA VAL B 44 2.64 -15.03 14.66
C VAL B 44 1.68 -16.00 13.99
N LYS B 45 0.50 -15.53 13.62
CA LYS B 45 -0.53 -16.40 13.01
C LYS B 45 -0.53 -16.32 11.50
N GLU B 46 -0.07 -15.21 10.96
CA GLU B 46 0.07 -15.03 9.52
C GLU B 46 1.31 -14.19 9.29
N GLY B 47 2.02 -14.44 8.17
CA GLY B 47 3.20 -13.63 7.78
C GLY B 47 4.56 -14.18 8.24
N ALA B 48 4.56 -15.35 8.86
CA ALA B 48 5.81 -16.01 9.23
C ALA B 48 6.55 -16.60 8.01
N PRO B 49 7.89 -16.58 8.04
CA PRO B 49 8.78 -15.97 9.07
C PRO B 49 8.89 -14.43 8.92
N LEU B 50 8.77 -13.67 10.00
CA LEU B 50 8.86 -12.19 9.88
C LEU B 50 10.21 -11.77 9.28
N PRO B 51 10.21 -10.95 8.23
CA PRO B 51 11.52 -10.57 7.64
C PRO B 51 12.09 -9.27 8.26
N PHE B 52 11.82 -8.99 9.52
CA PHE B 52 12.37 -7.83 10.14
C PHE B 52 12.53 -8.11 11.63
N SER B 53 13.21 -7.21 12.33
CA SER B 53 13.53 -7.36 13.72
C SER B 53 12.28 -7.34 14.62
N TYR B 54 12.12 -8.36 15.43
CA TYR B 54 10.99 -8.41 16.32
C TYR B 54 10.95 -7.27 17.35
N ASP B 55 12.12 -6.67 17.66
CA ASP B 55 12.16 -5.62 18.64
C ASP B 55 11.30 -4.43 18.27
N ILE B 56 11.09 -4.16 16.98
CA ILE B 56 10.23 -3.02 16.62
C ILE B 56 8.79 -3.19 17.08
N LEU B 57 8.37 -4.43 17.31
CA LEU B 57 7.03 -4.71 17.72
C LEU B 57 6.82 -4.60 19.22
N THR B 58 7.87 -4.79 20.01
CA THR B 58 7.62 -5.20 21.39
C THR B 58 6.88 -4.21 22.31
N ALA B 59 7.17 -2.92 22.17
CA ALA B 59 6.51 -1.89 22.94
C ALA B 59 5.06 -1.67 22.52
N ALA B 60 4.66 -2.23 21.39
CA ALA B 60 3.26 -2.16 20.99
C ALA B 60 2.46 -3.16 21.83
N PHE B 61 3.15 -4.23 22.30
CA PHE B 61 2.47 -5.29 23.06
C PHE B 61 2.44 -4.83 24.51
N1 CRQ B 62 3.53 -4.06 25.19
CA1 CRQ B 62 4.11 -3.55 26.16
CB1 CRQ B 62 5.02 -4.37 27.04
CG1 CRQ B 62 4.61 -5.80 27.07
C1 CRQ B 62 4.09 -2.10 26.16
N2 CRQ B 62 5.27 -1.46 26.36
N3 CRQ B 62 3.05 -1.28 25.86
C2 CRQ B 62 3.58 -0.05 25.88
O2 CRQ B 62 2.98 1.05 25.66
CA2 CRQ B 62 4.99 -0.17 26.17
CA3 CRQ B 62 1.68 -1.62 25.47
CB2 CRQ B 62 5.92 0.91 26.32
CG2 CRQ B 62 7.37 0.81 26.58
CD1 CRQ B 62 8.03 2.07 26.43
CD2 CRQ B 62 8.11 -0.34 26.81
CE1 CRQ B 62 9.40 2.17 26.66
CE2 CRQ B 62 9.49 -0.23 27.04
CZ CRQ B 62 10.13 1.02 26.95
OH CRQ B 62 11.45 1.19 27.12
OE1 CRQ B 62 6.79 -6.60 27.75
C3 CRQ B 62 0.50 -1.12 26.24
O3 CRQ B 62 -0.65 -1.26 25.75
CD3 CRQ B 62 5.56 -6.78 27.74
NE1 CRQ B 62 5.00 -7.85 28.24
N ASN B 63 0.83 -1.48 27.84
CA ASN B 63 -0.40 -1.09 28.58
C ASN B 63 0.18 -0.56 29.87
N ARG B 64 0.16 0.75 29.99
CA ARG B 64 0.67 1.40 31.16
C ARG B 64 -0.15 1.14 32.45
N ALA B 65 -1.26 0.43 32.37
CA ALA B 65 -1.85 -0.11 33.57
C ALA B 65 -0.82 -0.98 34.28
N PHE B 66 0.13 -1.56 33.53
CA PHE B 66 1.21 -2.35 34.11
C PHE B 66 2.40 -1.48 34.48
N THR B 67 2.16 -0.57 35.44
CA THR B 67 3.17 0.37 35.95
C THR B 67 2.95 0.54 37.45
N ARG B 68 4.01 0.53 38.24
CA ARG B 68 3.92 0.79 39.65
C ARG B 68 3.90 2.31 39.81
N TYR B 69 2.73 2.83 40.19
CA TYR B 69 2.52 4.24 40.45
C TYR B 69 2.53 4.53 41.97
N PRO B 70 3.50 5.32 42.42
CA PRO B 70 3.38 5.65 43.86
C PRO B 70 2.12 6.48 44.15
N ALA B 71 1.67 6.45 45.39
CA ALA B 71 0.46 7.19 45.83
C ALA B 71 0.54 8.65 45.55
N ASP B 72 1.71 9.24 45.52
CA ASP B 72 1.69 10.68 45.28
C ASP B 72 1.58 11.09 43.78
N ILE B 73 1.41 10.13 42.89
CA ILE B 73 1.21 10.46 41.49
C ILE B 73 -0.07 9.84 41.02
N PRO B 74 -1.00 10.68 40.55
CA PRO B 74 -2.24 10.10 40.07
C PRO B 74 -1.97 9.16 38.88
N ASP B 75 -2.63 8.02 38.90
CA ASP B 75 -2.36 6.92 37.99
C ASP B 75 -3.43 7.03 36.90
N TYR B 76 -3.07 7.67 35.80
CA TYR B 76 -4.03 7.98 34.74
C TYR B 76 -4.65 6.71 34.21
N PHE B 77 -3.83 5.65 34.21
CA PHE B 77 -4.14 4.37 33.57
C PHE B 77 -5.02 3.47 34.41
N LYS B 78 -4.69 3.22 35.66
CA LYS B 78 -5.57 2.41 36.47
C LYS B 78 -6.92 3.10 36.75
N GLN B 79 -6.99 4.41 36.77
CA GLN B 79 -8.27 5.09 36.95
C GLN B 79 -9.27 4.94 35.79
N THR B 80 -8.83 4.66 34.56
CA THR B 80 -9.82 4.68 33.44
C THR B 80 -10.56 3.39 33.28
N PHE B 81 -10.26 2.41 34.12
CA PHE B 81 -10.94 1.14 34.05
C PHE B 81 -12.18 1.18 34.95
N PRO B 82 -13.23 0.38 34.62
CA PRO B 82 -13.30 -0.68 33.61
C PRO B 82 -13.43 -0.22 32.15
N GLU B 83 -13.74 1.06 31.93
CA GLU B 83 -14.07 1.54 30.59
C GLU B 83 -12.91 1.36 29.62
N GLY B 84 -11.71 1.61 30.11
CA GLY B 84 -10.53 1.56 29.29
C GLY B 84 -10.02 2.86 28.65
N TYR B 85 -9.07 2.66 27.75
CA TYR B 85 -8.41 3.75 27.12
C TYR B 85 -7.85 3.32 25.81
N SER B 86 -7.47 4.28 24.98
CA SER B 86 -6.70 3.98 23.77
C SER B 86 -5.40 4.81 23.72
N TRP B 87 -4.50 4.42 22.80
CA TRP B 87 -3.32 5.19 22.56
C TRP B 87 -2.83 5.09 21.14
N GLU B 88 -2.10 6.12 20.70
CA GLU B 88 -1.58 6.27 19.36
C GLU B 88 -0.19 6.76 19.46
N ARG B 89 0.69 6.09 18.75
CA ARG B 89 2.10 6.30 18.89
C ARG B 89 2.76 6.50 17.55
N THR B 90 3.71 7.43 17.49
CA THR B 90 4.58 7.45 16.35
C THR B 90 6.02 7.11 16.77
N MET B 91 6.67 6.26 15.98
CA MET B 91 8.04 5.83 16.30
C MET B 91 8.85 6.31 15.14
N SER B 92 9.67 7.34 15.37
CA SER B 92 10.50 7.94 14.30
C SER B 92 11.94 7.52 14.51
N TYR B 93 12.40 6.72 13.56
CA TYR B 93 13.74 6.19 13.55
C TYR B 93 14.72 7.19 12.90
N GLU B 94 15.98 7.13 13.30
CA GLU B 94 16.94 8.14 12.86
C GLU B 94 17.30 7.96 11.36
N ASP B 95 16.98 6.82 10.78
CA ASP B 95 17.14 6.57 9.33
C ASP B 95 15.85 6.87 8.54
N ASN B 96 14.97 7.68 9.13
CA ASN B 96 13.68 8.10 8.56
C ASN B 96 12.60 7.08 8.40
N ALA B 97 12.84 5.86 8.84
CA ALA B 97 11.72 4.95 8.89
C ALA B 97 10.78 5.46 9.99
N ILE B 98 9.52 5.03 9.90
CA ILE B 98 8.48 5.51 10.76
C ILE B 98 7.44 4.41 10.97
N CYS B 99 6.96 4.28 12.21
CA CYS B 99 5.89 3.36 12.55
C CYS B 99 4.77 4.16 13.19
N ASN B 100 3.55 3.87 12.75
CA ASN B 100 2.35 4.39 13.32
C ASN B 100 1.56 3.26 13.97
N VAL B 101 1.18 3.41 15.22
CA VAL B 101 0.59 2.31 16.00
C VAL B 101 -0.58 2.81 16.82
N ARG B 102 -1.70 2.08 16.78
CA ARG B 102 -2.85 2.35 17.63
C ARG B 102 -3.19 1.16 18.45
N SER B 103 -3.66 1.39 19.67
CA SER B 103 -4.16 0.28 20.45
C SER B 103 -5.35 0.67 21.20
N GLU B 104 -6.35 -0.20 21.18
CA GLU B 104 -7.58 -0.02 21.95
C GLU B 104 -7.59 -1.03 23.09
N ILE B 105 -7.74 -0.55 24.33
CA ILE B 105 -7.62 -1.40 25.49
C ILE B 105 -8.92 -1.45 26.29
N SER B 106 -9.41 -2.66 26.50
CA SER B 106 -10.65 -2.91 27.24
C SER B 106 -10.40 -3.92 28.35
N MET B 107 -11.37 -4.04 29.24
CA MET B 107 -11.24 -4.92 30.41
C MET B 107 -12.58 -5.62 30.66
N GLU B 108 -12.51 -6.84 31.16
CA GLU B 108 -13.65 -7.72 31.29
C GLU B 108 -13.24 -8.63 32.45
N GLY B 109 -13.90 -8.53 33.60
CA GLY B 109 -13.47 -9.37 34.74
C GLY B 109 -11.97 -9.22 34.97
N ASP B 110 -11.22 -10.32 34.93
CA ASP B 110 -9.81 -10.25 35.25
C ASP B 110 -8.88 -10.11 34.04
N CYS B 111 -9.42 -9.76 32.87
CA CYS B 111 -8.68 -9.84 31.61
C CYS B 111 -8.68 -8.53 30.87
N PHE B 112 -7.52 -8.04 30.47
CA PHE B 112 -7.42 -6.86 29.55
C PHE B 112 -7.42 -7.42 28.15
N THR B 113 -8.06 -6.74 27.21
CA THR B 113 -7.97 -7.13 25.81
C THR B 113 -7.45 -5.94 25.01
N TYR B 114 -6.47 -6.18 24.15
CA TYR B 114 -5.95 -5.11 23.31
C TYR B 114 -6.25 -5.37 21.81
N LYS B 115 -6.63 -4.33 21.09
CA LYS B 115 -6.74 -4.38 19.61
C LYS B 115 -5.72 -3.43 19.07
N ILE B 116 -4.79 -3.96 18.30
CA ILE B 116 -3.64 -3.18 17.91
C ILE B 116 -3.46 -3.15 16.44
N ARG B 117 -3.23 -1.98 15.90
CA ARG B 117 -2.82 -1.86 14.53
C ARG B 117 -1.40 -1.33 14.45
N PHE B 118 -0.55 -2.04 13.71
CA PHE B 118 0.87 -1.66 13.60
C PHE B 118 1.29 -1.47 12.18
N ASP B 119 1.64 -0.26 11.77
CA ASP B 119 2.04 0.01 10.40
C ASP B 119 3.40 0.62 10.38
N GLY B 120 4.29 0.04 9.59
CA GLY B 120 5.63 0.59 9.51
C GLY B 120 6.13 0.67 8.11
N LYS B 121 6.90 1.72 7.85
CA LYS B 121 7.38 2.00 6.50
C LYS B 121 8.76 2.67 6.40
N ASN B 122 9.34 2.56 5.20
CA ASN B 122 10.60 3.21 4.84
C ASN B 122 11.81 2.74 5.64
N PHE B 123 11.77 1.45 6.03
CA PHE B 123 12.94 0.82 6.63
C PHE B 123 13.90 0.46 5.49
N PRO B 124 15.13 0.98 5.49
CA PRO B 124 16.11 0.59 4.48
C PRO B 124 16.35 -0.91 4.48
N PRO B 125 16.31 -1.57 3.31
CA PRO B 125 16.63 -2.98 3.20
C PRO B 125 17.93 -3.40 3.84
N ASN B 126 18.94 -2.54 3.86
CA ASN B 126 20.24 -2.85 4.52
C ASN B 126 20.40 -2.39 5.96
N GLY B 127 19.44 -1.63 6.47
CA GLY B 127 19.48 -1.12 7.85
C GLY B 127 19.29 -2.22 8.84
N PRO B 128 19.60 -1.93 10.11
CA PRO B 128 19.56 -2.95 11.14
C PRO B 128 18.21 -3.60 11.35
N VAL B 129 17.13 -2.92 11.03
CA VAL B 129 15.82 -3.54 11.25
C VAL B 129 15.48 -4.64 10.24
N MET B 130 15.68 -4.36 8.96
CA MET B 130 15.46 -5.37 7.91
C MET B 130 16.55 -6.44 7.86
N GLN B 131 17.76 -6.12 8.31
CA GLN B 131 18.85 -7.10 8.39
C GLN B 131 18.82 -7.85 9.72
N LYS B 132 17.88 -7.51 10.61
CA LYS B 132 17.75 -8.15 11.92
C LYS B 132 19.04 -8.11 12.71
N LYS B 133 19.60 -6.92 12.88
CA LYS B 133 20.84 -6.78 13.67
C LYS B 133 20.62 -6.20 15.07
N THR B 134 19.36 -6.15 15.54
CA THR B 134 19.06 -5.67 16.86
C THR B 134 19.23 -6.78 17.88
N LEU B 135 19.76 -6.39 19.04
CA LEU B 135 19.86 -7.32 20.17
C LEU B 135 18.69 -7.07 21.12
N LYS B 136 18.29 -5.81 21.30
CA LYS B 136 17.29 -5.46 22.33
C LYS B 136 17.08 -3.93 22.39
N TRP B 137 16.10 -3.52 23.17
CA TRP B 137 15.94 -2.12 23.53
C TRP B 137 16.73 -1.92 24.78
N GLU B 138 17.35 -0.75 24.91
CA GLU B 138 17.90 -0.35 26.15
C GLU B 138 16.74 0.01 27.10
N PRO B 139 16.97 -0.13 28.40
CA PRO B 139 15.99 0.49 29.26
C PRO B 139 15.85 1.97 28.95
N SER B 140 14.81 2.61 29.48
CA SER B 140 14.41 3.97 29.12
C SER B 140 13.68 4.67 30.25
N THR B 141 13.53 5.96 30.05
CA THR B 141 12.76 6.84 30.87
C THR B 141 11.84 7.65 29.99
N GLU B 142 10.53 7.39 30.10
CA GLU B 142 9.49 8.10 29.34
C GLU B 142 9.04 9.38 30.10
N LYS B 143 8.85 10.51 29.41
CA LYS B 143 8.38 11.75 30.07
C LYS B 143 6.86 11.87 29.84
N MET B 144 6.12 11.91 30.95
CA MET B 144 4.65 12.00 30.99
C MET B 144 4.19 13.43 31.31
N TYR B 145 3.34 13.97 30.46
CA TYR B 145 2.81 15.30 30.61
C TYR B 145 1.43 15.40 29.94
N VAL B 146 0.54 16.07 30.65
CA VAL B 146 -0.81 16.34 30.20
C VAL B 146 -0.79 17.30 29.01
N ARG B 147 -1.63 17.05 28.01
CA ARG B 147 -1.89 17.99 26.91
C ARG B 147 -3.39 17.88 26.63
N ASP B 148 -4.07 19.05 26.52
CA ASP B 148 -5.48 19.19 26.06
C ASP B 148 -6.34 18.16 26.76
N GLY B 149 -6.19 18.07 28.08
CA GLY B 149 -7.01 17.11 28.84
C GLY B 149 -6.68 15.61 28.82
N PHE B 150 -5.65 15.21 28.08
CA PHE B 150 -5.19 13.80 28.08
C PHE B 150 -3.69 13.76 28.40
N LEU B 151 -3.12 12.57 28.37
CA LEU B 151 -1.75 12.35 28.83
C LEU B 151 -0.88 12.00 27.62
N MET B 152 0.20 12.74 27.42
CA MET B 152 1.20 12.36 26.45
C MET B 152 2.39 11.68 27.17
N GLY B 153 3.09 10.84 26.43
CA GLY B 153 4.38 10.26 26.88
C GLY B 153 5.34 10.20 25.73
N ASP B 154 6.55 10.78 25.91
CA ASP B 154 7.59 10.74 24.93
C ASP B 154 8.86 10.08 25.53
N VAL B 155 9.48 9.19 24.76
CA VAL B 155 10.65 8.50 25.22
C VAL B 155 11.69 8.33 24.15
N ASN B 156 12.92 8.75 24.47
CA ASN B 156 14.07 8.48 23.58
C ASN B 156 14.51 7.03 23.75
N MET B 157 14.34 6.23 22.68
CA MET B 157 14.56 4.81 22.75
C MET B 157 15.81 4.46 21.94
N ALA B 158 16.46 3.37 22.29
CA ALA B 158 17.62 2.95 21.51
C ALA B 158 17.73 1.46 21.45
N LEU B 159 17.93 0.95 20.26
CA LEU B 159 18.22 -0.47 20.01
C LEU B 159 19.68 -0.74 20.12
N LEU B 160 20.08 -1.66 20.98
CA LEU B 160 21.43 -2.15 20.99
C LEU B 160 21.62 -3.02 19.75
N LEU B 161 22.71 -2.77 19.02
CA LEU B 161 23.09 -3.56 17.84
C LEU B 161 24.20 -4.56 18.18
N ASP B 162 24.29 -5.67 17.46
CA ASP B 162 25.47 -6.52 17.69
C ASP B 162 26.60 -5.98 16.86
N GLY B 163 27.77 -5.95 17.46
CA GLY B 163 28.79 -4.99 17.06
C GLY B 163 28.87 -3.95 18.17
N GLY B 164 27.71 -3.54 18.70
CA GLY B 164 27.69 -2.70 19.90
C GLY B 164 27.25 -1.26 19.70
N GLY B 165 27.03 -0.82 18.47
CA GLY B 165 26.38 0.48 18.28
C GLY B 165 24.91 0.49 18.74
N HIS B 166 24.27 1.61 18.53
CA HIS B 166 22.88 1.81 18.88
C HIS B 166 22.17 2.43 17.71
N HIS B 167 20.87 2.18 17.64
CA HIS B 167 20.06 2.73 16.56
C HIS B 167 18.89 3.40 17.26
N ARG B 168 18.81 4.73 17.13
CA ARG B 168 17.85 5.54 17.87
C ARG B 168 16.48 5.65 17.24
N CYS B 169 15.47 5.58 18.10
CA CYS B 169 14.08 5.77 17.68
C CYS B 169 13.38 6.65 18.69
N ASP B 170 12.58 7.61 18.25
CA ASP B 170 11.90 8.49 19.24
C ASP B 170 10.39 8.19 19.23
N PHE B 171 9.84 7.82 20.40
CA PHE B 171 8.43 7.55 20.54
C PHE B 171 7.71 8.81 21.01
N LYS B 172 6.56 9.06 20.41
CA LYS B 172 5.60 10.01 20.90
C LYS B 172 4.25 9.32 21.03
N THR B 173 3.67 9.40 22.22
CA THR B 173 2.43 8.70 22.50
C THR B 173 1.37 9.61 23.13
N SER B 174 0.16 9.59 22.57
CA SER B 174 -0.99 10.19 23.22
C SER B 174 -1.85 9.06 23.79
N TYR B 175 -2.12 9.16 25.10
CA TYR B 175 -2.91 8.21 25.84
C TYR B 175 -4.21 8.91 26.23
N LYS B 176 -5.36 8.33 25.86
CA LYS B 176 -6.70 8.92 25.99
C LYS B 176 -7.67 8.05 26.75
N ALA B 177 -7.94 8.45 27.97
CA ALA B 177 -8.92 7.78 28.81
C ALA B 177 -10.26 7.88 28.19
N LYS B 178 -11.11 6.90 28.43
CA LYS B 178 -12.51 6.96 27.96
C LYS B 178 -13.37 7.72 28.95
N LYS B 179 -12.90 7.93 30.17
CA LYS B 179 -13.66 8.79 31.07
C LYS B 179 -12.80 9.83 31.77
N VAL B 180 -13.45 10.79 32.43
CA VAL B 180 -12.74 11.79 33.22
C VAL B 180 -11.99 11.11 34.37
N VAL B 181 -10.69 11.37 34.48
CA VAL B 181 -9.88 10.88 35.61
C VAL B 181 -9.10 12.04 36.23
N GLN B 182 -8.53 11.85 37.40
CA GLN B 182 -7.63 12.85 37.96
C GLN B 182 -6.28 12.85 37.17
N LEU B 183 -5.91 14.01 36.64
CA LEU B 183 -4.74 14.18 35.80
C LEU B 183 -3.51 14.45 36.64
N PRO B 184 -2.43 13.71 36.38
CA PRO B 184 -1.19 13.85 37.11
C PRO B 184 -0.39 15.05 36.66
N ASP B 185 0.53 15.52 37.50
CA ASP B 185 1.56 16.46 37.09
C ASP B 185 2.67 15.72 36.33
N TYR B 186 3.59 16.54 35.79
CA TYR B 186 4.75 16.06 35.07
C TYR B 186 5.47 14.99 35.85
N HIS B 187 5.70 13.83 35.22
CA HIS B 187 6.46 12.76 35.84
C HIS B 187 7.12 11.87 34.79
N PHE B 188 7.84 10.85 35.28
CA PHE B 188 8.62 9.97 34.45
C PHE B 188 8.16 8.54 34.69
N VAL B 189 8.31 7.69 33.68
CA VAL B 189 8.10 6.26 33.82
C VAL B 189 9.36 5.54 33.35
N ASP B 190 10.05 4.83 34.24
CA ASP B 190 11.23 4.12 33.82
C ASP B 190 10.80 2.75 33.31
N HIS B 191 11.38 2.30 32.18
CA HIS B 191 11.07 0.99 31.65
C HIS B 191 12.29 0.12 31.49
N ARG B 192 12.08 -1.20 31.45
CA ARG B 192 13.00 -2.16 30.88
C ARG B 192 12.20 -3.23 30.18
N ASN B 193 12.25 -3.21 28.85
CA ASN B 193 11.59 -4.23 28.05
C ASN B 193 12.58 -5.30 27.59
N GLU B 194 12.18 -6.57 27.66
CA GLU B 194 13.09 -7.72 27.45
C GLU B 194 12.40 -8.90 26.81
N ILE B 195 12.97 -9.40 25.71
CA ILE B 195 12.53 -10.71 25.22
C ILE B 195 13.20 -11.78 26.10
N LEU B 196 12.42 -12.60 26.81
CA LEU B 196 13.03 -13.65 27.65
C LEU B 196 13.42 -14.94 26.89
N SER B 197 12.62 -15.33 25.91
CA SER B 197 12.94 -16.49 25.09
C SER B 197 12.22 -16.33 23.77
N HIS B 198 12.70 -17.02 22.73
CA HIS B 198 12.03 -17.00 21.43
C HIS B 198 12.44 -18.25 20.67
N ASP B 199 11.69 -18.64 19.66
CA ASP B 199 12.18 -19.69 18.78
C ASP B 199 12.96 -18.99 17.64
N ARG B 200 13.61 -19.76 16.78
CA ARG B 200 14.54 -19.17 15.82
C ARG B 200 13.97 -17.99 15.05
N ASP B 201 12.77 -18.16 14.49
CA ASP B 201 12.11 -17.18 13.59
C ASP B 201 11.29 -16.12 14.32
N TYR B 202 11.23 -16.25 15.66
CA TYR B 202 10.44 -15.35 16.51
C TYR B 202 8.94 -15.50 16.21
N SER B 203 8.55 -16.66 15.71
CA SER B 203 7.13 -16.94 15.57
C SER B 203 6.53 -17.10 16.95
N LYS B 204 7.38 -17.49 17.90
CA LYS B 204 6.98 -17.72 19.29
C LYS B 204 7.89 -16.84 20.18
N VAL B 205 7.32 -15.95 20.97
CA VAL B 205 8.11 -14.97 21.74
C VAL B 205 7.52 -14.75 23.12
N LYS B 206 8.40 -14.81 24.13
CA LYS B 206 8.10 -14.49 25.54
C LYS B 206 8.75 -13.16 25.90
N LEU B 207 7.92 -12.24 26.36
CA LEU B 207 8.20 -10.82 26.44
C LEU B 207 7.85 -10.28 27.81
N TYR B 208 8.80 -9.59 28.45
CA TYR B 208 8.64 -9.05 29.79
C TYR B 208 8.85 -7.54 29.87
N GLU B 209 8.06 -6.85 30.68
CA GLU B 209 8.26 -5.43 30.98
C GLU B 209 8.17 -5.13 32.48
N ASN B 210 9.17 -4.37 32.96
CA ASN B 210 9.17 -3.72 34.24
C ASN B 210 9.00 -2.21 33.97
N ALA B 211 8.00 -1.60 34.59
CA ALA B 211 7.76 -0.16 34.53
C ALA B 211 7.42 0.40 35.90
N VAL B 212 8.07 1.51 36.24
CA VAL B 212 7.82 2.18 37.49
C VAL B 212 7.82 3.71 37.27
N ALA B 213 6.78 4.36 37.76
CA ALA B 213 6.62 5.81 37.72
C ALA B 213 7.34 6.46 38.90
N ARG B 214 7.89 7.67 38.71
CA ARG B 214 8.58 8.42 39.77
C ARG B 214 8.53 9.90 39.39
N TYR B 215 8.79 10.77 40.35
CA TYR B 215 9.27 12.15 40.09
C TYR B 215 10.77 12.12 39.92
N SER B 216 11.42 13.25 39.67
CA SER B 216 12.88 13.31 39.72
C SER B 216 13.42 12.86 41.10
N LEU B 217 14.48 12.10 41.07
CA LEU B 217 15.24 11.75 42.27
C LEU B 217 15.92 13.02 42.91
N LEU B 218 16.30 13.98 42.07
CA LEU B 218 17.05 15.15 42.51
C LEU B 218 16.20 16.15 43.26
N PRO B 219 16.64 16.55 44.42
CA PRO B 219 15.88 17.54 45.16
C PRO B 219 15.92 18.91 44.48
N SER B 220 14.90 19.69 44.70
CA SER B 220 14.85 21.02 44.14
C SER B 220 15.52 22.03 45.07
N GLN B 221 16.32 22.93 44.52
CA GLN B 221 17.03 23.97 45.29
C GLN B 221 16.32 25.30 45.43
N ALA B 222 15.29 25.58 44.61
CA ALA B 222 14.55 26.88 44.66
C ALA B 222 13.01 26.73 44.67
N SER C 2 42.56 14.71 40.22
CA SER C 2 43.81 14.66 39.41
C SER C 2 44.03 16.04 38.72
N VAL C 3 43.64 16.18 37.45
CA VAL C 3 43.71 17.50 36.80
C VAL C 3 42.44 18.23 37.24
N ILE C 4 41.38 17.47 37.49
CA ILE C 4 40.12 18.07 37.89
C ILE C 4 40.06 18.22 39.40
N LYS C 5 39.87 19.45 39.88
CA LYS C 5 39.78 19.74 41.31
C LYS C 5 38.37 19.57 41.86
N GLN C 6 38.34 19.26 43.14
CA GLN C 6 37.14 19.13 43.92
C GLN C 6 36.22 20.34 43.74
N GLU C 7 36.83 21.52 43.65
CA GLU C 7 36.13 22.77 43.35
C GLU C 7 36.81 23.48 42.19
N MET C 8 36.04 23.79 41.15
CA MET C 8 36.53 24.47 39.94
C MET C 8 35.70 25.71 39.71
N LYS C 9 36.31 26.72 39.14
CA LYS C 9 35.63 27.93 38.79
C LYS C 9 35.21 27.87 37.33
N ILE C 10 34.36 28.81 36.95
CA ILE C 10 33.88 28.82 35.57
C ILE C 10 33.92 30.25 35.07
N LYS C 11 34.39 30.40 33.84
CA LYS C 11 34.26 31.68 33.09
C LYS C 11 33.65 31.37 31.75
N LEU C 12 32.68 32.19 31.30
CA LEU C 12 32.11 31.98 29.99
C LEU C 12 31.72 33.21 29.24
N HIS C 13 31.68 33.06 27.91
CA HIS C 13 31.27 34.13 27.02
C HIS C 13 30.34 33.52 26.01
N MET C 14 29.13 34.06 25.88
CA MET C 14 28.16 33.62 24.82
C MET C 14 27.83 34.75 23.87
N GLU C 15 27.92 34.48 22.57
CA GLU C 15 27.37 35.34 21.56
C GLU C 15 26.13 34.67 21.04
N GLY C 16 25.06 35.45 20.85
CA GLY C 16 23.80 34.89 20.43
C GLY C 16 22.93 35.78 19.56
N ASN C 17 22.02 35.10 18.88
CA ASN C 17 21.01 35.74 18.08
C ASN C 17 19.79 34.85 18.11
N VAL C 18 18.69 35.40 18.58
CA VAL C 18 17.42 34.71 18.65
C VAL C 18 16.35 35.55 17.92
N ASN C 19 15.73 34.97 16.90
CA ASN C 19 14.77 35.67 16.06
C ASN C 19 15.25 37.05 15.53
N GLY C 20 16.53 37.17 15.20
CA GLY C 20 17.06 38.48 14.71
C GLY C 20 17.61 39.40 15.81
N HIS C 21 17.37 39.06 17.07
CA HIS C 21 17.86 39.84 18.22
C HIS C 21 19.16 39.28 18.70
N ALA C 22 20.20 40.11 18.54
CA ALA C 22 21.56 39.84 18.92
C ALA C 22 21.76 40.08 20.42
N PHE C 23 22.56 39.23 21.09
CA PHE C 23 22.95 39.51 22.50
C PHE C 23 24.32 38.90 22.81
N VAL C 24 24.90 39.33 23.92
CA VAL C 24 26.17 38.79 24.43
C VAL C 24 25.97 38.60 25.92
N ILE C 25 26.39 37.44 26.44
CA ILE C 25 26.30 37.18 27.88
C ILE C 25 27.63 36.64 28.41
N GLU C 26 28.02 37.17 29.55
CA GLU C 26 29.25 36.85 30.22
C GLU C 26 28.82 36.01 31.42
N GLY C 27 29.64 35.09 31.88
CA GLY C 27 29.32 34.51 33.17
C GLY C 27 30.52 34.09 33.93
N ASP C 28 30.35 34.02 35.24
CA ASP C 28 31.27 33.22 36.05
C ASP C 28 30.63 32.67 37.30
N GLY C 29 31.33 31.73 37.90
CA GLY C 29 30.78 30.92 38.98
C GLY C 29 31.77 29.83 39.32
N LYS C 30 31.25 28.76 39.88
CA LYS C 30 32.04 27.74 40.57
C LYS C 30 31.16 26.52 40.70
N GLY C 31 31.75 25.36 40.83
CA GLY C 31 30.99 24.18 41.13
C GLY C 31 31.85 23.06 41.61
N LYS C 32 31.22 21.92 41.86
CA LYS C 32 31.88 20.73 42.39
C LYS C 32 31.73 19.58 41.38
N PRO C 33 32.76 19.40 40.53
CA PRO C 33 32.62 18.45 39.44
C PRO C 33 32.21 17.02 39.81
N TYR C 34 32.81 16.46 40.85
CA TYR C 34 32.51 15.11 41.34
C TYR C 34 31.14 15.02 42.04
N ASP C 35 30.70 16.14 42.65
CA ASP C 35 29.31 16.28 43.18
C ASP C 35 28.23 16.50 42.14
N GLY C 36 28.62 17.00 40.97
CA GLY C 36 27.68 17.33 39.93
C GLY C 36 26.78 18.52 40.19
N THR C 37 27.32 19.54 40.86
CA THR C 37 26.55 20.72 41.21
C THR C 37 27.36 21.94 40.80
N GLN C 38 26.67 23.06 40.56
CA GLN C 38 27.34 24.28 40.14
C GLN C 38 26.38 25.48 40.22
N THR C 39 26.94 26.66 40.42
CA THR C 39 26.21 27.90 40.42
C THR C 39 26.92 28.93 39.53
N LEU C 40 26.20 29.45 38.54
CA LEU C 40 26.75 30.44 37.64
C LEU C 40 26.00 31.73 37.87
N ASN C 41 26.71 32.85 37.82
CA ASN C 41 26.10 34.20 37.77
C ASN C 41 26.28 34.85 36.40
N LEU C 42 25.16 35.22 35.81
CA LEU C 42 25.11 35.62 34.42
C LEU C 42 24.71 37.06 34.22
N THR C 43 25.42 37.71 33.32
CA THR C 43 25.18 39.07 33.04
C THR C 43 24.98 39.27 31.55
N VAL C 44 23.86 39.88 31.17
CA VAL C 44 23.69 40.38 29.80
C VAL C 44 24.55 41.64 29.58
N LYS C 45 25.58 41.56 28.73
CA LYS C 45 26.44 42.72 28.40
C LYS C 45 25.90 43.57 27.25
N GLU C 46 25.35 42.92 26.24
CA GLU C 46 24.71 43.57 25.10
C GLU C 46 23.40 42.88 24.84
N GLY C 47 22.45 43.66 24.35
CA GLY C 47 21.14 43.18 23.92
C GLY C 47 20.02 43.24 24.94
N ALA C 48 20.28 43.76 26.13
CA ALA C 48 19.24 43.94 27.16
C ALA C 48 18.20 44.96 26.73
N PRO C 49 16.95 44.83 27.20
CA PRO C 49 16.34 43.68 27.92
C PRO C 49 16.04 42.52 26.94
N LEU C 50 16.41 41.27 27.23
CA LEU C 50 16.16 40.19 26.25
C LEU C 50 14.64 40.06 26.02
N PRO C 51 14.18 40.01 24.74
CA PRO C 51 12.72 39.90 24.46
C PRO C 51 12.22 38.48 24.42
N PHE C 52 12.97 37.50 24.90
CA PHE C 52 12.51 36.10 24.90
C PHE C 52 12.87 35.45 26.23
N SER C 53 12.32 34.26 26.43
CA SER C 53 12.46 33.49 27.66
C SER C 53 13.89 33.10 27.94
N TYR C 54 14.39 33.45 29.11
CA TYR C 54 15.78 33.15 29.45
C TYR C 54 16.01 31.64 29.48
N ASP C 55 14.94 30.92 29.77
CA ASP C 55 15.04 29.49 29.90
C ASP C 55 15.62 28.80 28.66
N ILE C 56 15.56 29.40 27.48
CA ILE C 56 16.06 28.71 26.30
C ILE C 56 17.56 28.65 26.25
N LEU C 57 18.20 29.46 27.08
CA LEU C 57 19.64 29.60 27.06
C LEU C 57 20.30 28.78 28.17
N THR C 58 19.55 28.40 29.20
CA THR C 58 20.18 27.93 30.46
C THR C 58 21.02 26.67 30.31
N ALA C 59 20.48 25.69 29.60
CA ALA C 59 21.25 24.49 29.28
C ALA C 59 22.47 24.73 28.40
N ALA C 60 22.59 25.90 27.75
CA ALA C 60 23.85 26.20 27.00
C ALA C 60 24.95 26.64 27.94
N PHE C 61 24.54 27.28 29.04
CA PHE C 61 25.47 27.64 30.14
C PHE C 61 25.89 26.41 30.98
N1 CRQ C 62 25.02 25.28 31.25
CA1 CRQ C 62 24.74 24.23 31.92
CB1 CRQ C 62 24.38 24.32 33.39
CG1 CRQ C 62 24.81 25.63 34.07
C1 CRQ C 62 24.58 23.04 31.09
N2 CRQ C 62 23.48 22.33 31.21
N3 CRQ C 62 25.38 22.66 30.02
C2 CRQ C 62 24.76 21.64 29.49
O2 CRQ C 62 25.15 20.97 28.47
CA2 CRQ C 62 23.55 21.41 30.23
CA3 CRQ C 62 26.58 23.36 29.54
CB2 CRQ C 62 22.58 20.35 29.99
CG2 CRQ C 62 21.29 20.09 30.65
CD1 CRQ C 62 20.52 19.12 30.02
CD2 CRQ C 62 20.76 20.78 31.73
CE1 CRQ C 62 19.26 18.77 30.52
CE2 CRQ C 62 19.50 20.43 32.24
CZ CRQ C 62 18.76 19.44 31.62
OH CRQ C 62 17.55 19.10 32.09
OE1 CRQ C 62 22.97 25.58 35.64
C3 CRQ C 62 27.87 22.64 29.33
O3 CRQ C 62 28.75 23.23 28.69
CD3 CRQ C 62 24.14 25.88 35.42
NE1 CRQ C 62 24.88 26.47 36.33
N ASN C 63 28.18 22.05 30.85
CA ASN C 63 29.49 21.39 30.82
C ASN C 63 29.27 20.12 31.56
N ARG C 64 29.20 18.99 30.86
CA ARG C 64 29.00 17.74 31.56
C ARG C 64 30.18 17.34 32.44
N ALA C 65 31.25 18.11 32.51
CA ALA C 65 32.24 17.86 33.57
C ALA C 65 31.59 17.96 34.96
N PHE C 66 30.52 18.75 35.09
CA PHE C 66 29.76 18.85 36.34
C PHE C 66 28.65 17.79 36.34
N THR C 67 29.09 16.56 36.59
CA THR C 67 28.21 15.42 36.67
C THR C 67 28.79 14.43 37.64
N ARG C 68 27.96 13.97 38.56
CA ARG C 68 28.35 12.94 39.47
C ARG C 68 28.28 11.57 38.81
N TYR C 69 29.41 10.87 38.80
CA TYR C 69 29.52 9.60 38.07
C TYR C 69 29.78 8.47 39.06
N PRO C 70 29.12 7.33 38.86
CA PRO C 70 29.52 6.12 39.59
C PRO C 70 30.87 5.57 39.09
N ALA C 71 31.55 4.86 39.98
CA ALA C 71 32.89 4.30 39.75
C ALA C 71 32.99 3.34 38.57
N ASP C 72 31.90 2.65 38.32
CA ASP C 72 31.95 1.65 37.26
C ASP C 72 31.49 2.22 35.84
N ILE C 73 31.17 3.50 35.70
CA ILE C 73 30.87 4.10 34.36
C ILE C 73 31.96 5.07 33.98
N PRO C 74 32.70 4.77 32.94
CA PRO C 74 33.74 5.71 32.55
C PRO C 74 33.17 7.15 32.25
N ASP C 75 33.90 8.14 32.73
CA ASP C 75 33.52 9.51 32.70
C ASP C 75 34.19 10.14 31.48
N TYR C 76 33.42 10.26 30.40
CA TYR C 76 33.86 10.83 29.15
C TYR C 76 34.42 12.23 29.37
N PHE C 77 33.71 13.01 30.15
CA PHE C 77 33.94 14.43 30.24
C PHE C 77 35.21 14.76 31.02
N LYS C 78 35.41 14.14 32.15
CA LYS C 78 36.56 14.46 32.98
C LYS C 78 37.86 13.88 32.41
N GLN C 79 37.78 12.75 31.72
CA GLN C 79 38.98 12.19 31.10
C GLN C 79 39.60 13.12 30.02
N THR C 80 38.80 14.01 29.43
CA THR C 80 39.24 14.80 28.28
C THR C 80 40.13 15.96 28.67
N PHE C 81 40.22 16.29 29.96
CA PHE C 81 41.01 17.44 30.43
C PHE C 81 42.45 17.05 30.80
N PRO C 82 43.40 18.00 30.75
CA PRO C 82 43.21 19.48 30.55
C PRO C 82 42.76 19.96 29.14
N GLU C 83 42.88 19.12 28.11
CA GLU C 83 42.79 19.64 26.74
C GLU C 83 41.37 20.05 26.38
N GLY C 84 40.39 19.42 27.05
CA GLY C 84 39.00 19.78 26.93
C GLY C 84 38.19 19.11 25.85
N TYR C 85 37.09 19.74 25.50
CA TYR C 85 36.18 19.14 24.56
C TYR C 85 35.29 20.21 24.03
N SER C 86 34.50 19.88 23.00
CA SER C 86 33.43 20.73 22.52
C SER C 86 32.13 19.93 22.31
N TRP C 87 31.01 20.65 22.22
CA TRP C 87 29.74 20.04 21.94
C TRP C 87 28.91 20.94 21.03
N GLU C 88 27.96 20.29 20.35
CA GLU C 88 27.07 20.93 19.35
C GLU C 88 25.70 20.29 19.57
N ARG C 89 24.70 21.12 19.64
CA ARG C 89 23.40 20.70 20.09
C ARG C 89 22.34 21.28 19.13
N THR C 90 21.36 20.49 18.76
CA THR C 90 20.17 21.01 18.15
C THR C 90 19.04 20.96 19.18
N MET C 91 18.29 22.04 19.26
CA MET C 91 17.11 22.08 20.12
C MET C 91 15.90 22.23 19.18
N SER C 92 15.13 21.16 19.04
CA SER C 92 13.93 21.13 18.20
C SER C 92 12.63 21.32 18.99
N TYR C 93 11.97 22.44 18.77
CA TYR C 93 10.76 22.74 19.56
C TYR C 93 9.52 22.19 18.86
N GLU C 94 8.45 21.94 19.61
CA GLU C 94 7.25 21.30 19.03
C GLU C 94 6.50 22.28 18.12
N ASP C 95 6.71 23.59 18.29
CA ASP C 95 6.16 24.56 17.33
C ASP C 95 7.07 24.88 16.10
N ASN C 96 8.05 23.99 15.84
CA ASN C 96 9.04 24.10 14.75
C ASN C 96 10.10 25.18 14.84
N ALA C 97 10.17 25.89 15.96
CA ALA C 97 11.35 26.66 16.24
C ALA C 97 12.60 25.77 16.38
N ILE C 98 13.78 26.37 16.19
CA ILE C 98 15.00 25.59 16.16
C ILE C 98 16.14 26.43 16.75
N CYS C 99 16.90 25.87 17.69
CA CYS C 99 18.17 26.52 18.10
C CYS C 99 19.34 25.61 17.74
N ASN C 100 20.46 26.21 17.40
CA ASN C 100 21.72 25.51 17.17
C ASN C 100 22.78 26.16 18.04
N VAL C 101 23.47 25.34 18.82
CA VAL C 101 24.35 25.80 19.87
C VAL C 101 25.66 25.07 19.81
N ARG C 102 26.75 25.78 19.97
CA ARG C 102 28.00 25.08 20.19
C ARG C 102 28.86 25.70 21.27
N SER C 103 29.63 24.87 21.94
CA SER C 103 30.44 25.35 23.05
C SER C 103 31.76 24.68 22.94
N GLU C 104 32.82 25.44 23.25
CA GLU C 104 34.20 24.94 23.29
C GLU C 104 34.65 25.13 24.71
N ILE C 105 35.08 24.02 25.33
CA ILE C 105 35.37 23.99 26.75
C ILE C 105 36.84 23.64 27.01
N SER C 106 37.56 24.59 27.59
CA SER C 106 38.97 24.45 27.87
C SER C 106 39.20 24.72 29.35
N MET C 107 40.39 24.41 29.84
CA MET C 107 40.72 24.77 31.21
C MET C 107 42.13 25.34 31.36
N GLU C 108 42.33 26.10 32.44
CA GLU C 108 43.66 26.33 33.00
C GLU C 108 43.61 26.66 34.47
N GLY C 109 44.53 26.01 35.18
CA GLY C 109 44.51 25.98 36.61
C GLY C 109 43.25 25.29 37.07
N ASP C 110 42.55 25.94 37.96
CA ASP C 110 41.32 25.44 38.50
C ASP C 110 40.09 26.11 37.83
N CYS C 111 40.19 26.51 36.55
CA CYS C 111 39.14 27.31 35.89
C CYS C 111 38.78 26.75 34.51
N PHE C 112 37.51 26.43 34.37
CA PHE C 112 36.93 26.10 33.09
C PHE C 112 36.55 27.41 32.39
N THR C 113 36.83 27.46 31.07
CA THR C 113 36.36 28.54 30.21
C THR C 113 35.55 27.99 29.09
N TYR C 114 34.40 28.63 28.83
CA TYR C 114 33.55 28.25 27.70
C TYR C 114 33.34 29.41 26.77
N LYS C 115 33.32 29.09 25.49
CA LYS C 115 33.04 30.02 24.41
C LYS C 115 31.86 29.46 23.66
N ILE C 116 30.73 30.12 23.76
CA ILE C 116 29.45 29.58 23.33
C ILE C 116 28.88 30.44 22.22
N ARG C 117 28.43 29.77 21.14
CA ARG C 117 27.67 30.40 20.10
C ARG C 117 26.26 29.84 20.14
N PHE C 118 25.26 30.74 20.13
CA PHE C 118 23.84 30.39 20.29
C PHE C 118 22.94 31.09 19.24
N ASP C 119 22.24 30.28 18.41
CA ASP C 119 21.37 30.73 17.34
C ASP C 119 19.99 30.07 17.40
N GLY C 120 18.96 30.90 17.61
CA GLY C 120 17.59 30.47 17.58
C GLY C 120 16.81 31.17 16.50
N LYS C 121 15.89 30.43 15.90
CA LYS C 121 15.01 30.98 14.88
C LYS C 121 13.72 30.25 14.72
N ASN C 122 12.81 30.95 14.04
CA ASN C 122 11.49 30.47 13.72
C ASN C 122 10.64 30.22 14.97
N PHE C 123 10.91 30.98 16.01
CA PHE C 123 10.02 31.04 17.12
C PHE C 123 8.75 31.83 16.74
N PRO C 124 7.57 31.19 16.80
CA PRO C 124 6.36 31.98 16.54
C PRO C 124 6.30 33.24 17.42
N PRO C 125 5.87 34.37 16.84
CA PRO C 125 5.91 35.66 17.57
C PRO C 125 5.02 35.73 18.77
N ASN C 126 3.96 34.92 18.79
CA ASN C 126 3.05 34.84 19.93
C ASN C 126 3.19 33.56 20.74
N GLY C 127 4.22 32.81 20.46
CA GLY C 127 4.49 31.65 21.28
C GLY C 127 5.08 31.94 22.66
N PRO C 128 5.25 30.88 23.45
CA PRO C 128 5.67 31.08 24.82
C PRO C 128 7.10 31.52 25.00
N VAL C 129 7.96 31.25 24.01
CA VAL C 129 9.34 31.72 24.12
C VAL C 129 9.40 33.24 23.98
N MET C 130 8.84 33.72 22.87
CA MET C 130 8.86 35.16 22.54
C MET C 130 7.94 36.01 23.41
N GLN C 131 6.89 35.42 23.99
CA GLN C 131 6.05 36.15 24.96
C GLN C 131 6.40 35.89 26.44
N LYS C 132 7.53 35.25 26.73
CA LYS C 132 8.00 35.06 28.11
C LYS C 132 6.96 34.45 29.02
N LYS C 133 6.42 33.32 28.61
CA LYS C 133 5.44 32.58 29.39
C LYS C 133 5.99 31.27 30.01
N THR C 134 7.31 31.09 30.00
CA THR C 134 7.89 29.90 30.64
C THR C 134 8.12 30.14 32.12
N LEU C 135 8.00 29.09 32.93
CA LEU C 135 8.39 29.17 34.36
C LEU C 135 9.73 28.49 34.61
N LYS C 136 9.98 27.36 33.95
CA LYS C 136 11.25 26.64 34.11
C LYS C 136 11.27 25.45 33.17
N TRP C 137 12.42 24.80 33.09
CA TRP C 137 12.52 23.45 32.59
C TRP C 137 12.14 22.48 33.72
N GLU C 138 11.58 21.36 33.32
CA GLU C 138 11.41 20.28 34.19
C GLU C 138 12.75 19.61 34.35
N PRO C 139 12.92 18.88 35.46
CA PRO C 139 14.01 17.95 35.52
C PRO C 139 13.86 16.94 34.41
N SER C 140 14.92 16.22 34.12
CA SER C 140 15.01 15.34 32.93
C SER C 140 15.96 14.18 33.11
N THR C 141 15.95 13.31 32.11
CA THR C 141 16.85 12.14 32.06
C THR C 141 17.41 12.08 30.62
N GLU C 142 18.70 12.41 30.48
CA GLU C 142 19.39 12.37 29.18
C GLU C 142 19.98 10.97 28.91
N LYS C 143 19.89 10.54 27.66
CA LYS C 143 20.34 9.23 27.23
C LYS C 143 21.68 9.39 26.53
N MET C 144 22.68 8.64 27.02
CA MET C 144 24.05 8.79 26.60
C MET C 144 24.48 7.55 25.84
N TYR C 145 24.97 7.75 24.64
CA TYR C 145 25.34 6.64 23.79
C TYR C 145 26.46 7.05 22.80
N VAL C 146 27.44 6.17 22.69
CA VAL C 146 28.54 6.30 21.76
C VAL C 146 28.06 6.21 20.30
N ARG C 147 28.50 7.15 19.49
CA ARG C 147 28.33 7.11 18.03
C ARG C 147 29.62 7.58 17.43
N ASP C 148 30.10 6.82 16.46
CA ASP C 148 31.33 7.20 15.72
C ASP C 148 32.54 7.54 16.63
N GLY C 149 32.68 6.81 17.73
CA GLY C 149 33.85 7.01 18.60
C GLY C 149 33.71 8.25 19.49
N PHE C 150 32.60 8.95 19.42
CA PHE C 150 32.39 10.05 20.37
C PHE C 150 31.09 9.83 21.06
N LEU C 151 30.68 10.78 21.90
CA LEU C 151 29.49 10.55 22.75
C LEU C 151 28.32 11.43 22.36
N MET C 152 27.16 10.82 22.18
CA MET C 152 25.94 11.62 22.03
C MET C 152 25.10 11.58 23.29
N GLY C 153 24.37 12.69 23.51
CA GLY C 153 23.31 12.74 24.53
C GLY C 153 22.03 13.31 23.96
N ASP C 154 20.92 12.60 24.08
CA ASP C 154 19.62 13.08 23.61
C ASP C 154 18.64 13.16 24.79
N VAL C 155 17.90 14.26 24.91
CA VAL C 155 17.03 14.39 26.03
C VAL C 155 15.75 15.11 25.67
N ASN C 156 14.62 14.53 26.08
CA ASN C 156 13.35 15.16 25.89
C ASN C 156 13.14 16.16 27.01
N MET C 157 13.04 17.46 26.66
CA MET C 157 12.88 18.54 27.62
C MET C 157 11.48 19.14 27.52
N ALA C 158 11.07 19.79 28.59
CA ALA C 158 9.78 20.46 28.63
C ALA C 158 9.87 21.69 29.45
N LEU C 159 9.25 22.75 28.97
CA LEU C 159 9.12 24.00 29.71
C LEU C 159 7.80 23.97 30.39
N LEU C 160 7.77 24.16 31.69
CA LEU C 160 6.48 24.37 32.35
C LEU C 160 6.03 25.81 32.06
N LEU C 161 4.77 26.00 31.68
CA LEU C 161 4.20 27.35 31.37
C LEU C 161 3.30 27.89 32.50
N ASP C 162 3.18 29.21 32.69
CA ASP C 162 2.06 29.68 33.58
C ASP C 162 0.81 29.57 32.75
N GLY C 163 -0.22 29.06 33.39
CA GLY C 163 -1.28 28.42 32.65
C GLY C 163 -1.28 27.00 33.13
N GLY C 164 -0.11 26.35 33.16
CA GLY C 164 -0.06 24.98 33.68
C GLY C 164 0.33 23.88 32.68
N GLY C 165 0.26 24.16 31.39
CA GLY C 165 0.78 23.19 30.42
C GLY C 165 2.32 23.20 30.28
N HIS C 166 2.78 22.37 29.35
CA HIS C 166 4.15 22.22 28.96
C HIS C 166 4.37 22.53 27.46
N HIS C 167 5.60 22.96 27.13
CA HIS C 167 6.03 23.16 25.78
C HIS C 167 7.29 22.35 25.58
N ARG C 168 7.26 21.41 24.64
CA ARG C 168 8.34 20.45 24.52
C ARG C 168 9.47 20.90 23.60
N CYS C 169 10.66 20.47 23.95
CA CYS C 169 11.82 20.62 23.07
C CYS C 169 12.70 19.35 23.12
N ASP C 170 13.16 18.88 21.97
CA ASP C 170 14.05 17.72 21.92
C ASP C 170 15.51 18.19 21.67
N PHE C 171 16.41 17.81 22.59
CA PHE C 171 17.84 18.15 22.51
C PHE C 171 18.54 16.95 21.97
N LYS C 172 19.34 17.19 20.95
CA LYS C 172 20.34 16.24 20.50
C LYS C 172 21.70 16.90 20.61
N THR C 173 22.57 16.26 21.37
CA THR C 173 23.90 16.79 21.57
C THR C 173 24.98 15.78 21.14
N SER C 174 25.98 16.28 20.43
CA SER C 174 27.22 15.53 20.17
C SER C 174 28.34 16.11 21.02
N TYR C 175 28.96 15.30 21.91
CA TYR C 175 30.11 15.71 22.73
C TYR C 175 31.39 15.05 22.23
N LYS C 176 32.39 15.87 21.91
CA LYS C 176 33.64 15.37 21.31
C LYS C 176 34.92 15.71 22.07
N ALA C 177 35.50 14.69 22.68
CA ALA C 177 36.79 14.83 23.33
C ALA C 177 37.89 15.26 22.33
N LYS C 178 38.85 16.05 22.81
CA LYS C 178 40.01 16.41 21.96
C LYS C 178 41.11 15.34 22.03
N LYS C 179 40.93 14.28 22.80
CA LYS C 179 41.90 13.19 22.79
C LYS C 179 41.25 11.84 23.06
N VAL C 180 42.07 10.80 23.00
CA VAL C 180 41.63 9.45 23.24
C VAL C 180 41.18 9.31 24.70
N VAL C 181 40.02 8.71 24.88
CA VAL C 181 39.37 8.65 26.16
C VAL C 181 38.65 7.30 26.22
N GLN C 182 38.50 6.74 27.41
CA GLN C 182 37.86 5.43 27.56
C GLN C 182 36.35 5.70 27.49
N LEU C 183 35.67 4.96 26.62
CA LEU C 183 34.25 5.22 26.32
C LEU C 183 33.35 4.38 27.19
N PRO C 184 32.22 4.95 27.65
CA PRO C 184 31.20 4.22 28.39
C PRO C 184 30.15 3.46 27.55
N ASP C 185 29.54 2.50 28.20
CA ASP C 185 28.34 1.89 27.71
C ASP C 185 27.16 2.89 27.85
N TYR C 186 26.04 2.50 27.25
CA TYR C 186 24.76 3.22 27.30
C TYR C 186 24.44 3.54 28.74
N HIS C 187 24.20 4.80 29.02
CA HIS C 187 23.67 5.16 30.34
C HIS C 187 22.85 6.44 30.30
N PHE C 188 22.55 6.96 31.49
CA PHE C 188 21.61 8.04 31.67
C PHE C 188 22.25 9.11 32.50
N VAL C 189 21.87 10.36 32.28
CA VAL C 189 22.19 11.44 33.19
C VAL C 189 20.92 12.15 33.55
N ASP C 190 20.60 12.16 34.83
CA ASP C 190 19.49 12.92 35.37
C ASP C 190 19.94 14.34 35.65
N HIS C 191 19.08 15.32 35.34
CA HIS C 191 19.34 16.72 35.53
C HIS C 191 18.19 17.36 36.29
N ARG C 192 18.49 18.48 36.95
CA ARG C 192 17.51 19.47 37.31
C ARG C 192 18.24 20.82 37.28
N ASN C 193 17.87 21.64 36.27
CA ASN C 193 18.41 22.99 36.04
C ASN C 193 17.38 23.95 36.65
N GLU C 194 17.86 24.96 37.36
CA GLU C 194 16.98 25.92 38.05
C GLU C 194 17.65 27.28 38.12
N ILE C 195 16.86 28.28 37.79
CA ILE C 195 17.19 29.67 38.05
C ILE C 195 16.88 29.98 39.51
N LEU C 196 17.91 30.33 40.25
CA LEU C 196 17.77 30.62 41.67
C LEU C 196 17.35 32.03 41.93
N SER C 197 17.73 32.96 41.05
CA SER C 197 17.26 34.34 41.19
C SER C 197 17.67 35.07 39.96
N HIS C 198 17.05 36.21 39.77
CA HIS C 198 17.22 36.99 38.57
C HIS C 198 16.68 38.37 38.91
N ASP C 199 17.16 39.39 38.26
CA ASP C 199 16.53 40.71 38.37
C ASP C 199 15.33 40.72 37.42
N ARG C 200 14.59 41.81 37.40
CA ARG C 200 13.32 41.77 36.76
C ARG C 200 13.44 41.53 35.22
N ASP C 201 14.52 42.01 34.59
CA ASP C 201 14.78 41.80 33.17
C ASP C 201 15.53 40.49 32.80
N TYR C 202 16.10 39.80 33.79
CA TYR C 202 16.99 38.65 33.53
C TYR C 202 18.33 39.14 32.93
N SER C 203 18.70 40.39 33.23
CA SER C 203 20.04 40.83 32.86
C SER C 203 21.05 40.30 33.86
N LYS C 204 20.59 40.00 35.08
CA LYS C 204 21.39 39.31 36.07
C LYS C 204 20.64 38.04 36.37
N VAL C 205 21.31 36.90 36.23
CA VAL C 205 20.70 35.63 36.57
C VAL C 205 21.66 34.81 37.40
N LYS C 206 21.13 34.12 38.42
CA LYS C 206 21.92 33.11 39.15
C LYS C 206 21.31 31.70 38.89
N LEU C 207 22.15 30.79 38.41
CA LEU C 207 21.71 29.55 37.80
C LEU C 207 22.43 28.36 38.37
N TYR C 208 21.66 27.29 38.61
CA TYR C 208 22.13 26.09 39.32
C TYR C 208 21.75 24.84 38.57
N GLU C 209 22.65 23.87 38.51
CA GLU C 209 22.38 22.56 37.96
C GLU C 209 22.88 21.44 38.88
N ASN C 210 22.09 20.39 38.97
CA ASN C 210 22.47 19.19 39.62
C ASN C 210 22.40 18.15 38.54
N ALA C 211 23.47 17.41 38.32
CA ALA C 211 23.46 16.31 37.34
C ALA C 211 24.15 15.06 37.89
N VAL C 212 23.50 13.94 37.65
CA VAL C 212 23.86 12.63 38.20
C VAL C 212 23.71 11.54 37.14
N ALA C 213 24.79 10.82 36.82
CA ALA C 213 24.73 9.68 35.87
C ALA C 213 24.41 8.38 36.55
N ARG C 214 23.79 7.43 35.84
CA ARG C 214 23.41 6.11 36.40
C ARG C 214 23.11 5.18 35.27
N TYR C 215 23.07 3.87 35.57
CA TYR C 215 22.28 2.88 34.79
C TYR C 215 20.81 2.96 35.18
N SER C 216 19.97 2.14 34.57
CA SER C 216 18.59 1.99 35.00
C SER C 216 18.51 1.58 36.47
N LEU C 217 17.49 2.05 37.14
CA LEU C 217 17.17 1.62 38.50
C LEU C 217 16.61 0.18 38.47
N LEU C 218 16.19 -0.28 37.28
CA LEU C 218 15.49 -1.54 37.13
C LEU C 218 16.45 -2.70 36.79
N PRO C 219 16.44 -3.78 37.59
CA PRO C 219 17.28 -4.93 37.27
C PRO C 219 16.74 -5.72 36.06
N SER C 220 17.63 -6.41 35.33
CA SER C 220 17.30 -7.38 34.27
C SER C 220 16.76 -8.71 34.75
N GLN C 221 15.93 -9.35 33.93
CA GLN C 221 15.43 -10.75 34.14
C GLN C 221 16.23 -11.82 33.37
N SER D 2 -8.40 -0.43 -36.93
CA SER D 2 -9.81 -0.06 -36.63
C SER D 2 -10.16 -0.31 -35.14
N VAL D 3 -9.78 -1.43 -34.50
CA VAL D 3 -9.86 -1.49 -33.02
C VAL D 3 -8.73 -0.73 -32.32
N ILE D 4 -7.63 -0.49 -33.02
CA ILE D 4 -6.57 0.35 -32.50
C ILE D 4 -6.91 1.79 -32.93
N LYS D 5 -7.30 2.65 -31.97
CA LYS D 5 -7.68 4.06 -32.24
C LYS D 5 -6.48 4.98 -32.45
N GLN D 6 -6.72 6.12 -33.08
CA GLN D 6 -5.74 7.21 -33.27
C GLN D 6 -5.06 7.58 -31.94
N GLU D 7 -5.85 7.57 -30.85
CA GLU D 7 -5.30 7.75 -29.52
C GLU D 7 -5.70 6.59 -28.61
N MET D 8 -4.69 5.94 -28.00
CA MET D 8 -4.90 4.86 -27.00
C MET D 8 -4.24 5.22 -25.67
N LYS D 9 -4.94 4.86 -24.59
CA LYS D 9 -4.43 4.98 -23.25
C LYS D 9 -3.63 3.74 -22.83
N ILE D 10 -2.90 3.88 -21.72
CA ILE D 10 -2.07 2.80 -21.17
C ILE D 10 -2.14 2.69 -19.62
N LYS D 11 -2.34 1.47 -19.10
CA LYS D 11 -2.10 1.14 -17.70
C LYS D 11 -1.06 0.01 -17.62
N LEU D 12 -0.25 0.01 -16.56
CA LEU D 12 0.71 -1.10 -16.39
C LEU D 12 1.10 -1.36 -14.96
N HIS D 13 1.43 -2.63 -14.70
CA HIS D 13 1.93 -3.05 -13.39
C HIS D 13 3.18 -3.82 -13.73
N MET D 14 4.30 -3.42 -13.14
CA MET D 14 5.57 -4.20 -13.18
C MET D 14 5.95 -4.67 -11.77
N GLU D 15 6.22 -5.96 -11.62
CA GLU D 15 6.85 -6.59 -10.43
C GLU D 15 8.31 -6.87 -10.80
N GLY D 16 9.26 -6.58 -9.93
CA GLY D 16 10.64 -6.60 -10.32
C GLY D 16 11.59 -7.06 -9.24
N ASN D 17 12.77 -7.55 -9.64
CA ASN D 17 13.85 -7.85 -8.70
C ASN D 17 15.15 -7.69 -9.39
N VAL D 18 15.97 -6.80 -8.86
CA VAL D 18 17.29 -6.52 -9.45
C VAL D 18 18.36 -6.66 -8.36
N ASN D 19 19.29 -7.60 -8.56
CA ASN D 19 20.38 -7.88 -7.65
C ASN D 19 19.85 -8.06 -6.25
N GLY D 20 18.69 -8.72 -6.14
CA GLY D 20 18.08 -9.01 -4.85
C GLY D 20 17.08 -7.98 -4.36
N HIS D 21 17.03 -6.82 -5.00
CA HIS D 21 16.16 -5.73 -4.53
C HIS D 21 14.75 -5.77 -5.17
N ALA D 22 13.74 -6.09 -4.36
CA ALA D 22 12.34 -6.16 -4.81
C ALA D 22 11.76 -4.76 -5.03
N PHE D 23 10.96 -4.61 -6.08
CA PHE D 23 10.30 -3.39 -6.32
C PHE D 23 9.04 -3.64 -7.12
N VAL D 24 8.15 -2.65 -7.08
CA VAL D 24 6.90 -2.67 -7.84
C VAL D 24 6.74 -1.26 -8.41
N ILE D 25 6.41 -1.16 -9.70
CA ILE D 25 6.17 0.13 -10.35
C ILE D 25 4.87 0.08 -11.06
N GLU D 26 4.11 1.17 -10.97
CA GLU D 26 2.82 1.30 -11.64
C GLU D 26 2.92 2.40 -12.68
N GLY D 27 2.14 2.28 -13.74
CA GLY D 27 2.22 3.28 -14.75
C GLY D 27 0.94 3.61 -15.42
N ASP D 28 0.97 4.80 -16.00
CA ASP D 28 -0.22 5.40 -16.57
C ASP D 28 0.13 6.34 -17.72
N GLY D 29 -0.70 6.38 -18.75
CA GLY D 29 -0.44 7.31 -19.87
C GLY D 29 -1.23 7.03 -21.14
N LYS D 30 -0.66 7.47 -22.24
CA LYS D 30 -1.38 7.50 -23.50
C LYS D 30 -0.42 7.74 -24.64
N GLY D 31 -0.84 7.44 -25.85
CA GLY D 31 -0.04 7.72 -27.02
C GLY D 31 -0.82 7.60 -28.31
N LYS D 32 -0.08 7.64 -29.41
CA LYS D 32 -0.63 7.75 -30.75
C LYS D 32 -0.03 6.61 -31.60
N PRO D 33 -0.72 5.48 -31.63
CA PRO D 33 -0.10 4.28 -32.17
C PRO D 33 0.33 4.41 -33.61
N TYR D 34 -0.45 5.13 -34.43
CA TYR D 34 -0.08 5.35 -35.85
C TYR D 34 1.00 6.39 -36.07
N ASP D 35 1.30 7.22 -35.04
CA ASP D 35 2.46 8.13 -35.10
C ASP D 35 3.69 7.47 -34.53
N GLY D 36 3.47 6.40 -33.76
CA GLY D 36 4.51 5.73 -32.98
C GLY D 36 5.10 6.58 -31.85
N THR D 37 4.28 7.38 -31.19
CA THR D 37 4.73 8.22 -30.08
C THR D 37 3.86 7.87 -28.88
N GLN D 38 4.42 8.03 -27.69
CA GLN D 38 3.70 7.73 -26.46
C GLN D 38 4.37 8.38 -25.24
N THR D 39 3.59 8.61 -24.19
CA THR D 39 4.07 9.18 -22.93
C THR D 39 3.48 8.41 -21.73
N LEU D 40 4.37 8.05 -20.82
CA LEU D 40 4.05 7.30 -19.63
C LEU D 40 4.56 8.00 -18.37
N ASN D 41 3.73 7.97 -17.34
CA ASN D 41 4.02 8.52 -16.02
C ASN D 41 4.05 7.31 -15.09
N LEU D 42 5.22 7.11 -14.50
CA LEU D 42 5.51 5.88 -13.77
C LEU D 42 5.81 6.18 -12.33
N THR D 43 5.27 5.36 -11.43
CA THR D 43 5.37 5.58 -10.02
C THR D 43 5.91 4.33 -9.32
N VAL D 44 6.98 4.45 -8.54
CA VAL D 44 7.47 3.30 -7.76
C VAL D 44 6.55 3.09 -6.56
N LYS D 45 5.81 2.01 -6.48
CA LYS D 45 4.90 1.77 -5.32
C LYS D 45 5.61 1.06 -4.18
N GLU D 46 6.65 0.27 -4.50
CA GLU D 46 7.43 -0.43 -3.48
C GLU D 46 8.87 -0.49 -3.91
N GLY D 47 9.76 -0.38 -2.92
CA GLY D 47 11.18 -0.56 -3.11
C GLY D 47 11.91 0.72 -3.42
N ALA D 48 11.22 1.84 -3.25
CA ALA D 48 11.84 3.14 -3.32
C ALA D 48 12.69 3.39 -2.08
N PRO D 49 13.83 4.09 -2.23
CA PRO D 49 14.45 4.57 -3.46
C PRO D 49 15.20 3.45 -4.19
N LEU D 50 15.07 3.38 -5.51
CA LEU D 50 15.69 2.28 -6.28
C LEU D 50 17.19 2.48 -6.27
N PRO D 51 17.98 1.43 -5.92
CA PRO D 51 19.42 1.60 -5.84
C PRO D 51 20.20 1.40 -7.15
N PHE D 52 19.49 1.35 -8.28
CA PHE D 52 20.10 1.10 -9.58
C PHE D 52 19.57 2.04 -10.64
N SER D 53 20.38 2.28 -11.67
CA SER D 53 19.98 3.14 -12.79
C SER D 53 18.58 2.80 -13.35
N TYR D 54 17.68 3.79 -13.45
CA TYR D 54 16.29 3.58 -13.93
C TYR D 54 16.26 3.22 -15.44
N ASP D 55 17.28 3.66 -16.14
CA ASP D 55 17.43 3.37 -17.53
C ASP D 55 17.30 1.85 -17.89
N ILE D 56 17.68 0.94 -16.98
CA ILE D 56 17.54 -0.50 -17.28
C ILE D 56 16.10 -0.98 -17.42
N LEU D 57 15.17 -0.17 -16.94
CA LEU D 57 13.76 -0.53 -16.96
C LEU D 57 12.98 0.07 -18.14
N THR D 58 13.49 1.10 -18.79
CA THR D 58 12.56 1.94 -19.57
C THR D 58 11.97 1.22 -20.81
N ALA D 59 12.81 0.40 -21.44
CA ALA D 59 12.41 -0.34 -22.60
C ALA D 59 11.45 -1.48 -22.19
N ALA D 60 11.39 -1.87 -20.93
CA ALA D 60 10.32 -2.74 -20.47
C ALA D 60 8.95 -2.04 -20.40
N PHE D 61 8.93 -0.73 -20.18
CA PHE D 61 7.67 0.01 -20.21
C PHE D 61 7.21 0.22 -21.65
N1 CRQ D 62 8.36 0.74 -22.70
CA1 CRQ D 62 8.53 1.12 -23.89
CB1 CRQ D 62 8.33 2.58 -24.25
CG1 CRQ D 62 7.49 3.37 -23.25
C1 CRQ D 62 9.08 0.06 -24.77
N2 CRQ D 62 10.23 0.24 -25.43
N3 CRQ D 62 8.62 -1.21 -24.88
C2 CRQ D 62 9.46 -1.83 -25.66
O2 CRQ D 62 9.38 -3.06 -26.00
CA2 CRQ D 62 10.51 -0.93 -26.02
CA3 CRQ D 62 7.49 -1.76 -24.15
CB2 CRQ D 62 11.65 -1.16 -26.90
CG2 CRQ D 62 12.71 -0.23 -27.23
CD1 CRQ D 62 13.76 -0.80 -27.94
CD2 CRQ D 62 12.79 1.10 -26.83
CE1 CRQ D 62 14.88 -0.05 -28.33
CE2 CRQ D 62 13.92 1.86 -27.21
CZ CRQ D 62 14.97 1.29 -27.96
OH CRQ D 62 16.06 2.01 -28.35
OE1 CRQ D 62 8.93 5.31 -23.54
C3 CRQ D 62 6.39 -2.48 -24.86
O3 CRQ D 62 5.51 -3.16 -24.23
CD3 CRQ D 62 7.79 4.85 -23.29
NE1 CRQ D 62 6.75 5.63 -23.05
N ASN D 63 5.69 -1.80 -25.94
CA ASN D 63 4.51 -2.12 -26.73
C ASN D 63 4.77 -1.60 -28.12
N ARG D 64 5.18 -2.50 -29.01
CA ARG D 64 5.42 -2.14 -30.40
C ARG D 64 4.11 -1.82 -31.17
N ALA D 65 2.97 -1.94 -30.51
CA ALA D 65 1.75 -1.32 -31.06
C ALA D 65 1.96 0.19 -31.31
N PHE D 66 2.79 0.83 -30.50
CA PHE D 66 3.18 2.24 -30.73
C PHE D 66 4.40 2.33 -31.67
N THR D 67 4.14 2.08 -32.95
CA THR D 67 5.20 2.17 -33.96
C THR D 67 4.58 2.65 -35.25
N ARG D 68 5.18 3.65 -35.89
CA ARG D 68 4.63 4.05 -37.17
C ARG D 68 5.02 2.99 -38.19
N TYR D 69 4.03 2.28 -38.71
CA TYR D 69 4.28 1.24 -39.73
C TYR D 69 3.87 1.71 -41.09
N PRO D 70 4.79 1.73 -42.06
CA PRO D 70 4.38 2.06 -43.43
C PRO D 70 3.40 1.02 -44.01
N ALA D 71 2.58 1.44 -44.96
CA ALA D 71 1.57 0.56 -45.53
C ALA D 71 2.13 -0.71 -46.19
N ASP D 72 3.36 -0.66 -46.65
CA ASP D 72 3.96 -1.81 -47.35
C ASP D 72 4.78 -2.73 -46.41
N ILE D 73 4.70 -2.52 -45.10
CA ILE D 73 5.24 -3.49 -44.15
C ILE D 73 4.08 -3.97 -43.25
N PRO D 74 3.77 -5.26 -43.28
CA PRO D 74 2.73 -5.70 -42.37
C PRO D 74 3.05 -5.36 -40.89
N ASP D 75 2.06 -4.83 -40.22
CA ASP D 75 2.16 -4.43 -38.83
C ASP D 75 1.65 -5.60 -37.97
N TYR D 76 2.58 -6.43 -37.55
CA TYR D 76 2.28 -7.62 -36.74
C TYR D 76 1.56 -7.27 -35.48
N PHE D 77 1.92 -6.12 -34.91
CA PHE D 77 1.47 -5.70 -33.58
C PHE D 77 0.06 -5.16 -33.61
N LYS D 78 -0.27 -4.28 -34.54
CA LYS D 78 -1.63 -3.75 -34.57
C LYS D 78 -2.63 -4.81 -35.00
N GLN D 79 -2.21 -5.74 -35.85
CA GLN D 79 -3.09 -6.83 -36.32
C GLN D 79 -3.55 -7.82 -35.22
N THR D 80 -2.77 -8.02 -34.15
CA THR D 80 -3.22 -9.00 -33.13
C THR D 80 -4.18 -8.53 -32.12
N PHE D 81 -4.64 -7.30 -32.25
CA PHE D 81 -5.66 -6.83 -31.32
C PHE D 81 -6.98 -7.07 -31.97
N PRO D 82 -8.05 -7.16 -31.17
CA PRO D 82 -8.15 -6.99 -29.69
C PRO D 82 -7.51 -8.09 -28.87
N GLU D 83 -7.19 -9.26 -29.49
CA GLU D 83 -6.73 -10.42 -28.72
C GLU D 83 -5.40 -10.18 -28.00
N GLY D 84 -4.54 -9.37 -28.58
CA GLY D 84 -3.36 -8.94 -27.86
C GLY D 84 -2.17 -9.83 -28.13
N TYR D 85 -1.12 -9.67 -27.34
CA TYR D 85 0.12 -10.43 -27.55
C TYR D 85 1.01 -10.39 -26.34
N SER D 86 2.06 -11.18 -26.35
CA SER D 86 3.04 -11.05 -25.27
C SER D 86 4.46 -11.04 -25.86
N TRP D 87 5.44 -10.68 -25.03
CA TRP D 87 6.81 -10.65 -25.45
C TRP D 87 7.76 -10.97 -24.32
N GLU D 88 8.92 -11.51 -24.70
CA GLU D 88 9.98 -11.84 -23.73
C GLU D 88 11.32 -11.41 -24.28
N ARG D 89 12.14 -10.92 -23.38
CA ARG D 89 13.36 -10.29 -23.77
C ARG D 89 14.50 -10.75 -22.92
N THR D 90 15.65 -10.93 -23.55
CA THR D 90 16.81 -11.03 -22.74
C THR D 90 17.73 -9.85 -23.04
N MET D 91 18.25 -9.25 -21.98
CA MET D 91 19.07 -8.03 -22.06
C MET D 91 20.46 -8.39 -21.57
N SER D 92 21.41 -8.54 -22.48
CA SER D 92 22.76 -9.05 -22.10
C SER D 92 23.78 -7.94 -22.10
N TYR D 93 24.25 -7.60 -20.92
CA TYR D 93 25.14 -6.42 -20.76
C TYR D 93 26.59 -6.86 -20.97
N GLU D 94 27.40 -5.93 -21.42
CA GLU D 94 28.77 -6.27 -21.80
C GLU D 94 29.62 -6.63 -20.60
N ASP D 95 29.21 -6.24 -19.37
CA ASP D 95 29.90 -6.67 -18.13
C ASP D 95 29.27 -7.91 -17.54
N ASN D 96 28.43 -8.57 -18.34
CA ASN D 96 27.83 -9.87 -18.01
C ASN D 96 26.64 -9.88 -17.08
N ALA D 97 26.10 -8.71 -16.78
CA ALA D 97 24.78 -8.68 -16.16
C ALA D 97 23.72 -9.12 -17.18
N ILE D 98 22.60 -9.59 -16.66
CA ILE D 98 21.56 -10.17 -17.46
C ILE D 98 20.21 -9.76 -16.84
N CYS D 99 19.33 -9.17 -17.66
CA CYS D 99 17.92 -9.06 -17.31
C CYS D 99 17.02 -9.91 -18.21
N ASN D 100 15.99 -10.51 -17.62
CA ASN D 100 14.94 -11.19 -18.34
C ASN D 100 13.60 -10.53 -18.05
N VAL D 101 12.86 -10.23 -19.10
CA VAL D 101 11.61 -9.54 -18.98
C VAL D 101 10.52 -10.24 -19.75
N ARG D 102 9.34 -10.24 -19.14
CA ARG D 102 8.12 -10.75 -19.72
C ARG D 102 7.05 -9.65 -19.67
N SER D 103 6.23 -9.57 -20.69
CA SER D 103 5.11 -8.64 -20.67
C SER D 103 3.93 -9.23 -21.41
N GLU D 104 2.76 -9.20 -20.79
CA GLU D 104 1.51 -9.50 -21.47
C GLU D 104 0.72 -8.23 -21.72
N ILE D 105 0.26 -8.09 -22.94
CA ILE D 105 -0.40 -6.90 -23.38
C ILE D 105 -1.80 -7.27 -23.88
N SER D 106 -2.77 -6.73 -23.17
CA SER D 106 -4.14 -6.86 -23.53
C SER D 106 -4.76 -5.47 -23.79
N MET D 107 -6.01 -5.49 -24.20
CA MET D 107 -6.70 -4.28 -24.59
C MET D 107 -8.17 -4.38 -24.18
N GLU D 108 -8.69 -3.26 -23.70
CA GLU D 108 -10.13 -3.06 -23.61
C GLU D 108 -10.53 -1.61 -23.94
N GLY D 109 -11.57 -1.47 -24.74
CA GLY D 109 -11.93 -0.12 -25.17
C GLY D 109 -10.69 0.58 -25.71
N ASP D 110 -10.38 1.77 -25.21
CA ASP D 110 -9.23 2.51 -25.71
C ASP D 110 -7.96 2.40 -24.86
N CYS D 111 -7.85 1.33 -24.06
CA CYS D 111 -6.78 1.15 -23.08
C CYS D 111 -6.02 -0.20 -23.25
N PHE D 112 -4.71 -0.08 -23.35
CA PHE D 112 -3.82 -1.21 -23.25
C PHE D 112 -3.52 -1.38 -21.79
N THR D 113 -3.51 -2.62 -21.35
CA THR D 113 -2.95 -2.98 -20.06
C THR D 113 -1.74 -3.95 -20.21
N TYR D 114 -0.65 -3.70 -19.49
CA TYR D 114 0.53 -4.60 -19.52
C TYR D 114 0.76 -5.14 -18.16
N LYS D 115 1.08 -6.43 -18.10
CA LYS D 115 1.50 -7.09 -16.87
C LYS D 115 2.92 -7.52 -17.20
N ILE D 116 3.87 -7.00 -16.40
CA ILE D 116 5.30 -7.05 -16.67
C ILE D 116 6.03 -7.68 -15.52
N ARG D 117 6.91 -8.64 -15.85
CA ARG D 117 7.84 -9.17 -14.85
C ARG D 117 9.26 -8.85 -15.28
N PHE D 118 10.03 -8.28 -14.35
CA PHE D 118 11.40 -7.83 -14.60
C PHE D 118 12.37 -8.45 -13.58
N ASP D 119 13.38 -9.18 -14.06
CA ASP D 119 14.40 -9.79 -13.21
C ASP D 119 15.78 -9.48 -13.73
N GLY D 120 16.60 -8.86 -12.89
CA GLY D 120 17.98 -8.53 -13.28
C GLY D 120 19.00 -9.06 -12.27
N LYS D 121 20.01 -9.77 -12.75
CA LYS D 121 21.02 -10.27 -11.79
C LYS D 121 22.43 -10.02 -12.28
N ASN D 122 23.33 -10.08 -11.30
CA ASN D 122 24.75 -9.92 -11.52
C ASN D 122 25.22 -8.59 -12.03
N PHE D 123 24.55 -7.50 -11.66
CA PHE D 123 25.12 -6.18 -11.96
C PHE D 123 26.33 -5.97 -11.03
N PRO D 124 27.50 -5.62 -11.60
CA PRO D 124 28.64 -5.40 -10.72
C PRO D 124 28.44 -4.17 -9.84
N PRO D 125 28.81 -4.28 -8.55
CA PRO D 125 28.65 -3.22 -7.57
C PRO D 125 29.31 -1.89 -7.96
N ASN D 126 30.44 -1.90 -8.67
CA ASN D 126 31.05 -0.61 -9.18
C ASN D 126 30.70 -0.33 -10.68
N GLY D 127 29.79 -1.11 -11.26
CA GLY D 127 29.38 -0.88 -12.65
C GLY D 127 28.49 0.36 -12.71
N PRO D 128 28.25 0.88 -13.92
CA PRO D 128 27.46 2.11 -14.09
C PRO D 128 25.96 1.96 -13.78
N VAL D 129 25.45 0.73 -13.77
CA VAL D 129 24.07 0.48 -13.39
C VAL D 129 23.91 0.68 -11.89
N MET D 130 24.72 -0.05 -11.13
CA MET D 130 24.64 0.03 -9.66
C MET D 130 25.17 1.32 -9.06
N GLN D 131 26.08 2.01 -9.74
CA GLN D 131 26.56 3.34 -9.38
C GLN D 131 25.76 4.54 -9.98
N LYS D 132 24.68 4.27 -10.73
CA LYS D 132 23.85 5.33 -11.35
C LYS D 132 24.65 6.30 -12.14
N LYS D 133 25.47 5.77 -13.04
CA LYS D 133 26.35 6.58 -13.89
C LYS D 133 25.85 6.70 -15.32
N THR D 134 24.61 6.19 -15.53
CA THR D 134 23.98 6.21 -16.86
C THR D 134 23.24 7.50 -17.00
N LEU D 135 23.33 8.06 -18.20
CA LEU D 135 22.68 9.30 -18.55
C LEU D 135 21.42 9.00 -19.38
N LYS D 136 21.53 8.16 -20.40
CA LYS D 136 20.36 7.70 -21.14
C LYS D 136 20.74 6.52 -22.05
N TRP D 137 19.75 6.01 -22.78
CA TRP D 137 19.96 5.12 -23.95
C TRP D 137 20.15 5.95 -25.19
N GLU D 138 21.12 5.55 -26.02
CA GLU D 138 21.23 6.14 -27.36
C GLU D 138 19.99 5.72 -28.17
N PRO D 139 19.67 6.42 -29.26
CA PRO D 139 18.70 5.85 -30.19
C PRO D 139 19.26 4.57 -30.78
N SER D 140 18.38 3.82 -31.46
CA SER D 140 18.67 2.48 -31.87
C SER D 140 17.90 2.11 -33.11
N THR D 141 18.34 1.01 -33.73
CA THR D 141 17.69 0.37 -34.83
C THR D 141 17.57 -1.14 -34.54
N GLU D 142 16.30 -1.57 -34.41
CA GLU D 142 15.94 -2.94 -34.07
C GLU D 142 15.67 -3.72 -35.37
N LYS D 143 16.28 -4.91 -35.47
CA LYS D 143 16.17 -5.74 -36.66
C LYS D 143 15.06 -6.76 -36.39
N MET D 144 14.01 -6.69 -37.21
CA MET D 144 12.81 -7.50 -37.02
C MET D 144 12.85 -8.61 -38.02
N TYR D 145 12.60 -9.84 -37.57
CA TYR D 145 12.53 -10.98 -38.48
C TYR D 145 11.66 -12.10 -37.96
N VAL D 146 10.98 -12.81 -38.84
CA VAL D 146 10.16 -13.95 -38.45
C VAL D 146 11.02 -15.16 -38.08
N ARG D 147 10.62 -15.83 -36.99
CA ARG D 147 11.21 -17.10 -36.56
C ARG D 147 10.10 -18.00 -36.09
N ASP D 148 9.88 -19.15 -36.75
CA ASP D 148 8.96 -20.19 -36.24
C ASP D 148 7.54 -19.67 -36.02
N GLY D 149 7.07 -18.89 -36.96
CA GLY D 149 5.68 -18.45 -36.94
C GLY D 149 5.41 -17.17 -36.18
N PHE D 150 6.39 -16.66 -35.41
CA PHE D 150 6.19 -15.44 -34.68
C PHE D 150 7.36 -14.51 -35.01
N LEU D 151 7.43 -13.37 -34.34
CA LEU D 151 8.32 -12.28 -34.76
C LEU D 151 9.40 -12.00 -33.71
N MET D 152 10.62 -11.84 -34.17
CA MET D 152 11.74 -11.57 -33.30
C MET D 152 12.26 -10.20 -33.60
N GLY D 153 12.82 -9.58 -32.57
CA GLY D 153 13.50 -8.31 -32.70
C GLY D 153 14.80 -8.24 -31.88
N ASP D 154 15.90 -7.90 -32.56
CA ASP D 154 17.21 -7.81 -31.91
C ASP D 154 17.81 -6.40 -32.05
N VAL D 155 18.32 -5.81 -30.98
CA VAL D 155 18.82 -4.45 -31.08
C VAL D 155 20.10 -4.30 -30.24
N ASN D 156 21.12 -3.67 -30.83
CA ASN D 156 22.34 -3.32 -30.12
C ASN D 156 22.08 -2.02 -29.39
N MET D 157 21.88 -2.09 -28.06
CA MET D 157 21.61 -0.91 -27.29
C MET D 157 22.88 -0.36 -26.63
N ALA D 158 22.85 0.91 -26.24
CA ALA D 158 24.00 1.51 -25.56
C ALA D 158 23.56 2.61 -24.58
N LEU D 159 24.12 2.57 -23.38
CA LEU D 159 23.89 3.62 -22.38
C LEU D 159 25.00 4.65 -22.49
N LEU D 160 24.68 5.93 -22.65
CA LEU D 160 25.70 7.00 -22.57
C LEU D 160 25.95 7.26 -21.09
N LEU D 161 27.21 7.38 -20.70
CA LEU D 161 27.61 7.51 -19.28
C LEU D 161 28.16 8.89 -18.94
N ASP D 162 28.18 9.31 -17.67
CA ASP D 162 29.02 10.51 -17.38
C ASP D 162 30.38 9.99 -17.05
N GLY D 163 31.34 10.67 -17.66
CA GLY D 163 32.57 10.04 -18.10
C GLY D 163 32.60 10.32 -19.60
N GLY D 164 31.44 10.25 -20.27
CA GLY D 164 31.32 10.51 -21.75
C GLY D 164 31.41 9.33 -22.77
N GLY D 165 31.71 8.11 -22.27
CA GLY D 165 31.72 6.84 -23.06
C GLY D 165 30.40 6.06 -22.98
N HIS D 166 30.46 4.76 -23.30
CA HIS D 166 29.24 3.90 -23.47
C HIS D 166 29.32 2.51 -22.87
N HIS D 167 28.19 2.06 -22.33
CA HIS D 167 28.02 0.70 -21.85
C HIS D 167 26.97 -0.04 -22.73
N ARG D 168 27.38 -1.15 -23.37
CA ARG D 168 26.54 -1.87 -24.35
C ARG D 168 25.63 -2.94 -23.73
N CYS D 169 24.47 -3.09 -24.32
CA CYS D 169 23.50 -4.11 -23.91
C CYS D 169 22.90 -4.68 -25.15
N ASP D 170 22.89 -5.98 -25.30
CA ASP D 170 22.24 -6.58 -26.47
C ASP D 170 20.86 -7.10 -26.07
N PHE D 171 19.82 -6.60 -26.75
CA PHE D 171 18.45 -7.06 -26.52
C PHE D 171 18.14 -8.10 -27.56
N LYS D 172 17.55 -9.19 -27.09
CA LYS D 172 16.90 -10.18 -27.94
C LYS D 172 15.51 -10.42 -27.47
N THR D 173 14.54 -10.20 -28.35
CA THR D 173 13.13 -10.27 -27.99
C THR D 173 12.31 -11.11 -28.94
N SER D 174 11.40 -11.89 -28.36
CA SER D 174 10.46 -12.71 -29.13
C SER D 174 9.08 -12.13 -28.87
N TYR D 175 8.38 -11.72 -29.91
CA TYR D 175 7.02 -11.19 -29.80
C TYR D 175 6.05 -12.25 -30.30
N LYS D 176 5.00 -12.57 -29.51
CA LYS D 176 3.99 -13.60 -29.87
C LYS D 176 2.53 -13.19 -29.88
N ALA D 177 2.05 -12.95 -31.08
CA ALA D 177 0.64 -12.70 -31.33
C ALA D 177 -0.27 -13.81 -30.79
N LYS D 178 -1.34 -13.42 -30.13
CA LYS D 178 -2.36 -14.40 -29.71
C LYS D 178 -3.35 -14.76 -30.82
N LYS D 179 -3.19 -14.19 -31.98
CA LYS D 179 -4.09 -14.46 -33.08
C LYS D 179 -3.13 -14.63 -34.22
N VAL D 180 -3.47 -15.45 -35.20
CA VAL D 180 -2.64 -15.60 -36.39
C VAL D 180 -2.88 -14.43 -37.31
N VAL D 181 -1.79 -13.97 -37.88
CA VAL D 181 -1.79 -12.68 -38.51
C VAL D 181 -0.86 -12.69 -39.72
N GLN D 182 -0.92 -11.66 -40.56
CA GLN D 182 0.01 -11.64 -41.68
C GLN D 182 1.42 -11.27 -41.17
N LEU D 183 2.43 -12.05 -41.55
CA LEU D 183 3.79 -11.86 -41.08
C LEU D 183 4.58 -10.98 -42.06
N PRO D 184 5.45 -10.11 -41.53
CA PRO D 184 6.16 -9.20 -42.40
C PRO D 184 7.45 -9.78 -42.90
N ASP D 185 8.05 -9.15 -43.90
CA ASP D 185 9.40 -9.44 -44.27
C ASP D 185 10.35 -8.74 -43.27
N TYR D 186 11.62 -9.11 -43.36
CA TYR D 186 12.68 -8.44 -42.62
C TYR D 186 12.58 -6.95 -42.77
N HIS D 187 12.69 -6.25 -41.65
CA HIS D 187 12.65 -4.80 -41.65
C HIS D 187 13.23 -4.27 -40.38
N PHE D 188 13.19 -2.96 -40.21
CA PHE D 188 13.85 -2.28 -39.09
C PHE D 188 12.87 -1.39 -38.31
N VAL D 189 13.06 -1.34 -36.99
CA VAL D 189 12.39 -0.35 -36.21
C VAL D 189 13.37 0.61 -35.54
N ASP D 190 13.25 1.88 -35.87
CA ASP D 190 14.12 2.91 -35.31
C ASP D 190 13.42 3.38 -34.06
N HIS D 191 14.21 3.55 -33.00
CA HIS D 191 13.72 4.01 -31.71
C HIS D 191 14.54 5.21 -31.20
N ARG D 192 13.88 6.04 -30.41
CA ARG D 192 14.51 7.00 -29.53
C ARG D 192 13.69 7.09 -28.26
N ASN D 193 14.25 6.52 -27.19
CA ASN D 193 13.60 6.50 -25.94
C ASN D 193 14.24 7.51 -24.98
N GLU D 194 13.42 8.29 -24.26
CA GLU D 194 13.88 9.44 -23.44
C GLU D 194 13.04 9.63 -22.20
N ILE D 195 13.71 9.75 -21.06
CA ILE D 195 13.10 10.23 -19.80
C ILE D 195 12.98 11.73 -19.83
N LEU D 196 11.75 12.22 -19.88
CA LEU D 196 11.50 13.63 -20.10
C LEU D 196 11.68 14.43 -18.83
N SER D 197 11.21 13.87 -17.73
CA SER D 197 11.46 14.44 -16.43
C SER D 197 11.48 13.32 -15.40
N HIS D 198 12.01 13.64 -14.23
CA HIS D 198 11.98 12.75 -13.10
C HIS D 198 12.20 13.56 -11.84
N ASP D 199 11.71 13.03 -10.73
CA ASP D 199 12.13 13.48 -9.40
C ASP D 199 13.50 12.85 -9.10
N ARG D 200 14.16 13.27 -8.01
CA ARG D 200 15.60 12.99 -7.85
C ARG D 200 15.92 11.51 -7.64
N ASP D 201 14.96 10.80 -7.07
CA ASP D 201 15.00 9.37 -6.77
C ASP D 201 14.54 8.48 -7.92
N TYR D 202 13.88 9.09 -8.91
CA TYR D 202 13.22 8.41 -10.02
C TYR D 202 12.03 7.55 -9.59
N SER D 203 11.47 7.88 -8.43
CA SER D 203 10.19 7.35 -7.99
C SER D 203 9.03 7.90 -8.83
N LYS D 204 9.20 9.09 -9.41
CA LYS D 204 8.29 9.63 -10.44
C LYS D 204 9.08 9.83 -11.70
N VAL D 205 8.63 9.24 -12.81
CA VAL D 205 9.30 9.37 -14.09
C VAL D 205 8.27 9.63 -15.16
N LYS D 206 8.57 10.58 -16.04
CA LYS D 206 7.81 10.75 -17.26
C LYS D 206 8.68 10.27 -18.44
N LEU D 207 8.16 9.28 -19.14
CA LEU D 207 8.92 8.55 -20.17
C LEU D 207 8.26 8.60 -21.56
N TYR D 208 9.08 8.87 -22.58
CA TYR D 208 8.66 9.03 -23.95
C TYR D 208 9.41 8.12 -24.87
N GLU D 209 8.70 7.61 -25.88
CA GLU D 209 9.30 6.78 -26.94
C GLU D 209 8.80 7.22 -28.30
N ASN D 210 9.71 7.29 -29.25
CA ASN D 210 9.37 7.44 -30.66
C ASN D 210 9.89 6.22 -31.41
N ALA D 211 9.00 5.52 -32.10
CA ALA D 211 9.37 4.35 -32.93
C ALA D 211 8.70 4.35 -34.30
N VAL D 212 9.53 4.08 -35.33
CA VAL D 212 9.17 4.16 -36.72
C VAL D 212 9.82 3.02 -37.49
N ALA D 213 8.98 2.22 -38.18
CA ALA D 213 9.38 1.07 -38.96
C ALA D 213 9.77 1.50 -40.37
N ARG D 214 10.71 0.79 -40.95
CA ARG D 214 11.20 1.10 -42.28
C ARG D 214 11.91 -0.13 -42.86
N TYR D 215 12.06 -0.11 -44.18
CA TYR D 215 13.05 -0.90 -44.90
C TYR D 215 14.39 -0.12 -44.90
N SER D 216 15.44 -0.69 -45.50
CA SER D 216 16.68 0.04 -45.75
C SER D 216 16.40 1.37 -46.49
N LEU D 217 17.13 2.42 -46.10
CA LEU D 217 17.19 3.66 -46.84
C LEU D 217 17.96 3.47 -48.13
N LEU D 218 18.76 2.42 -48.21
CA LEU D 218 19.65 2.17 -49.36
C LEU D 218 18.98 1.37 -50.47
N PRO D 219 19.01 1.89 -51.70
CA PRO D 219 18.42 1.14 -52.82
C PRO D 219 19.20 -0.12 -53.16
N SER D 220 18.53 -1.12 -53.71
CA SER D 220 19.16 -2.39 -54.10
C SER D 220 19.77 -2.26 -55.50
N GLN D 221 20.92 -2.87 -55.76
CA GLN D 221 21.44 -2.91 -57.16
C GLN D 221 20.83 -4.05 -57.99
N ALA D 222 20.99 -5.30 -57.55
CA ALA D 222 20.72 -6.45 -58.44
C ALA D 222 19.93 -7.56 -57.76
N SER E 2 -44.74 -10.15 40.03
CA SER E 2 -45.13 -10.87 38.78
C SER E 2 -45.75 -9.92 37.71
N VAL E 3 -47.01 -9.51 37.99
CA VAL E 3 -47.95 -8.77 37.10
C VAL E 3 -48.31 -9.46 35.75
N ILE E 4 -47.35 -9.61 34.82
CA ILE E 4 -47.57 -10.47 33.64
C ILE E 4 -47.50 -11.94 34.08
N LYS E 5 -48.61 -12.65 34.00
CA LYS E 5 -48.71 -14.01 34.47
C LYS E 5 -48.16 -14.98 33.42
N GLN E 6 -47.99 -16.24 33.81
CA GLN E 6 -47.51 -17.30 32.93
C GLN E 6 -48.58 -17.58 31.87
N GLU E 7 -49.82 -17.25 32.23
CA GLU E 7 -50.96 -17.28 31.32
C GLU E 7 -51.74 -15.96 31.36
N MET E 8 -51.95 -15.35 30.19
CA MET E 8 -52.72 -14.12 30.10
C MET E 8 -53.77 -14.27 29.01
N LYS E 9 -54.99 -13.88 29.34
CA LYS E 9 -56.12 -13.89 28.43
C LYS E 9 -56.06 -12.62 27.60
N ILE E 10 -56.78 -12.62 26.49
CA ILE E 10 -56.85 -11.47 25.59
C ILE E 10 -58.29 -11.24 25.24
N LYS E 11 -58.66 -9.98 25.22
CA LYS E 11 -59.89 -9.55 24.62
C LYS E 11 -59.54 -8.38 23.71
N LEU E 12 -60.21 -8.27 22.56
CA LEU E 12 -59.95 -7.12 21.68
C LEU E 12 -61.17 -6.67 20.86
N HIS E 13 -61.06 -5.46 20.35
CA HIS E 13 -62.05 -4.82 19.49
C HIS E 13 -61.29 -3.96 18.39
N MET E 14 -61.55 -4.28 17.14
CA MET E 14 -60.95 -3.60 16.00
C MET E 14 -62.08 -2.92 15.20
N GLU E 15 -61.85 -1.67 14.86
CA GLU E 15 -62.72 -0.94 13.96
C GLU E 15 -61.91 -0.68 12.72
N GLY E 16 -62.45 -1.09 11.59
CA GLY E 16 -61.69 -1.06 10.36
C GLY E 16 -62.42 -0.58 9.14
N ASN E 17 -61.60 -0.12 8.20
CA ASN E 17 -61.99 0.17 6.85
C ASN E 17 -60.91 -0.19 5.88
N VAL E 18 -61.26 -0.93 4.84
CA VAL E 18 -60.32 -1.34 3.79
C VAL E 18 -60.97 -1.04 2.43
N ASN E 19 -60.28 -0.28 1.59
CA ASN E 19 -60.87 0.17 0.31
C ASN E 19 -62.33 0.60 0.40
N GLY E 20 -62.72 1.31 1.45
CA GLY E 20 -64.08 1.85 1.58
C GLY E 20 -65.04 0.91 2.28
N HIS E 21 -64.67 -0.36 2.49
CA HIS E 21 -65.53 -1.32 3.19
C HIS E 21 -65.37 -1.34 4.72
N ALA E 22 -66.40 -0.90 5.43
CA ALA E 22 -66.39 -0.83 6.89
C ALA E 22 -66.54 -2.21 7.52
N PHE E 23 -65.87 -2.43 8.66
CA PHE E 23 -66.05 -3.67 9.42
C PHE E 23 -65.64 -3.52 10.89
N VAL E 24 -66.13 -4.45 11.70
CA VAL E 24 -65.77 -4.54 13.12
C VAL E 24 -65.50 -6.00 13.41
N ILE E 25 -64.39 -6.27 14.12
CA ILE E 25 -64.01 -7.62 14.54
C ILE E 25 -63.79 -7.61 16.02
N GLU E 26 -64.18 -8.68 16.70
CA GLU E 26 -63.85 -8.86 18.12
C GLU E 26 -63.09 -10.16 18.31
N GLY E 27 -62.27 -10.26 19.34
CA GLY E 27 -61.65 -11.53 19.61
C GLY E 27 -61.40 -11.79 21.07
N ASP E 28 -61.38 -13.07 21.41
CA ASP E 28 -61.00 -13.61 22.71
C ASP E 28 -59.98 -14.66 22.47
N GLY E 29 -59.08 -14.84 23.42
CA GLY E 29 -58.20 -15.99 23.43
C GLY E 29 -57.25 -15.97 24.61
N LYS E 30 -56.14 -16.68 24.48
CA LYS E 30 -55.13 -16.72 25.52
C LYS E 30 -53.69 -17.09 25.02
N GLY E 31 -52.68 -16.71 25.77
CA GLY E 31 -51.33 -17.14 25.47
C GLY E 31 -50.42 -17.23 26.67
N LYS E 32 -49.15 -17.39 26.36
CA LYS E 32 -48.14 -17.61 27.35
C LYS E 32 -47.03 -16.61 27.07
N PRO E 33 -47.07 -15.47 27.74
CA PRO E 33 -46.20 -14.36 27.37
C PRO E 33 -44.72 -14.69 27.41
N TYR E 34 -44.33 -15.63 28.28
CA TYR E 34 -42.91 -16.03 28.49
C TYR E 34 -42.45 -17.11 27.52
N ASP E 35 -43.40 -17.83 26.90
CA ASP E 35 -43.08 -18.73 25.80
C ASP E 35 -43.19 -18.03 24.46
N GLY E 36 -43.94 -16.91 24.41
CA GLY E 36 -44.11 -16.17 23.18
C GLY E 36 -45.12 -16.86 22.28
N THR E 37 -46.10 -17.55 22.87
CA THR E 37 -47.14 -18.25 22.10
C THR E 37 -48.47 -17.65 22.43
N GLN E 38 -49.46 -17.81 21.56
CA GLN E 38 -50.79 -17.31 21.80
C GLN E 38 -51.77 -17.80 20.73
N THR E 39 -53.02 -17.98 21.15
CA THR E 39 -54.08 -18.23 20.21
C THR E 39 -55.24 -17.24 20.38
N LEU E 40 -55.75 -16.78 19.25
CA LEU E 40 -56.92 -15.94 19.22
C LEU E 40 -58.02 -16.54 18.36
N ASN E 41 -59.22 -16.42 18.86
CA ASN E 41 -60.44 -16.72 18.14
C ASN E 41 -61.17 -15.40 17.87
N LEU E 42 -61.32 -15.08 16.59
CA LEU E 42 -61.78 -13.76 16.13
C LEU E 42 -63.05 -13.92 15.38
N THR E 43 -63.93 -12.93 15.48
CA THR E 43 -65.28 -13.01 14.90
C THR E 43 -65.60 -11.66 14.25
N VAL E 44 -66.07 -11.67 13.02
CA VAL E 44 -66.44 -10.44 12.36
C VAL E 44 -67.82 -10.09 12.88
N LYS E 45 -67.96 -8.93 13.49
CA LYS E 45 -69.25 -8.50 14.03
C LYS E 45 -70.04 -7.69 13.03
N GLU E 46 -69.35 -6.88 12.24
CA GLU E 46 -70.04 -6.11 11.19
C GLU E 46 -69.18 -6.12 9.95
N GLY E 47 -69.82 -6.14 8.78
CA GLY E 47 -69.14 -6.07 7.52
C GLY E 47 -68.94 -7.40 6.82
N ALA E 48 -69.54 -8.48 7.34
CA ALA E 48 -69.42 -9.79 6.69
C ALA E 48 -70.27 -9.84 5.42
N PRO E 49 -69.83 -10.57 4.37
CA PRO E 49 -68.51 -11.25 4.22
C PRO E 49 -67.40 -10.27 3.81
N LEU E 50 -66.23 -10.36 4.45
CA LEU E 50 -65.13 -9.45 4.13
C LEU E 50 -64.68 -9.70 2.69
N PRO E 51 -64.63 -8.64 1.86
CA PRO E 51 -64.27 -8.72 0.43
C PRO E 51 -62.76 -8.72 0.08
N PHE E 52 -61.91 -8.91 1.09
CA PHE E 52 -60.50 -8.79 0.93
C PHE E 52 -59.81 -9.86 1.80
N SER E 53 -58.54 -10.07 1.52
CA SER E 53 -57.74 -11.08 2.20
C SER E 53 -57.63 -10.79 3.70
N TYR E 54 -57.98 -11.77 4.51
CA TYR E 54 -57.88 -11.67 5.94
C TYR E 54 -56.43 -11.47 6.42
N ASP E 55 -55.46 -11.89 5.60
CA ASP E 55 -54.06 -11.87 6.02
C ASP E 55 -53.57 -10.47 6.33
N ILE E 56 -54.18 -9.47 5.71
CA ILE E 56 -53.71 -8.10 5.97
C ILE E 56 -54.03 -7.63 7.40
N LEU E 57 -54.94 -8.34 8.07
CA LEU E 57 -55.39 -8.00 9.43
C LEU E 57 -54.63 -8.74 10.54
N THR E 58 -53.95 -9.81 10.23
CA THR E 58 -53.55 -10.74 11.28
C THR E 58 -52.53 -10.19 12.27
N ALA E 59 -51.58 -9.40 11.75
CA ALA E 59 -50.52 -8.81 12.57
C ALA E 59 -50.99 -7.66 13.46
N ALA E 60 -52.13 -7.09 13.12
CA ALA E 60 -52.79 -6.13 13.96
C ALA E 60 -53.38 -6.83 15.19
N PHE E 61 -53.86 -8.06 15.05
CA PHE E 61 -54.47 -8.76 16.18
C PHE E 61 -53.33 -9.28 17.08
N1 CRQ E 62 -52.01 -9.81 16.51
CA1 CRQ E 62 -50.86 -10.29 16.72
CB1 CRQ E 62 -50.67 -11.79 16.87
CG1 CRQ E 62 -51.96 -12.50 17.21
C1 CRQ E 62 -49.74 -9.39 16.53
N2 CRQ E 62 -48.80 -9.76 15.64
N3 CRQ E 62 -49.54 -8.14 17.01
C2 CRQ E 62 -48.41 -7.72 16.43
O2 CRQ E 62 -47.84 -6.56 16.59
CA2 CRQ E 62 -47.92 -8.77 15.56
CA3 CRQ E 62 -50.42 -7.37 17.86
CB2 CRQ E 62 -46.70 -8.70 14.74
CG2 CRQ E 62 -46.12 -9.68 13.78
CD1 CRQ E 62 -45.02 -9.19 13.06
CD2 CRQ E 62 -46.62 -10.93 13.50
CE1 CRQ E 62 -44.37 -9.95 12.13
CE2 CRQ E 62 -45.97 -11.69 12.53
CZ CRQ E 62 -44.85 -11.20 11.87
OH CRQ E 62 -44.18 -11.94 10.97
OE1 CRQ E 62 -51.48 -14.45 16.01
C3 CRQ E 62 -49.92 -6.74 19.10
O3 CRQ E 62 -50.70 -5.92 19.58
CD3 CRQ E 62 -51.95 -13.97 17.03
NE1 CRQ E 62 -52.50 -14.71 17.96
N ASN E 63 -49.17 -7.97 19.86
CA ASN E 63 -48.92 -7.47 21.22
C ASN E 63 -47.64 -8.13 21.55
N ARG E 64 -46.56 -7.37 21.54
CA ARG E 64 -45.27 -7.94 21.70
C ARG E 64 -44.99 -8.38 23.14
N ALA E 65 -45.96 -8.28 24.05
CA ALA E 65 -45.80 -8.91 25.36
C ALA E 65 -45.78 -10.46 25.21
N PHE E 66 -46.40 -10.97 24.14
CA PHE E 66 -46.27 -12.37 23.73
C PHE E 66 -44.99 -12.64 22.90
N THR E 67 -43.84 -12.33 23.47
CA THR E 67 -42.54 -12.60 22.90
C THR E 67 -41.67 -13.24 23.99
N ARG E 68 -41.02 -14.39 23.71
CA ARG E 68 -40.06 -14.93 24.66
C ARG E 68 -38.82 -14.07 24.64
N TYR E 69 -38.53 -13.36 25.71
CA TYR E 69 -37.29 -12.58 25.81
C TYR E 69 -36.24 -13.25 26.68
N PRO E 70 -35.02 -13.39 26.18
CA PRO E 70 -33.97 -13.93 27.02
C PRO E 70 -33.59 -12.91 28.12
N ALA E 71 -33.05 -13.39 29.24
CA ALA E 71 -32.76 -12.55 30.42
C ALA E 71 -31.75 -11.42 30.14
N ASP E 72 -30.88 -11.59 29.15
CA ASP E 72 -29.88 -10.58 28.79
C ASP E 72 -30.35 -9.48 27.80
N ILE E 73 -31.64 -9.50 27.43
CA ILE E 73 -32.24 -8.41 26.63
C ILE E 73 -33.43 -7.82 27.41
N PRO E 74 -33.35 -6.54 27.77
CA PRO E 74 -34.48 -5.94 28.47
C PRO E 74 -35.80 -6.12 27.69
N ASP E 75 -36.86 -6.55 28.38
CA ASP E 75 -38.12 -6.83 27.73
C ASP E 75 -39.01 -5.59 27.83
N TYR E 76 -38.97 -4.71 26.81
CA TYR E 76 -39.63 -3.40 26.84
C TYR E 76 -41.12 -3.58 27.09
N PHE E 77 -41.70 -4.64 26.56
CA PHE E 77 -43.15 -4.76 26.54
C PHE E 77 -43.69 -5.26 27.90
N LYS E 78 -42.95 -6.13 28.59
CA LYS E 78 -43.42 -6.66 29.87
C LYS E 78 -43.24 -5.64 30.95
N GLN E 79 -42.16 -4.84 30.87
CA GLN E 79 -41.87 -3.76 31.82
C GLN E 79 -42.93 -2.62 31.83
N THR E 80 -43.66 -2.35 30.73
CA THR E 80 -44.68 -1.28 30.67
C THR E 80 -45.99 -1.60 31.35
N PHE E 81 -46.16 -2.84 31.78
CA PHE E 81 -47.35 -3.24 32.52
C PHE E 81 -47.19 -3.11 34.04
N PRO E 82 -48.32 -2.82 34.74
CA PRO E 82 -49.72 -2.76 34.23
C PRO E 82 -50.18 -1.48 33.49
N GLU E 83 -49.32 -0.49 33.35
CA GLU E 83 -49.80 0.77 32.77
C GLU E 83 -50.13 0.62 31.29
N GLY E 84 -49.47 -0.30 30.60
CA GLY E 84 -49.74 -0.54 29.19
C GLY E 84 -48.88 0.26 28.19
N TYR E 85 -49.28 0.11 26.94
CA TYR E 85 -48.61 0.81 25.83
C TYR E 85 -49.52 0.86 24.66
N SER E 86 -49.10 1.67 23.69
CA SER E 86 -49.78 1.78 22.42
C SER E 86 -48.76 1.54 21.32
N TRP E 87 -49.25 1.24 20.13
CA TRP E 87 -48.36 1.23 18.97
C TRP E 87 -49.03 1.71 17.72
N GLU E 88 -48.19 2.20 16.84
CA GLU E 88 -48.61 2.75 15.60
C GLU E 88 -47.78 2.14 14.48
N ARG E 89 -48.44 1.73 13.41
CA ARG E 89 -47.80 0.98 12.34
C ARG E 89 -48.17 1.44 10.96
N THR E 90 -47.19 1.54 10.06
CA THR E 90 -47.47 1.59 8.61
C THR E 90 -47.15 0.23 7.99
N MET E 91 -48.06 -0.28 7.17
CA MET E 91 -47.83 -1.45 6.35
C MET E 91 -47.79 -0.96 4.91
N SER E 92 -46.63 -1.05 4.24
CA SER E 92 -46.47 -0.56 2.88
C SER E 92 -46.25 -1.67 1.84
N TYR E 93 -47.26 -1.89 1.01
CA TYR E 93 -47.29 -3.00 0.11
C TYR E 93 -46.57 -2.61 -1.19
N GLU E 94 -46.07 -3.59 -1.92
CA GLU E 94 -45.29 -3.32 -3.14
C GLU E 94 -46.10 -2.83 -4.37
N ASP E 95 -47.41 -3.02 -4.36
CA ASP E 95 -48.26 -2.39 -5.36
C ASP E 95 -48.77 -1.06 -4.81
N ASN E 96 -48.10 -0.52 -3.77
CA ASN E 96 -48.36 0.81 -3.20
C ASN E 96 -49.67 0.96 -2.41
N ALA E 97 -50.30 -0.15 -2.08
CA ALA E 97 -51.38 -0.12 -1.13
C ALA E 97 -50.73 0.20 0.22
N ILE E 98 -51.55 0.65 1.17
CA ILE E 98 -51.02 1.12 2.42
C ILE E 98 -52.04 0.88 3.54
N CYS E 99 -51.57 0.35 4.68
CA CYS E 99 -52.42 0.29 5.87
C CYS E 99 -51.82 1.14 6.99
N ASN E 100 -52.67 1.81 7.78
CA ASN E 100 -52.22 2.56 8.95
C ASN E 100 -52.98 2.05 10.11
N VAL E 101 -52.26 1.64 11.13
CA VAL E 101 -52.88 0.92 12.18
C VAL E 101 -52.41 1.42 13.51
N ARG E 102 -53.34 1.52 14.44
CA ARG E 102 -53.13 1.94 15.84
C ARG E 102 -53.68 0.88 16.78
N SER E 103 -52.95 0.54 17.84
CA SER E 103 -53.53 -0.31 18.91
C SER E 103 -53.19 0.23 20.28
N GLU E 104 -54.18 0.33 21.18
CA GLU E 104 -53.94 0.77 22.57
C GLU E 104 -54.07 -0.45 23.49
N ILE E 105 -53.02 -0.77 24.25
CA ILE E 105 -53.03 -2.01 25.00
C ILE E 105 -53.07 -1.77 26.51
N SER E 106 -54.06 -2.38 27.13
CA SER E 106 -54.31 -2.23 28.56
C SER E 106 -54.41 -3.65 29.22
N MET E 107 -54.40 -3.65 30.54
CA MET E 107 -54.39 -4.86 31.33
C MET E 107 -55.37 -4.70 32.49
N GLU E 108 -56.15 -5.74 32.74
CA GLU E 108 -56.90 -5.89 33.99
C GLU E 108 -56.70 -7.31 34.55
N GLY E 109 -55.97 -7.42 35.65
CA GLY E 109 -55.75 -8.71 36.28
C GLY E 109 -54.97 -9.60 35.36
N ASP E 110 -55.57 -10.70 34.95
CA ASP E 110 -54.92 -11.66 34.08
C ASP E 110 -55.35 -11.51 32.59
N CYS E 111 -55.88 -10.32 32.21
CA CYS E 111 -56.42 -10.10 30.86
C CYS E 111 -55.87 -8.86 30.17
N PHE E 112 -55.30 -9.00 28.98
CA PHE E 112 -55.03 -7.87 28.10
C PHE E 112 -56.27 -7.49 27.28
N THR E 113 -56.44 -6.19 27.09
CA THR E 113 -57.50 -5.67 26.23
C THR E 113 -56.89 -4.75 25.19
N TYR E 114 -57.29 -4.91 23.93
CA TYR E 114 -56.81 -4.03 22.86
C TYR E 114 -57.96 -3.27 22.24
N LYS E 115 -57.66 -2.03 21.88
CA LYS E 115 -58.53 -1.18 21.09
C LYS E 115 -57.76 -0.79 19.80
N ILE E 116 -58.25 -1.25 18.66
CA ILE E 116 -57.45 -1.24 17.45
C ILE E 116 -58.15 -0.42 16.41
N ARG E 117 -57.40 0.41 15.71
CA ARG E 117 -57.96 1.15 14.57
C ARG E 117 -57.20 0.75 13.29
N PHE E 118 -57.89 0.15 12.34
CA PHE E 118 -57.23 -0.32 11.10
C PHE E 118 -57.79 0.39 9.88
N ASP E 119 -56.94 1.16 9.17
CA ASP E 119 -57.30 1.75 7.87
C ASP E 119 -56.37 1.34 6.73
N GLY E 120 -56.97 0.72 5.73
CA GLY E 120 -56.27 0.22 4.54
C GLY E 120 -56.84 0.82 3.27
N LYS E 121 -55.98 1.19 2.33
CA LYS E 121 -56.52 1.83 1.12
C LYS E 121 -55.57 1.68 -0.04
N ASN E 122 -56.03 2.10 -1.22
CA ASN E 122 -55.26 1.94 -2.48
C ASN E 122 -54.86 0.48 -2.83
N PHE E 123 -55.61 -0.50 -2.35
CA PHE E 123 -55.50 -1.85 -2.89
C PHE E 123 -56.03 -1.90 -4.32
N PRO E 124 -55.16 -2.26 -5.31
CA PRO E 124 -55.65 -2.40 -6.68
C PRO E 124 -56.69 -3.51 -6.73
N PRO E 125 -57.73 -3.32 -7.53
CA PRO E 125 -58.87 -4.23 -7.48
C PRO E 125 -58.56 -5.61 -8.00
N ASN E 126 -57.53 -5.78 -8.82
CA ASN E 126 -57.16 -7.14 -9.30
C ASN E 126 -55.93 -7.66 -8.61
N GLY E 127 -55.49 -6.92 -7.60
CA GLY E 127 -54.37 -7.36 -6.81
C GLY E 127 -54.79 -8.54 -5.95
N PRO E 128 -53.80 -9.21 -5.33
CA PRO E 128 -54.11 -10.45 -4.58
C PRO E 128 -54.83 -10.22 -3.28
N VAL E 129 -54.74 -9.02 -2.72
CA VAL E 129 -55.48 -8.74 -1.48
C VAL E 129 -56.99 -8.65 -1.76
N MET E 130 -57.39 -7.86 -2.76
CA MET E 130 -58.83 -7.75 -3.08
C MET E 130 -59.39 -8.95 -3.81
N GLN E 131 -58.52 -9.76 -4.46
CA GLN E 131 -58.92 -11.00 -5.13
C GLN E 131 -58.72 -12.23 -4.21
N LYS E 132 -58.24 -12.00 -3.00
CA LYS E 132 -58.08 -13.08 -2.02
C LYS E 132 -57.26 -14.22 -2.59
N LYS E 133 -56.07 -13.87 -3.07
CA LYS E 133 -55.14 -14.81 -3.62
C LYS E 133 -53.98 -15.06 -2.67
N THR E 134 -54.07 -14.59 -1.42
CA THR E 134 -52.94 -14.79 -0.50
C THR E 134 -53.11 -16.11 0.23
N LEU E 135 -52.04 -16.74 0.60
CA LEU E 135 -52.13 -18.00 1.34
C LEU E 135 -51.71 -17.84 2.80
N LYS E 136 -50.69 -17.03 3.06
CA LYS E 136 -50.18 -16.81 4.43
C LYS E 136 -49.11 -15.74 4.40
N TRP E 137 -48.69 -15.26 5.57
CA TRP E 137 -47.43 -14.51 5.68
C TRP E 137 -46.36 -15.56 5.77
N GLU E 138 -45.17 -15.26 5.30
CA GLU E 138 -44.00 -16.07 5.67
C GLU E 138 -43.58 -15.75 7.07
N PRO E 139 -42.82 -16.63 7.70
CA PRO E 139 -42.19 -16.20 8.92
C PRO E 139 -41.27 -15.01 8.65
N SER E 140 -40.89 -14.30 9.68
CA SER E 140 -40.10 -13.09 9.49
C SER E 140 -39.14 -12.84 10.63
N THR E 141 -38.24 -11.88 10.45
CA THR E 141 -37.37 -11.37 11.49
C THR E 141 -37.51 -9.86 11.58
N GLU E 142 -38.05 -9.38 12.70
CA GLU E 142 -38.21 -7.92 12.98
C GLU E 142 -36.95 -7.35 13.70
N LYS E 143 -36.53 -6.17 13.28
CA LYS E 143 -35.36 -5.52 13.77
C LYS E 143 -35.79 -4.48 14.75
N MET E 144 -35.32 -4.57 15.98
CA MET E 144 -35.77 -3.65 17.07
C MET E 144 -34.66 -2.72 17.47
N TYR E 145 -35.00 -1.45 17.54
CA TYR E 145 -34.04 -0.40 17.89
C TYR E 145 -34.75 0.79 18.56
N VAL E 146 -34.06 1.42 19.48
CA VAL E 146 -34.58 2.56 20.21
C VAL E 146 -34.47 3.81 19.32
N ARG E 147 -35.50 4.67 19.35
CA ARG E 147 -35.50 5.96 18.64
C ARG E 147 -36.18 6.95 19.58
N ASP E 148 -35.51 8.05 19.90
CA ASP E 148 -36.05 9.09 20.82
C ASP E 148 -36.76 8.53 22.07
N GLY E 149 -36.11 7.63 22.78
CA GLY E 149 -36.67 7.09 24.04
C GLY E 149 -37.81 6.06 23.95
N PHE E 150 -38.20 5.66 22.74
CA PHE E 150 -39.13 4.54 22.60
C PHE E 150 -38.56 3.46 21.65
N LEU E 151 -39.35 2.42 21.38
CA LEU E 151 -38.90 1.27 20.62
C LEU E 151 -39.55 1.19 19.24
N MET E 152 -38.71 1.13 18.20
CA MET E 152 -39.23 0.87 16.86
C MET E 152 -38.92 -0.55 16.46
N GLY E 153 -39.81 -1.11 15.65
CA GLY E 153 -39.61 -2.41 15.05
C GLY E 153 -39.92 -2.31 13.56
N ASP E 154 -38.95 -2.64 12.70
CA ASP E 154 -39.21 -2.72 11.27
C ASP E 154 -39.03 -4.16 10.78
N VAL E 155 -39.92 -4.62 9.90
CA VAL E 155 -39.83 -6.00 9.41
C VAL E 155 -40.23 -6.08 7.94
N ASN E 156 -39.43 -6.83 7.19
CA ASN E 156 -39.75 -7.17 5.81
C ASN E 156 -40.69 -8.37 5.82
N MET E 157 -41.92 -8.15 5.38
CA MET E 157 -42.91 -9.18 5.34
C MET E 157 -43.22 -9.60 3.91
N ALA E 158 -43.76 -10.78 3.77
CA ALA E 158 -44.07 -11.37 2.48
C ALA E 158 -45.28 -12.27 2.60
N LEU E 159 -46.18 -12.14 1.66
CA LEU E 159 -47.39 -12.91 1.52
C LEU E 159 -47.19 -14.01 0.50
N LEU E 160 -47.28 -15.28 0.89
CA LEU E 160 -47.09 -16.35 -0.05
C LEU E 160 -48.33 -16.33 -0.92
N LEU E 161 -48.14 -16.40 -2.23
CA LEU E 161 -49.26 -16.41 -3.18
C LEU E 161 -49.67 -17.77 -3.69
N ASP E 162 -50.99 -17.88 -3.77
CA ASP E 162 -51.68 -18.94 -4.46
C ASP E 162 -51.16 -18.82 -5.87
N GLY E 163 -50.26 -19.70 -6.22
CA GLY E 163 -49.53 -19.54 -7.46
C GLY E 163 -48.14 -19.96 -7.19
N GLY E 164 -47.53 -19.44 -6.12
CA GLY E 164 -46.11 -19.78 -5.70
C GLY E 164 -45.15 -18.59 -5.48
N GLY E 165 -45.50 -17.40 -6.01
CA GLY E 165 -44.72 -16.19 -5.79
C GLY E 165 -45.11 -15.44 -4.50
N HIS E 166 -44.58 -14.25 -4.30
CA HIS E 166 -44.70 -13.57 -3.04
C HIS E 166 -45.08 -12.13 -3.30
N HIS E 167 -45.82 -11.56 -2.38
CA HIS E 167 -46.17 -10.16 -2.43
C HIS E 167 -45.58 -9.51 -1.20
N ARG E 168 -44.63 -8.59 -1.39
CA ARG E 168 -43.91 -7.96 -0.26
C ARG E 168 -44.68 -6.80 0.40
N CYS E 169 -44.45 -6.65 1.70
CA CYS E 169 -45.03 -5.58 2.52
C CYS E 169 -44.03 -5.18 3.58
N ASP E 170 -43.76 -3.89 3.72
CA ASP E 170 -42.85 -3.39 4.73
C ASP E 170 -43.59 -2.80 5.95
N PHE E 171 -43.31 -3.35 7.14
CA PHE E 171 -43.95 -2.90 8.38
C PHE E 171 -43.02 -1.96 9.04
N LYS E 172 -43.46 -0.74 9.36
CA LYS E 172 -42.76 0.13 10.32
C LYS E 172 -43.69 0.40 11.50
N THR E 173 -43.16 0.14 12.69
CA THR E 173 -43.93 0.26 13.92
C THR E 173 -43.18 1.08 14.98
N SER E 174 -43.89 2.05 15.58
CA SER E 174 -43.47 2.71 16.86
C SER E 174 -44.25 2.17 18.09
N TYR E 175 -43.52 1.60 19.03
CA TYR E 175 -44.01 1.06 20.27
C TYR E 175 -43.67 2.08 21.40
N LYS E 176 -44.72 2.64 22.01
CA LYS E 176 -44.60 3.69 23.01
C LYS E 176 -45.14 3.26 24.38
N ALA E 177 -44.21 2.84 25.22
CA ALA E 177 -44.48 2.51 26.61
C ALA E 177 -45.11 3.69 27.29
N LYS E 178 -46.02 3.41 28.21
CA LYS E 178 -46.66 4.47 29.02
C LYS E 178 -45.85 4.84 30.27
N LYS E 179 -44.90 4.01 30.70
CA LYS E 179 -43.94 4.47 31.73
C LYS E 179 -42.50 4.30 31.31
N VAL E 180 -41.61 4.98 32.05
CA VAL E 180 -40.19 4.85 31.86
C VAL E 180 -39.82 3.41 32.22
N VAL E 181 -38.94 2.85 31.39
CA VAL E 181 -38.72 1.41 31.30
C VAL E 181 -37.23 1.22 30.92
N GLN E 182 -36.59 0.10 31.27
CA GLN E 182 -35.18 -0.12 30.88
C GLN E 182 -35.10 -0.36 29.36
N LEU E 183 -34.34 0.44 28.63
CA LEU E 183 -34.27 0.36 27.18
C LEU E 183 -33.23 -0.69 26.69
N PRO E 184 -33.66 -1.60 25.78
CA PRO E 184 -32.80 -2.63 25.16
C PRO E 184 -31.91 -2.11 24.04
N ASP E 185 -30.80 -2.80 23.85
CA ASP E 185 -29.95 -2.55 22.71
C ASP E 185 -30.60 -3.13 21.45
N TYR E 186 -30.03 -2.82 20.29
CA TYR E 186 -30.52 -3.39 19.01
C TYR E 186 -30.65 -4.88 19.10
N HIS E 187 -31.77 -5.38 18.62
CA HIS E 187 -31.99 -6.82 18.66
C HIS E 187 -33.07 -7.22 17.66
N PHE E 188 -33.45 -8.50 17.73
CA PHE E 188 -34.29 -9.09 16.69
C PHE E 188 -35.41 -9.88 17.37
N VAL E 189 -36.61 -9.81 16.82
CA VAL E 189 -37.71 -10.72 17.17
C VAL E 189 -38.09 -11.59 15.94
N ASP E 190 -37.94 -12.90 16.05
CA ASP E 190 -38.37 -13.81 15.01
C ASP E 190 -39.85 -14.05 15.15
N HIS E 191 -40.58 -14.18 14.05
CA HIS E 191 -42.04 -14.44 14.09
C HIS E 191 -42.48 -15.57 13.17
N ARG E 192 -43.57 -16.23 13.53
CA ARG E 192 -44.31 -17.02 12.57
C ARG E 192 -45.76 -16.90 12.92
N ASN E 193 -46.51 -16.14 12.12
CA ASN E 193 -47.94 -15.94 12.28
C ASN E 193 -48.67 -16.92 11.34
N GLU E 194 -49.74 -17.56 11.83
CA GLU E 194 -50.46 -18.61 11.12
C GLU E 194 -51.95 -18.60 11.46
N ILE E 195 -52.75 -18.65 10.39
CA ILE E 195 -54.16 -18.96 10.53
C ILE E 195 -54.31 -20.47 10.59
N LEU E 196 -54.76 -20.97 11.74
CA LEU E 196 -54.90 -22.39 11.99
C LEU E 196 -56.20 -22.92 11.43
N SER E 197 -57.26 -22.15 11.53
CA SER E 197 -58.51 -22.57 10.96
C SER E 197 -59.36 -21.33 10.74
N HIS E 198 -60.35 -21.46 9.87
CA HIS E 198 -61.25 -20.37 9.53
C HIS E 198 -62.52 -20.98 8.92
N ASP E 199 -63.68 -20.37 9.15
CA ASP E 199 -64.85 -20.76 8.37
C ASP E 199 -64.67 -20.21 6.93
N ARG E 200 -65.65 -20.39 6.07
CA ARG E 200 -65.41 -20.22 4.65
C ARG E 200 -65.33 -18.75 4.21
N ASP E 201 -65.96 -17.86 4.96
CA ASP E 201 -65.93 -16.42 4.77
C ASP E 201 -64.87 -15.68 5.58
N TYR E 202 -64.15 -16.42 6.41
CA TYR E 202 -63.22 -15.85 7.41
C TYR E 202 -63.92 -14.97 8.44
N SER E 203 -65.25 -15.11 8.59
CA SER E 203 -66.06 -14.49 9.66
C SER E 203 -65.71 -15.07 11.03
N LYS E 204 -65.09 -16.26 11.04
CA LYS E 204 -64.53 -16.88 12.25
C LYS E 204 -63.12 -17.34 11.92
N VAL E 205 -62.16 -17.01 12.77
CA VAL E 205 -60.76 -17.31 12.46
C VAL E 205 -60.04 -17.62 13.76
N LYS E 206 -59.27 -18.71 13.75
CA LYS E 206 -58.37 -19.06 14.83
C LYS E 206 -56.91 -18.72 14.45
N LEU E 207 -56.30 -17.81 15.19
CA LEU E 207 -55.01 -17.19 14.76
C LEU E 207 -53.93 -17.44 15.79
N TYR E 208 -52.74 -17.87 15.33
CA TYR E 208 -51.63 -18.21 16.20
C TYR E 208 -50.35 -17.48 15.81
N GLU E 209 -49.60 -16.99 16.81
CA GLU E 209 -48.27 -16.39 16.69
C GLU E 209 -47.25 -17.04 17.65
N ASN E 210 -46.07 -17.29 17.11
CA ASN E 210 -44.93 -17.68 17.89
C ASN E 210 -43.91 -16.56 17.69
N ALA E 211 -43.29 -16.11 18.79
CA ALA E 211 -42.42 -14.95 18.74
C ALA E 211 -41.34 -15.05 19.78
N VAL E 212 -40.09 -14.95 19.33
CA VAL E 212 -38.94 -15.17 20.18
C VAL E 212 -37.93 -14.08 19.88
N ALA E 213 -37.53 -13.32 20.90
CA ALA E 213 -36.48 -12.32 20.76
C ALA E 213 -35.07 -12.89 20.86
N ARG E 214 -34.11 -12.24 20.20
CA ARG E 214 -32.68 -12.65 20.25
C ARG E 214 -31.74 -11.58 19.69
N TYR E 215 -30.44 -11.83 19.85
CA TYR E 215 -29.41 -11.08 19.15
C TYR E 215 -29.01 -11.96 18.01
N SER E 216 -28.03 -11.53 17.23
CA SER E 216 -27.56 -12.34 16.12
C SER E 216 -27.19 -13.76 16.56
N LEU E 217 -27.44 -14.73 15.70
CA LEU E 217 -26.95 -16.09 15.88
C LEU E 217 -25.44 -16.19 15.60
N LEU E 218 -24.88 -15.15 14.99
CA LEU E 218 -23.50 -15.18 14.57
C LEU E 218 -22.58 -14.43 15.56
N PRO E 219 -21.50 -15.08 15.99
CA PRO E 219 -20.61 -14.39 16.92
C PRO E 219 -19.80 -13.31 16.23
N SER E 220 -19.40 -12.34 17.04
CA SER E 220 -18.55 -11.25 16.61
C SER E 220 -17.10 -11.71 16.47
N GLN E 221 -16.31 -10.89 15.79
CA GLN E 221 -14.91 -11.20 15.50
C GLN E 221 -13.93 -10.09 15.96
N ALA E 222 -13.07 -10.48 16.91
CA ALA E 222 -12.11 -9.58 17.60
C ALA E 222 -10.67 -9.86 17.12
N SER F 2 41.64 15.79 -51.83
CA SER F 2 42.61 15.56 -50.72
C SER F 2 43.50 14.35 -51.02
N VAL F 3 44.15 13.90 -49.94
CA VAL F 3 44.78 12.58 -49.77
C VAL F 3 43.92 11.38 -50.20
N ILE F 4 42.70 11.29 -49.69
CA ILE F 4 41.74 10.29 -50.16
C ILE F 4 41.12 10.89 -51.40
N LYS F 5 41.31 10.25 -52.54
CA LYS F 5 40.84 10.80 -53.79
C LYS F 5 39.39 10.40 -54.08
N GLN F 6 38.78 11.10 -55.01
CA GLN F 6 37.37 10.92 -55.36
C GLN F 6 37.12 9.50 -55.90
N GLU F 7 38.07 8.98 -56.66
CA GLU F 7 38.05 7.59 -57.02
C GLU F 7 39.30 6.97 -56.45
N MET F 8 39.08 5.87 -55.73
CA MET F 8 40.16 5.07 -55.17
C MET F 8 40.04 3.62 -55.66
N LYS F 9 41.19 3.01 -55.91
CA LYS F 9 41.29 1.65 -56.39
C LYS F 9 41.51 0.73 -55.20
N ILE F 10 41.36 -0.58 -55.41
CA ILE F 10 41.53 -1.52 -54.31
C ILE F 10 42.23 -2.79 -54.73
N LYS F 11 43.24 -3.18 -53.96
CA LYS F 11 43.87 -4.49 -54.09
C LYS F 11 43.84 -5.21 -52.74
N LEU F 12 43.60 -6.51 -52.75
CA LEU F 12 43.61 -7.25 -51.50
C LEU F 12 43.98 -8.72 -51.65
N HIS F 13 44.46 -9.27 -50.56
CA HIS F 13 44.82 -10.65 -50.46
C HIS F 13 44.30 -11.19 -49.12
N MET F 14 43.51 -12.26 -49.21
CA MET F 14 42.94 -12.96 -48.04
C MET F 14 43.46 -14.40 -48.00
N GLU F 15 43.98 -14.83 -46.83
CA GLU F 15 44.32 -16.23 -46.54
C GLU F 15 43.29 -16.73 -45.55
N GLY F 16 42.64 -17.83 -45.86
CA GLY F 16 41.51 -18.21 -45.06
C GLY F 16 41.46 -19.65 -44.66
N ASN F 17 40.56 -19.93 -43.73
CA ASN F 17 40.32 -21.27 -43.33
C ASN F 17 38.90 -21.40 -42.80
N VAL F 18 38.11 -22.27 -43.41
CA VAL F 18 36.76 -22.50 -42.93
C VAL F 18 36.53 -23.98 -42.70
N ASN F 19 36.24 -24.35 -41.44
CA ASN F 19 36.06 -25.76 -41.05
C ASN F 19 37.18 -26.65 -41.55
N GLY F 20 38.42 -26.17 -41.44
CA GLY F 20 39.61 -26.90 -41.88
C GLY F 20 39.89 -26.81 -43.37
N HIS F 21 39.12 -26.03 -44.12
CA HIS F 21 39.36 -25.93 -45.55
C HIS F 21 40.07 -24.60 -45.88
N ALA F 22 41.25 -24.73 -46.47
CA ALA F 22 42.17 -23.65 -46.71
C ALA F 22 41.91 -23.05 -48.08
N PHE F 23 42.10 -21.75 -48.18
CA PHE F 23 41.83 -21.06 -49.42
C PHE F 23 42.52 -19.72 -49.40
N VAL F 24 42.63 -19.10 -50.57
CA VAL F 24 43.35 -17.86 -50.77
C VAL F 24 42.56 -17.12 -51.80
N ILE F 25 42.21 -15.86 -51.51
CA ILE F 25 41.41 -15.05 -52.43
C ILE F 25 42.05 -13.71 -52.71
N GLU F 26 42.02 -13.31 -53.96
CA GLU F 26 42.61 -12.06 -54.33
C GLU F 26 41.59 -11.25 -55.04
N GLY F 27 41.64 -9.95 -54.72
CA GLY F 27 40.60 -9.06 -55.12
C GLY F 27 41.18 -7.82 -55.71
N ASP F 28 40.43 -7.28 -56.65
CA ASP F 28 40.82 -6.08 -57.33
C ASP F 28 39.55 -5.28 -57.71
N GLY F 29 39.63 -3.96 -57.61
CA GLY F 29 38.50 -3.12 -58.05
C GLY F 29 38.67 -1.69 -57.56
N LYS F 30 37.55 -1.00 -57.40
CA LYS F 30 37.54 0.42 -57.04
C LYS F 30 36.15 0.94 -56.62
N GLY F 31 36.12 2.17 -56.11
CA GLY F 31 34.88 2.77 -55.70
C GLY F 31 35.09 4.21 -55.36
N LYS F 32 34.06 4.82 -54.80
CA LYS F 32 34.00 6.25 -54.51
C LYS F 32 33.87 6.47 -53.02
N PRO F 33 34.96 6.76 -52.36
CA PRO F 33 34.94 6.86 -50.91
C PRO F 33 33.97 7.85 -50.27
N TYR F 34 33.69 8.96 -50.96
CA TYR F 34 32.78 9.99 -50.48
C TYR F 34 31.29 9.69 -50.71
N ASP F 35 30.93 8.93 -51.76
CA ASP F 35 29.51 8.46 -51.94
C ASP F 35 29.16 7.14 -51.16
N GLY F 36 30.17 6.54 -50.53
CA GLY F 36 30.03 5.29 -49.82
C GLY F 36 29.83 4.06 -50.69
N THR F 37 30.40 4.04 -51.88
CA THR F 37 30.17 2.96 -52.83
C THR F 37 31.45 2.35 -53.36
N GLN F 38 31.40 1.06 -53.70
CA GLN F 38 32.54 0.31 -54.21
C GLN F 38 32.13 -0.98 -54.91
N THR F 39 32.90 -1.36 -55.93
CA THR F 39 32.72 -2.67 -56.61
C THR F 39 34.06 -3.40 -56.61
N LEU F 40 34.07 -4.69 -56.34
CA LEU F 40 35.27 -5.50 -56.22
C LEU F 40 35.08 -6.75 -57.04
N ASN F 41 36.10 -7.18 -57.78
CA ASN F 41 36.09 -8.52 -58.38
C ASN F 41 37.06 -9.41 -57.63
N LEU F 42 36.57 -10.58 -57.27
CA LEU F 42 37.30 -11.49 -56.40
C LEU F 42 37.52 -12.80 -57.10
N THR F 43 38.69 -13.37 -56.85
CA THR F 43 39.14 -14.56 -57.51
C THR F 43 39.74 -15.52 -56.49
N VAL F 44 39.28 -16.76 -56.53
CA VAL F 44 39.83 -17.80 -55.68
C VAL F 44 41.13 -18.31 -56.32
N LYS F 45 42.25 -18.19 -55.60
CA LYS F 45 43.57 -18.64 -56.07
C LYS F 45 43.84 -20.07 -55.70
N GLU F 46 43.54 -20.41 -54.46
CA GLU F 46 43.71 -21.75 -53.94
C GLU F 46 42.41 -22.14 -53.26
N GLY F 47 42.05 -23.41 -53.36
CA GLY F 47 40.96 -24.00 -52.57
C GLY F 47 39.60 -24.01 -53.22
N ALA F 48 39.57 -23.82 -54.55
CA ALA F 48 38.34 -23.96 -55.37
C ALA F 48 38.07 -25.42 -55.60
N PRO F 49 36.79 -25.81 -55.69
CA PRO F 49 35.55 -25.05 -55.42
C PRO F 49 35.30 -24.91 -53.90
N LEU F 50 34.93 -23.73 -53.44
CA LEU F 50 34.75 -23.51 -52.00
C LEU F 50 33.55 -24.32 -51.54
N PRO F 51 33.72 -25.12 -50.48
CA PRO F 51 32.64 -25.95 -49.99
C PRO F 51 31.72 -25.25 -48.99
N PHE F 52 31.63 -23.92 -48.97
CA PHE F 52 30.79 -23.18 -48.02
C PHE F 52 30.25 -21.92 -48.67
N SER F 53 29.32 -21.24 -48.01
CA SER F 53 28.60 -20.06 -48.55
C SER F 53 29.54 -18.88 -48.66
N TYR F 54 29.62 -18.31 -49.84
CA TYR F 54 30.57 -17.23 -50.06
C TYR F 54 30.18 -16.06 -49.12
N ASP F 55 28.88 -15.98 -48.80
CA ASP F 55 28.34 -14.84 -48.05
C ASP F 55 29.09 -14.61 -46.73
N ILE F 56 29.64 -15.66 -46.13
CA ILE F 56 30.37 -15.45 -44.87
C ILE F 56 31.63 -14.58 -45.08
N LEU F 57 32.13 -14.49 -46.32
CA LEU F 57 33.36 -13.78 -46.63
C LEU F 57 33.17 -12.31 -46.95
N THR F 58 32.00 -11.94 -47.43
CA THR F 58 31.83 -10.72 -48.15
C THR F 58 32.09 -9.46 -47.35
N ALA F 59 31.65 -9.44 -46.09
CA ALA F 59 31.94 -8.31 -45.20
C ALA F 59 33.41 -8.20 -44.84
N ALA F 60 34.16 -9.28 -45.06
CA ALA F 60 35.59 -9.23 -44.78
C ALA F 60 36.28 -8.46 -45.89
N PHE F 61 35.72 -8.49 -47.09
CA PHE F 61 36.31 -7.77 -48.19
C PHE F 61 35.96 -6.29 -48.08
N1 CRQ F 62 34.44 -6.02 -47.85
CA1 CRQ F 62 33.70 -5.05 -47.58
CB1 CRQ F 62 32.88 -4.40 -48.69
CG1 CRQ F 62 33.37 -4.76 -50.08
C1 CRQ F 62 33.52 -4.69 -46.17
N2 CRQ F 62 32.25 -4.66 -45.69
N3 CRQ F 62 34.44 -4.46 -45.20
C2 CRQ F 62 33.74 -4.26 -44.10
O2 CRQ F 62 34.21 -4.02 -42.93
CA2 CRQ F 62 32.34 -4.40 -44.41
CA3 CRQ F 62 35.89 -4.48 -45.32
CB2 CRQ F 62 31.20 -4.28 -43.47
CG2 CRQ F 62 29.75 -4.47 -43.68
CD1 CRQ F 62 28.97 -4.49 -42.51
CD2 CRQ F 62 29.11 -4.75 -44.89
CE1 CRQ F 62 27.60 -4.72 -42.51
CE2 CRQ F 62 27.72 -4.96 -44.89
CZ CRQ F 62 26.99 -4.94 -43.72
OH CRQ F 62 25.67 -5.12 -43.78
OE1 CRQ F 62 31.21 -5.15 -51.06
C3 CRQ F 62 36.70 -3.29 -44.89
O3 CRQ F 62 37.94 -3.49 -44.84
CD3 CRQ F 62 32.32 -4.67 -51.17
NE1 CRQ F 62 32.71 -4.09 -52.29
N ASN F 63 35.99 -2.09 -45.64
CA ASN F 63 36.92 -0.95 -45.39
C ASN F 63 36.05 0.26 -45.27
N ARG F 64 35.86 0.69 -44.04
CA ARG F 64 34.87 1.72 -43.75
C ARG F 64 35.23 3.09 -44.33
N ALA F 65 36.39 3.22 -44.97
CA ALA F 65 36.71 4.43 -45.75
C ALA F 65 35.78 4.60 -46.91
N PHE F 66 35.16 3.52 -47.36
CA PHE F 66 34.13 3.63 -48.38
C PHE F 66 32.77 3.81 -47.69
N THR F 67 32.61 4.92 -47.00
CA THR F 67 31.37 5.25 -46.30
C THR F 67 31.04 6.70 -46.54
N ARG F 68 29.85 7.05 -46.98
CA ARG F 68 29.52 8.49 -47.05
C ARG F 68 29.31 9.05 -45.63
N TYR F 69 30.14 10.03 -45.21
CA TYR F 69 30.05 10.65 -43.88
C TYR F 69 29.59 12.09 -44.02
N PRO F 70 28.49 12.43 -43.37
CA PRO F 70 28.08 13.83 -43.42
C PRO F 70 29.09 14.69 -42.66
N ALA F 71 29.12 15.98 -42.98
CA ALA F 71 30.12 16.91 -42.40
C ALA F 71 30.05 17.02 -40.91
N ASP F 72 28.89 16.80 -40.31
CA ASP F 72 28.74 16.96 -38.87
C ASP F 72 29.19 15.71 -38.08
N ILE F 73 29.61 14.66 -38.80
CA ILE F 73 30.16 13.49 -38.11
C ILE F 73 31.61 13.23 -38.54
N PRO F 74 32.55 13.45 -37.60
CA PRO F 74 33.95 13.09 -37.79
C PRO F 74 34.15 11.70 -38.45
N ASP F 75 34.90 11.67 -39.53
CA ASP F 75 35.14 10.46 -40.29
C ASP F 75 36.42 9.87 -39.74
N TYR F 76 36.30 8.94 -38.81
CA TYR F 76 37.46 8.25 -38.25
C TYR F 76 38.35 7.62 -39.30
N PHE F 77 37.75 7.20 -40.41
CA PHE F 77 38.43 6.30 -41.31
C PHE F 77 39.23 7.09 -42.32
N LYS F 78 38.63 8.07 -42.95
CA LYS F 78 39.35 8.93 -43.88
C LYS F 78 40.50 9.70 -43.19
N GLN F 79 40.29 10.12 -41.94
CA GLN F 79 41.30 10.86 -41.22
C GLN F 79 42.62 10.07 -41.03
N THR F 80 42.57 8.73 -40.88
CA THR F 80 43.82 7.98 -40.65
C THR F 80 44.55 7.60 -41.89
N PHE F 81 44.21 8.21 -43.00
CA PHE F 81 45.06 8.05 -44.16
C PHE F 81 46.06 9.23 -44.28
N PRO F 82 47.26 8.97 -44.82
CA PRO F 82 47.67 7.80 -45.59
C PRO F 82 48.18 6.64 -44.74
N GLU F 83 48.42 6.89 -43.47
CA GLU F 83 49.08 5.89 -42.63
C GLU F 83 48.33 4.55 -42.53
N GLY F 84 47.00 4.57 -42.71
CA GLY F 84 46.16 3.37 -42.55
C GLY F 84 45.61 3.01 -41.16
N TYR F 85 44.87 1.89 -41.15
CA TYR F 85 44.33 1.33 -39.91
C TYR F 85 44.21 -0.15 -40.02
N SER F 86 43.74 -0.77 -38.97
CA SER F 86 43.52 -2.18 -39.00
C SER F 86 42.24 -2.46 -38.23
N TRP F 87 41.57 -3.56 -38.55
CA TRP F 87 40.42 -3.99 -37.77
C TRP F 87 40.42 -5.49 -37.44
N GLU F 88 39.75 -5.80 -36.34
CA GLU F 88 39.61 -7.15 -35.82
C GLU F 88 38.11 -7.37 -35.50
N ARG F 89 37.56 -8.45 -36.06
CA ARG F 89 36.13 -8.71 -35.92
C ARG F 89 35.80 -10.14 -35.45
N THR F 90 34.78 -10.25 -34.61
CA THR F 90 34.16 -11.55 -34.38
C THR F 90 32.77 -11.64 -35.03
N MET F 91 32.51 -12.73 -35.71
CA MET F 91 31.22 -13.01 -36.29
C MET F 91 30.66 -14.21 -35.55
N SER F 92 29.75 -13.97 -34.60
CA SER F 92 29.16 -15.05 -33.83
C SER F 92 27.78 -15.43 -34.38
N TYR F 93 27.69 -16.64 -34.93
CA TYR F 93 26.49 -17.16 -35.62
C TYR F 93 25.49 -17.78 -34.65
N GLU F 94 24.22 -17.75 -34.97
CA GLU F 94 23.22 -18.22 -34.00
C GLU F 94 23.28 -19.72 -33.73
N ASP F 95 23.93 -20.48 -34.61
CA ASP F 95 24.16 -21.92 -34.38
C ASP F 95 25.53 -22.19 -33.71
N ASN F 96 26.17 -21.11 -33.26
CA ASN F 96 27.44 -21.15 -32.53
C ASN F 96 28.72 -21.22 -33.36
N ALA F 97 28.64 -21.31 -34.68
CA ALA F 97 29.82 -21.17 -35.54
C ALA F 97 30.46 -19.82 -35.25
N ILE F 98 31.73 -19.63 -35.57
CA ILE F 98 32.41 -18.38 -35.26
C ILE F 98 33.40 -18.09 -36.36
N CYS F 99 33.44 -16.84 -36.80
CA CYS F 99 34.56 -16.35 -37.59
C CYS F 99 35.31 -15.26 -36.85
N ASN F 100 36.63 -15.36 -36.89
CA ASN F 100 37.51 -14.28 -36.42
C ASN F 100 38.28 -13.76 -37.61
N VAL F 101 38.34 -12.44 -37.72
CA VAL F 101 38.86 -11.82 -38.91
C VAL F 101 39.73 -10.67 -38.53
N ARG F 102 40.75 -10.46 -39.35
CA ARG F 102 41.80 -9.42 -39.20
C ARG F 102 42.09 -8.75 -40.52
N SER F 103 42.07 -7.44 -40.56
CA SER F 103 42.42 -6.76 -41.79
C SER F 103 43.39 -5.63 -41.43
N GLU F 104 44.46 -5.51 -42.21
CA GLU F 104 45.46 -4.46 -42.10
C GLU F 104 45.31 -3.66 -43.34
N ILE F 105 45.08 -2.37 -43.22
CA ILE F 105 44.79 -1.62 -44.41
C ILE F 105 45.76 -0.47 -44.60
N SER F 106 46.39 -0.45 -45.77
CA SER F 106 47.44 0.52 -46.12
C SER F 106 46.98 1.29 -47.33
N MET F 107 47.74 2.32 -47.71
CA MET F 107 47.43 3.13 -48.91
C MET F 107 48.65 3.49 -49.73
N GLU F 108 48.45 3.58 -51.05
CA GLU F 108 49.52 3.76 -52.01
C GLU F 108 49.07 4.59 -53.22
N GLY F 109 49.34 5.90 -53.17
CA GLY F 109 48.90 6.80 -54.22
C GLY F 109 47.38 6.74 -54.26
N ASP F 110 46.79 6.32 -55.38
CA ASP F 110 45.36 6.18 -55.41
C ASP F 110 44.86 4.71 -55.20
N CYS F 111 45.53 3.91 -54.38
CA CYS F 111 45.12 2.49 -54.20
C CYS F 111 45.24 2.01 -52.78
N PHE F 112 44.14 1.50 -52.25
CA PHE F 112 44.18 0.79 -50.99
C PHE F 112 44.69 -0.62 -51.21
N THR F 113 45.40 -1.12 -50.22
CA THR F 113 45.78 -2.52 -50.14
C THR F 113 45.33 -3.09 -48.77
N TYR F 114 44.59 -4.21 -48.82
CA TYR F 114 44.16 -4.93 -47.60
C TYR F 114 44.94 -6.23 -47.48
N LYS F 115 45.36 -6.54 -46.26
CA LYS F 115 45.88 -7.86 -45.92
C LYS F 115 44.96 -8.53 -44.88
N ILE F 116 44.32 -9.63 -45.29
CA ILE F 116 43.21 -10.23 -44.53
C ILE F 116 43.46 -11.68 -44.12
N ARG F 117 43.20 -11.98 -42.85
CA ARG F 117 43.26 -13.31 -42.33
C ARG F 117 41.85 -13.69 -41.82
N PHE F 118 41.32 -14.79 -42.34
CA PHE F 118 39.93 -15.22 -42.06
C PHE F 118 39.92 -16.66 -41.54
N ASP F 119 39.46 -16.84 -40.30
CA ASP F 119 39.30 -18.19 -39.73
C ASP F 119 37.90 -18.42 -39.24
N GLY F 120 37.20 -19.34 -39.88
CA GLY F 120 35.87 -19.73 -39.46
C GLY F 120 35.85 -21.17 -39.04
N LYS F 121 35.01 -21.53 -38.06
CA LYS F 121 35.03 -22.89 -37.50
C LYS F 121 33.75 -23.15 -36.76
N ASN F 122 33.50 -24.42 -36.47
CA ASN F 122 32.29 -24.89 -35.79
C ASN F 122 30.97 -24.62 -36.54
N PHE F 123 31.05 -24.45 -37.87
CA PHE F 123 29.88 -24.54 -38.70
C PHE F 123 29.34 -25.97 -38.74
N PRO F 124 28.08 -26.16 -38.33
CA PRO F 124 27.50 -27.53 -38.41
C PRO F 124 27.43 -28.01 -39.87
N PRO F 125 27.76 -29.29 -40.11
CA PRO F 125 27.94 -29.68 -41.52
C PRO F 125 26.63 -29.61 -42.31
N ASN F 126 25.49 -29.71 -41.64
CA ASN F 126 24.22 -29.58 -42.32
C ASN F 126 23.55 -28.23 -42.15
N GLY F 127 24.26 -27.24 -41.60
CA GLY F 127 23.73 -25.88 -41.49
C GLY F 127 23.78 -25.13 -42.81
N PRO F 128 23.13 -23.95 -42.89
CA PRO F 128 23.06 -23.25 -44.18
C PRO F 128 24.39 -22.77 -44.73
N VAL F 129 25.38 -22.59 -43.86
CA VAL F 129 26.68 -22.19 -44.33
C VAL F 129 27.38 -23.31 -45.10
N MET F 130 27.53 -24.49 -44.50
CA MET F 130 28.22 -25.57 -45.22
C MET F 130 27.36 -26.21 -46.32
N GLN F 131 26.03 -26.16 -46.18
CA GLN F 131 25.10 -26.63 -47.23
C GLN F 131 24.82 -25.58 -48.36
N LYS F 132 25.39 -24.39 -48.22
CA LYS F 132 25.30 -23.34 -49.24
C LYS F 132 23.84 -22.92 -49.54
N LYS F 133 23.09 -22.66 -48.48
CA LYS F 133 21.67 -22.31 -48.62
C LYS F 133 21.38 -20.84 -48.40
N THR F 134 22.42 -20.00 -48.32
CA THR F 134 22.20 -18.57 -48.06
C THR F 134 21.89 -17.92 -49.38
N LEU F 135 21.09 -16.85 -49.39
CA LEU F 135 20.84 -16.02 -50.61
C LEU F 135 21.56 -14.66 -50.57
N LYS F 136 21.65 -14.08 -49.36
CA LYS F 136 22.30 -12.82 -49.18
C LYS F 136 22.28 -12.43 -47.73
N TRP F 137 23.02 -11.38 -47.41
CA TRP F 137 22.89 -10.66 -46.17
C TRP F 137 21.78 -9.63 -46.41
N GLU F 138 20.97 -9.39 -45.39
CA GLU F 138 20.06 -8.27 -45.45
C GLU F 138 20.88 -6.97 -45.26
N PRO F 139 20.35 -5.84 -45.70
CA PRO F 139 20.93 -4.58 -45.27
C PRO F 139 20.94 -4.54 -43.76
N SER F 140 21.76 -3.64 -43.23
CA SER F 140 22.01 -3.53 -41.80
C SER F 140 22.22 -2.09 -41.37
N THR F 141 22.24 -1.91 -40.07
CA THR F 141 22.57 -0.67 -39.41
C THR F 141 23.53 -0.98 -38.29
N GLU F 142 24.76 -0.49 -38.46
CA GLU F 142 25.89 -0.78 -37.57
C GLU F 142 25.99 0.38 -36.57
N LYS F 143 26.24 0.04 -35.31
CA LYS F 143 26.31 0.98 -34.21
C LYS F 143 27.77 1.26 -33.90
N MET F 144 28.16 2.51 -34.12
CA MET F 144 29.54 3.00 -33.95
C MET F 144 29.70 3.80 -32.67
N TYR F 145 30.59 3.33 -31.80
CA TYR F 145 30.92 4.00 -30.55
C TYR F 145 32.41 3.88 -30.23
N VAL F 146 32.90 4.96 -29.63
CA VAL F 146 34.28 5.12 -29.19
C VAL F 146 34.48 4.30 -27.92
N ARG F 147 35.56 3.52 -27.90
CA ARG F 147 35.98 2.76 -26.72
C ARG F 147 37.53 2.82 -26.61
N ASP F 148 38.03 2.99 -25.36
CA ASP F 148 39.46 3.28 -25.04
C ASP F 148 40.24 4.00 -26.18
N GLY F 149 39.75 5.12 -26.67
CA GLY F 149 40.49 5.86 -27.67
C GLY F 149 40.47 5.36 -29.09
N PHE F 150 39.83 4.20 -29.34
CA PHE F 150 39.61 3.75 -30.73
C PHE F 150 38.10 3.57 -31.01
N LEU F 151 37.75 2.99 -32.17
CA LEU F 151 36.35 2.94 -32.60
C LEU F 151 35.83 1.51 -32.72
N MET F 152 34.69 1.28 -32.08
CA MET F 152 34.01 -0.01 -32.17
C MET F 152 32.76 0.15 -32.93
N GLY F 153 32.42 -0.86 -33.71
CA GLY F 153 31.15 -0.96 -34.41
C GLY F 153 30.57 -2.35 -34.26
N ASP F 154 29.29 -2.41 -33.90
CA ASP F 154 28.57 -3.67 -33.68
C ASP F 154 27.37 -3.67 -34.62
N VAL F 155 27.10 -4.83 -35.26
CA VAL F 155 25.97 -4.94 -36.16
C VAL F 155 25.32 -6.33 -36.10
N ASN F 156 23.99 -6.30 -36.03
CA ASN F 156 23.14 -7.49 -36.03
C ASN F 156 22.89 -7.76 -37.46
N MET F 157 23.48 -8.84 -37.95
CA MET F 157 23.36 -9.20 -39.34
C MET F 157 22.45 -10.40 -39.45
N ALA F 158 21.92 -10.59 -40.64
CA ALA F 158 21.02 -11.69 -40.93
C ALA F 158 21.20 -12.16 -42.38
N LEU F 159 21.44 -13.44 -42.55
CA LEU F 159 21.46 -14.10 -43.87
C LEU F 159 20.04 -14.53 -44.21
N LEU F 160 19.56 -14.14 -45.38
CA LEU F 160 18.25 -14.60 -45.83
C LEU F 160 18.45 -15.98 -46.41
N LEU F 161 17.57 -16.90 -46.05
CA LEU F 161 17.65 -18.28 -46.52
C LEU F 161 16.61 -18.62 -47.59
N ASP F 162 16.81 -19.74 -48.28
CA ASP F 162 15.84 -20.26 -49.27
C ASP F 162 14.34 -20.44 -48.90
N GLY F 163 13.77 -19.84 -47.86
CA GLY F 163 12.31 -19.98 -47.66
C GLY F 163 11.63 -18.80 -46.96
N GLY F 164 12.29 -17.64 -47.02
CA GLY F 164 11.94 -16.46 -46.17
C GLY F 164 12.52 -16.55 -44.75
N GLY F 165 13.25 -17.62 -44.40
CA GLY F 165 13.90 -17.67 -43.09
C GLY F 165 15.18 -16.84 -43.04
N HIS F 166 15.68 -16.59 -41.84
CA HIS F 166 16.95 -15.96 -41.69
C HIS F 166 17.81 -16.71 -40.69
N HIS F 167 19.11 -16.54 -40.86
CA HIS F 167 20.10 -17.05 -39.94
C HIS F 167 20.94 -15.88 -39.49
N ARG F 168 20.85 -15.58 -38.20
CA ARG F 168 21.48 -14.42 -37.59
C ARG F 168 22.94 -14.63 -37.28
N CYS F 169 23.70 -13.53 -37.37
CA CYS F 169 25.10 -13.42 -37.01
C CYS F 169 25.35 -12.02 -36.39
N ASP F 170 26.01 -11.98 -35.23
CA ASP F 170 26.36 -10.71 -34.59
C ASP F 170 27.81 -10.33 -34.89
N PHE F 171 28.03 -9.20 -35.56
CA PHE F 171 29.40 -8.67 -35.77
C PHE F 171 29.77 -7.75 -34.61
N LYS F 172 30.99 -7.90 -34.11
CA LYS F 172 31.66 -6.91 -33.22
C LYS F 172 33.03 -6.64 -33.80
N THR F 173 33.28 -5.37 -34.03
CA THR F 173 34.48 -4.98 -34.72
C THR F 173 35.18 -3.82 -33.96
N SER F 174 36.50 -3.94 -33.84
CA SER F 174 37.38 -2.89 -33.31
C SER F 174 38.18 -2.34 -34.47
N TYR F 175 37.97 -1.07 -34.77
CA TYR F 175 38.68 -0.37 -35.82
C TYR F 175 39.78 0.48 -35.10
N LYS F 176 41.04 0.41 -35.57
CA LYS F 176 42.22 1.07 -34.90
C LYS F 176 43.04 1.91 -35.88
N ALA F 177 42.84 3.20 -35.74
CA ALA F 177 43.64 4.20 -36.42
C ALA F 177 45.09 4.06 -35.98
N LYS F 178 46.04 4.31 -36.88
CA LYS F 178 47.45 4.39 -36.50
C LYS F 178 47.86 5.83 -36.13
N LYS F 179 46.88 6.73 -36.04
CA LYS F 179 47.08 8.16 -35.90
C LYS F 179 46.21 8.69 -34.75
N VAL F 180 46.54 9.83 -34.14
CA VAL F 180 45.55 10.58 -33.34
C VAL F 180 44.67 11.35 -34.33
N VAL F 181 43.37 11.16 -34.16
CA VAL F 181 42.35 11.53 -35.11
C VAL F 181 41.18 12.07 -34.27
N GLN F 182 40.40 13.03 -34.79
CA GLN F 182 39.23 13.56 -34.08
C GLN F 182 38.17 12.45 -33.95
N LEU F 183 37.84 12.08 -32.69
CA LEU F 183 36.89 10.98 -32.45
C LEU F 183 35.46 11.47 -32.60
N PRO F 184 34.56 10.62 -33.16
CA PRO F 184 33.12 10.94 -33.29
C PRO F 184 32.25 10.59 -32.08
N ASP F 185 31.06 11.17 -32.06
CA ASP F 185 30.03 10.78 -31.13
C ASP F 185 29.36 9.48 -31.65
N TYR F 186 28.57 8.87 -30.77
CA TYR F 186 27.80 7.68 -31.11
C TYR F 186 27.06 7.94 -32.39
N HIS F 187 27.22 7.07 -33.38
CA HIS F 187 26.46 7.23 -34.60
C HIS F 187 26.18 5.88 -35.25
N PHE F 188 25.68 5.91 -36.49
CA PHE F 188 25.17 4.71 -37.18
C PHE F 188 25.78 4.63 -38.57
N VAL F 189 26.12 3.44 -39.02
CA VAL F 189 26.40 3.24 -40.44
C VAL F 189 25.41 2.22 -41.04
N ASP F 190 24.58 2.69 -41.96
CA ASP F 190 23.70 1.84 -42.78
C ASP F 190 24.50 1.19 -43.89
N HIS F 191 24.33 -0.12 -44.03
CA HIS F 191 24.98 -0.88 -45.09
C HIS F 191 23.95 -1.57 -45.94
N ARG F 192 24.32 -1.82 -47.19
CA ARG F 192 23.72 -2.85 -47.99
C ARG F 192 24.81 -3.46 -48.86
N ASN F 193 25.15 -4.71 -48.56
CA ASN F 193 26.15 -5.47 -49.26
C ASN F 193 25.48 -6.47 -50.23
N GLU F 194 25.95 -6.53 -51.47
CA GLU F 194 25.34 -7.38 -52.49
C GLU F 194 26.36 -8.00 -53.49
N ILE F 195 26.20 -9.29 -53.76
CA ILE F 195 26.94 -9.97 -54.80
C ILE F 195 26.23 -9.64 -56.09
N LEU F 196 26.81 -8.76 -56.90
CA LEU F 196 26.25 -8.46 -58.20
C LEU F 196 26.30 -9.63 -59.19
N SER F 197 27.36 -10.42 -59.13
CA SER F 197 27.53 -11.53 -60.04
C SER F 197 28.56 -12.52 -59.54
N HIS F 198 28.48 -13.72 -60.10
CA HIS F 198 29.36 -14.81 -59.72
C HIS F 198 29.27 -15.90 -60.78
N ASP F 199 30.31 -16.71 -60.87
CA ASP F 199 30.17 -17.93 -61.66
C ASP F 199 29.67 -19.02 -60.72
N ARG F 200 29.44 -20.21 -61.26
CA ARG F 200 28.69 -21.26 -60.56
C ARG F 200 29.27 -21.64 -59.20
N ASP F 201 30.60 -21.55 -59.09
CA ASP F 201 31.34 -22.00 -57.91
C ASP F 201 31.77 -20.83 -57.03
N TYR F 202 31.39 -19.62 -57.40
CA TYR F 202 31.90 -18.43 -56.68
C TYR F 202 33.44 -18.32 -56.71
N SER F 203 34.05 -18.95 -57.71
CA SER F 203 35.48 -18.74 -57.99
C SER F 203 35.71 -17.34 -58.50
N LYS F 204 34.71 -16.76 -59.14
CA LYS F 204 34.80 -15.38 -59.61
C LYS F 204 33.56 -14.68 -59.13
N VAL F 205 33.75 -13.54 -58.47
CA VAL F 205 32.64 -12.83 -57.82
C VAL F 205 32.82 -11.32 -57.94
N LYS F 206 31.73 -10.66 -58.30
CA LYS F 206 31.65 -9.22 -58.32
C LYS F 206 30.71 -8.78 -57.20
N LEU F 207 31.27 -7.98 -56.29
CA LEU F 207 30.72 -7.69 -54.96
C LEU F 207 30.56 -6.17 -54.77
N TYR F 208 29.37 -5.72 -54.37
CA TYR F 208 29.10 -4.29 -54.22
C TYR F 208 28.65 -3.92 -52.80
N GLU F 209 29.23 -2.86 -52.24
CA GLU F 209 28.71 -2.28 -51.03
C GLU F 209 28.33 -0.82 -51.18
N ASN F 210 27.24 -0.47 -50.50
CA ASN F 210 26.78 0.88 -50.22
C ASN F 210 26.75 1.06 -48.71
N ALA F 211 27.33 2.13 -48.20
CA ALA F 211 27.38 2.38 -46.78
C ALA F 211 27.34 3.90 -46.49
N VAL F 212 26.46 4.31 -45.61
CA VAL F 212 26.20 5.73 -45.32
C VAL F 212 26.10 5.90 -43.82
N ALA F 213 26.90 6.82 -43.29
CA ALA F 213 26.80 7.23 -41.87
C ALA F 213 25.72 8.29 -41.63
N ARG F 214 25.12 8.20 -40.44
CA ARG F 214 24.06 9.12 -40.06
C ARG F 214 23.95 9.13 -38.55
N TYR F 215 23.37 10.19 -38.00
CA TYR F 215 22.78 10.07 -36.66
C TYR F 215 21.40 9.41 -36.81
N SER F 216 20.65 9.32 -35.73
CA SER F 216 19.30 8.82 -35.77
C SER F 216 18.45 9.61 -36.73
N LEU F 217 17.51 8.94 -37.39
CA LEU F 217 16.50 9.64 -38.20
C LEU F 217 15.52 10.34 -37.31
N LEU F 218 15.44 9.91 -36.06
CA LEU F 218 14.47 10.43 -35.13
C LEU F 218 15.13 11.54 -34.29
N PRO F 219 14.61 12.77 -34.40
CA PRO F 219 15.25 13.97 -33.90
C PRO F 219 15.33 14.18 -32.39
N SER F 220 14.41 13.69 -31.59
CA SER F 220 14.37 14.15 -30.18
C SER F 220 13.08 14.85 -30.03
N GLN F 221 12.39 14.50 -28.95
CA GLN F 221 11.00 14.83 -28.81
C GLN F 221 10.69 16.30 -29.16
N ALA F 222 9.70 16.52 -30.03
CA ALA F 222 9.34 17.88 -30.46
C ALA F 222 8.01 17.97 -31.24
#